data_2C4V
# 
_entry.id   2C4V 
# 
_audit_conform.dict_name       mmcif_pdbx.dic 
_audit_conform.dict_version    5.391 
_audit_conform.dict_location   http://mmcif.pdb.org/dictionaries/ascii/mmcif_pdbx.dic 
# 
loop_
_database_2.database_id 
_database_2.database_code 
_database_2.pdbx_database_accession 
_database_2.pdbx_DOI 
PDB   2C4V         pdb_00002c4v 10.2210/pdb2c4v/pdb 
PDBE  EBI-26146    ?            ?                   
WWPDB D_1290026146 ?            ?                   
# 
loop_
_pdbx_audit_revision_history.ordinal 
_pdbx_audit_revision_history.data_content_type 
_pdbx_audit_revision_history.major_revision 
_pdbx_audit_revision_history.minor_revision 
_pdbx_audit_revision_history.revision_date 
1 'Structure model' 1 0 2006-02-22 
2 'Structure model' 1 1 2011-05-08 
3 'Structure model' 1 2 2011-07-13 
4 'Structure model' 1 3 2019-01-30 
5 'Structure model' 1 4 2019-02-06 
6 'Structure model' 1 5 2024-05-08 
# 
_pdbx_audit_revision_details.ordinal             1 
_pdbx_audit_revision_details.revision_ordinal    1 
_pdbx_audit_revision_details.data_content_type   'Structure model' 
_pdbx_audit_revision_details.provider            repository 
_pdbx_audit_revision_details.type                'Initial release' 
_pdbx_audit_revision_details.description         ? 
_pdbx_audit_revision_details.details             ? 
# 
loop_
_pdbx_audit_revision_group.ordinal 
_pdbx_audit_revision_group.revision_ordinal 
_pdbx_audit_revision_group.data_content_type 
_pdbx_audit_revision_group.group 
1 2 'Structure model' 'Version format compliance' 
2 3 'Structure model' 'Version format compliance' 
3 4 'Structure model' 'Data collection'           
4 4 'Structure model' 'Experimental preparation'  
5 4 'Structure model' Other                       
6 5 'Structure model' 'Data collection'           
7 5 'Structure model' 'Experimental preparation'  
8 6 'Structure model' 'Data collection'           
9 6 'Structure model' 'Database references'       
# 
loop_
_pdbx_audit_revision_category.ordinal 
_pdbx_audit_revision_category.revision_ordinal 
_pdbx_audit_revision_category.data_content_type 
_pdbx_audit_revision_category.category 
1 4 'Structure model' exptl_crystal_grow   
2 4 'Structure model' pdbx_database_proc   
3 4 'Structure model' pdbx_database_status 
4 5 'Structure model' exptl_crystal_grow   
5 6 'Structure model' chem_comp_atom       
6 6 'Structure model' chem_comp_bond       
7 6 'Structure model' database_2           
# 
loop_
_pdbx_audit_revision_item.ordinal 
_pdbx_audit_revision_item.revision_ordinal 
_pdbx_audit_revision_item.data_content_type 
_pdbx_audit_revision_item.item 
1 4 'Structure model' '_exptl_crystal_grow.method'                  
2 4 'Structure model' '_pdbx_database_status.recvd_author_approval' 
3 5 'Structure model' '_exptl_crystal_grow.temp'                    
4 6 'Structure model' '_database_2.pdbx_DOI'                        
5 6 'Structure model' '_database_2.pdbx_database_accession'         
# 
_pdbx_database_status.status_code                     REL 
_pdbx_database_status.entry_id                        2C4V 
_pdbx_database_status.deposit_site                    PDBE 
_pdbx_database_status.process_site                    PDBE 
_pdbx_database_status.SG_entry                        . 
_pdbx_database_status.recvd_initial_deposition_date   2005-10-24 
_pdbx_database_status.pdb_format_compatible           Y 
_pdbx_database_status.status_code_sf                  ? 
_pdbx_database_status.status_code_mr                  ? 
_pdbx_database_status.status_code_cs                  ? 
_pdbx_database_status.methods_development_category    ? 
_pdbx_database_status.status_code_nmr_data            ? 
# 
loop_
_pdbx_database_related.db_name 
_pdbx_database_related.db_id 
_pdbx_database_related.content_type 
_pdbx_database_related.details 
PDB 1J2Y unspecified 'CRYSTAL STRUCTURE OF THE TYPE II 3- DEHYDROQUINASE'           
PDB 2C4W unspecified 'TYPE II DEHYDROQUINASE FROM H. PYLORI IN COMPLEX WITH AH9095' 
PDB 2C57 unspecified 'H.PYLORI TYPE II DEHYDROQUINASE IN COMPLEX WITH FA1'          
# 
loop_
_audit_author.name 
_audit_author.pdbx_ordinal 
'Robinson, D.A.' 1 
'Lapthorn, A.J.' 2 
# 
loop_
_citation.id 
_citation.title 
_citation.journal_abbrev 
_citation.journal_volume 
_citation.page_first 
_citation.page_last 
_citation.year 
_citation.journal_id_ASTM 
_citation.country 
_citation.journal_id_ISSN 
_citation.journal_id_CSD 
_citation.book_publisher 
_citation.pdbx_database_id_PubMed 
_citation.pdbx_database_id_DOI 
primary 
'Crystal Structures of Helicobacter Pylori Type II Dehydroquinase Inhibitor Complexes: New Directions for Inhibitor Design.' 
J.Med.Chem.                        49 1282 ? 2006 JMCMAR US 0022-2623 0151 ? 16480265 10.1021/JM0505361  
1       'Crystal Structure of the Type II 3-Dehydroquinase from Helicobacter Pylori' 'Proteins: Struct.,Funct., Genet.' 51 616  ? 
2003 PSFGEY US 0887-3585 0867 ? 12784220 10.1002/PROT.10415 
# 
loop_
_citation_author.citation_id 
_citation_author.name 
_citation_author.ordinal 
_citation_author.identifier_ORCID 
primary 'Robinson, D.A.' 1 ? 
primary 'Stewart, K.A.'  2 ? 
primary 'Price, N.C.'    3 ? 
primary 'Chalk, P.A.'    4 ? 
primary 'Coggins, J.R.'  5 ? 
primary 'Lapthorn, A.J.' 6 ? 
1       'Lee, B.I.'      7 ? 
1       'Kwak, J.E.'     8 ? 
1       'Suh, S.W.'      9 ? 
# 
loop_
_entity.id 
_entity.type 
_entity.src_method 
_entity.pdbx_description 
_entity.formula_weight 
_entity.pdbx_number_of_molecules 
_entity.pdbx_ec 
_entity.pdbx_mutation 
_entity.pdbx_fragment 
_entity.details 
1 polymer     man '3-DEHYDROQUINATE DEHYDRATASE' 18499.246 1  4.2.1.10 ? ? ? 
2 non-polymer syn 'CITRIC ACID'                  192.124   1  ?        ? ? ? 
3 water       nat water                          18.015    40 ?        ? ? ? 
# 
_entity_name_com.entity_id   1 
_entity_name_com.name        '3-DEHYDROQUINASE, DHQASE, TYPE II DEHYDROQUINASE' 
# 
_entity_poly.entity_id                      1 
_entity_poly.type                           'polypeptide(L)' 
_entity_poly.nstd_linkage                   no 
_entity_poly.nstd_monomer                   no 
_entity_poly.pdbx_seq_one_letter_code       
;MKILVIQGPNLNMLGHRDPRLYGMVTLDQIHEIMQTFVKQGNLDVELEFFQTNFEGEIIDKIQESVGSDYEGIIINPGAF
SHTSIAIADAIMLAGKPVIEVHLTNIQAREEFRKNSYTGAACGGVIMGFGPLGYNMALMAMVNILAEMKAFQEAQKNNPN
NPINNQK
;
_entity_poly.pdbx_seq_one_letter_code_can   
;MKILVIQGPNLNMLGHRDPRLYGMVTLDQIHEIMQTFVKQGNLDVELEFFQTNFEGEIIDKIQESVGSDYEGIIINPGAF
SHTSIAIADAIMLAGKPVIEVHLTNIQAREEFRKNSYTGAACGGVIMGFGPLGYNMALMAMVNILAEMKAFQEAQKNNPN
NPINNQK
;
_entity_poly.pdbx_strand_id                 A 
_entity_poly.pdbx_target_identifier         ? 
# 
loop_
_pdbx_entity_nonpoly.entity_id 
_pdbx_entity_nonpoly.name 
_pdbx_entity_nonpoly.comp_id 
2 'CITRIC ACID' CIT 
3 water         HOH 
# 
loop_
_entity_poly_seq.entity_id 
_entity_poly_seq.num 
_entity_poly_seq.mon_id 
_entity_poly_seq.hetero 
1 1   MET n 
1 2   LYS n 
1 3   ILE n 
1 4   LEU n 
1 5   VAL n 
1 6   ILE n 
1 7   GLN n 
1 8   GLY n 
1 9   PRO n 
1 10  ASN n 
1 11  LEU n 
1 12  ASN n 
1 13  MET n 
1 14  LEU n 
1 15  GLY n 
1 16  HIS n 
1 17  ARG n 
1 18  ASP n 
1 19  PRO n 
1 20  ARG n 
1 21  LEU n 
1 22  TYR n 
1 23  GLY n 
1 24  MET n 
1 25  VAL n 
1 26  THR n 
1 27  LEU n 
1 28  ASP n 
1 29  GLN n 
1 30  ILE n 
1 31  HIS n 
1 32  GLU n 
1 33  ILE n 
1 34  MET n 
1 35  GLN n 
1 36  THR n 
1 37  PHE n 
1 38  VAL n 
1 39  LYS n 
1 40  GLN n 
1 41  GLY n 
1 42  ASN n 
1 43  LEU n 
1 44  ASP n 
1 45  VAL n 
1 46  GLU n 
1 47  LEU n 
1 48  GLU n 
1 49  PHE n 
1 50  PHE n 
1 51  GLN n 
1 52  THR n 
1 53  ASN n 
1 54  PHE n 
1 55  GLU n 
1 56  GLY n 
1 57  GLU n 
1 58  ILE n 
1 59  ILE n 
1 60  ASP n 
1 61  LYS n 
1 62  ILE n 
1 63  GLN n 
1 64  GLU n 
1 65  SER n 
1 66  VAL n 
1 67  GLY n 
1 68  SER n 
1 69  ASP n 
1 70  TYR n 
1 71  GLU n 
1 72  GLY n 
1 73  ILE n 
1 74  ILE n 
1 75  ILE n 
1 76  ASN n 
1 77  PRO n 
1 78  GLY n 
1 79  ALA n 
1 80  PHE n 
1 81  SER n 
1 82  HIS n 
1 83  THR n 
1 84  SER n 
1 85  ILE n 
1 86  ALA n 
1 87  ILE n 
1 88  ALA n 
1 89  ASP n 
1 90  ALA n 
1 91  ILE n 
1 92  MET n 
1 93  LEU n 
1 94  ALA n 
1 95  GLY n 
1 96  LYS n 
1 97  PRO n 
1 98  VAL n 
1 99  ILE n 
1 100 GLU n 
1 101 VAL n 
1 102 HIS n 
1 103 LEU n 
1 104 THR n 
1 105 ASN n 
1 106 ILE n 
1 107 GLN n 
1 108 ALA n 
1 109 ARG n 
1 110 GLU n 
1 111 GLU n 
1 112 PHE n 
1 113 ARG n 
1 114 LYS n 
1 115 ASN n 
1 116 SER n 
1 117 TYR n 
1 118 THR n 
1 119 GLY n 
1 120 ALA n 
1 121 ALA n 
1 122 CYS n 
1 123 GLY n 
1 124 GLY n 
1 125 VAL n 
1 126 ILE n 
1 127 MET n 
1 128 GLY n 
1 129 PHE n 
1 130 GLY n 
1 131 PRO n 
1 132 LEU n 
1 133 GLY n 
1 134 TYR n 
1 135 ASN n 
1 136 MET n 
1 137 ALA n 
1 138 LEU n 
1 139 MET n 
1 140 ALA n 
1 141 MET n 
1 142 VAL n 
1 143 ASN n 
1 144 ILE n 
1 145 LEU n 
1 146 ALA n 
1 147 GLU n 
1 148 MET n 
1 149 LYS n 
1 150 ALA n 
1 151 PHE n 
1 152 GLN n 
1 153 GLU n 
1 154 ALA n 
1 155 GLN n 
1 156 LYS n 
1 157 ASN n 
1 158 ASN n 
1 159 PRO n 
1 160 ASN n 
1 161 ASN n 
1 162 PRO n 
1 163 ILE n 
1 164 ASN n 
1 165 ASN n 
1 166 GLN n 
1 167 LYS n 
# 
_entity_src_gen.entity_id                          1 
_entity_src_gen.pdbx_src_id                        1 
_entity_src_gen.pdbx_alt_source_flag               sample 
_entity_src_gen.pdbx_seq_type                      ? 
_entity_src_gen.pdbx_beg_seq_num                   ? 
_entity_src_gen.pdbx_end_seq_num                   ? 
_entity_src_gen.gene_src_common_name               ? 
_entity_src_gen.gene_src_genus                     ? 
_entity_src_gen.pdbx_gene_src_gene                 ? 
_entity_src_gen.gene_src_species                   ? 
_entity_src_gen.gene_src_strain                    ? 
_entity_src_gen.gene_src_tissue                    ? 
_entity_src_gen.gene_src_tissue_fraction           ? 
_entity_src_gen.gene_src_details                   ? 
_entity_src_gen.pdbx_gene_src_fragment             ? 
_entity_src_gen.pdbx_gene_src_scientific_name      'HELICOBACTER PYLORI' 
_entity_src_gen.pdbx_gene_src_ncbi_taxonomy_id     210 
_entity_src_gen.pdbx_gene_src_variant              ? 
_entity_src_gen.pdbx_gene_src_cell_line            ? 
_entity_src_gen.pdbx_gene_src_atcc                 ? 
_entity_src_gen.pdbx_gene_src_organ                ? 
_entity_src_gen.pdbx_gene_src_organelle            ? 
_entity_src_gen.pdbx_gene_src_cell                 ? 
_entity_src_gen.pdbx_gene_src_cellular_location    ? 
_entity_src_gen.host_org_common_name               ? 
_entity_src_gen.pdbx_host_org_scientific_name      'ESCHERICHIA COLI' 
_entity_src_gen.pdbx_host_org_ncbi_taxonomy_id     562 
_entity_src_gen.host_org_genus                     ? 
_entity_src_gen.pdbx_host_org_gene                 ? 
_entity_src_gen.pdbx_host_org_organ                ? 
_entity_src_gen.host_org_species                   ? 
_entity_src_gen.pdbx_host_org_tissue               ? 
_entity_src_gen.pdbx_host_org_tissue_fraction      ? 
_entity_src_gen.pdbx_host_org_strain               'B834(DE3)' 
_entity_src_gen.pdbx_host_org_variant              ? 
_entity_src_gen.pdbx_host_org_cell_line            ? 
_entity_src_gen.pdbx_host_org_atcc                 ? 
_entity_src_gen.pdbx_host_org_culture_collection   ? 
_entity_src_gen.pdbx_host_org_cell                 ? 
_entity_src_gen.pdbx_host_org_organelle            ? 
_entity_src_gen.pdbx_host_org_cellular_location    ? 
_entity_src_gen.pdbx_host_org_vector_type          PLASMID 
_entity_src_gen.pdbx_host_org_vector               ? 
_entity_src_gen.host_org_details                   ? 
_entity_src_gen.expression_system_id               ? 
_entity_src_gen.plasmid_name                       PET21A 
_entity_src_gen.plasmid_details                    ? 
_entity_src_gen.pdbx_description                   ? 
# 
loop_
_chem_comp.id 
_chem_comp.type 
_chem_comp.mon_nstd_flag 
_chem_comp.name 
_chem_comp.pdbx_synonyms 
_chem_comp.formula 
_chem_comp.formula_weight 
ALA 'L-peptide linking' y ALANINE         ? 'C3 H7 N O2'     89.093  
ARG 'L-peptide linking' y ARGININE        ? 'C6 H15 N4 O2 1' 175.209 
ASN 'L-peptide linking' y ASPARAGINE      ? 'C4 H8 N2 O3'    132.118 
ASP 'L-peptide linking' y 'ASPARTIC ACID' ? 'C4 H7 N O4'     133.103 
CIT non-polymer         . 'CITRIC ACID'   ? 'C6 H8 O7'       192.124 
CYS 'L-peptide linking' y CYSTEINE        ? 'C3 H7 N O2 S'   121.158 
GLN 'L-peptide linking' y GLUTAMINE       ? 'C5 H10 N2 O3'   146.144 
GLU 'L-peptide linking' y 'GLUTAMIC ACID' ? 'C5 H9 N O4'     147.129 
GLY 'peptide linking'   y GLYCINE         ? 'C2 H5 N O2'     75.067  
HIS 'L-peptide linking' y HISTIDINE       ? 'C6 H10 N3 O2 1' 156.162 
HOH non-polymer         . WATER           ? 'H2 O'           18.015  
ILE 'L-peptide linking' y ISOLEUCINE      ? 'C6 H13 N O2'    131.173 
LEU 'L-peptide linking' y LEUCINE         ? 'C6 H13 N O2'    131.173 
LYS 'L-peptide linking' y LYSINE          ? 'C6 H15 N2 O2 1' 147.195 
MET 'L-peptide linking' y METHIONINE      ? 'C5 H11 N O2 S'  149.211 
PHE 'L-peptide linking' y PHENYLALANINE   ? 'C9 H11 N O2'    165.189 
PRO 'L-peptide linking' y PROLINE         ? 'C5 H9 N O2'     115.130 
SER 'L-peptide linking' y SERINE          ? 'C3 H7 N O3'     105.093 
THR 'L-peptide linking' y THREONINE       ? 'C4 H9 N O3'     119.119 
TYR 'L-peptide linking' y TYROSINE        ? 'C9 H11 N O3'    181.189 
VAL 'L-peptide linking' y VALINE          ? 'C5 H11 N O2'    117.146 
# 
loop_
_pdbx_poly_seq_scheme.asym_id 
_pdbx_poly_seq_scheme.entity_id 
_pdbx_poly_seq_scheme.seq_id 
_pdbx_poly_seq_scheme.mon_id 
_pdbx_poly_seq_scheme.ndb_seq_num 
_pdbx_poly_seq_scheme.pdb_seq_num 
_pdbx_poly_seq_scheme.auth_seq_num 
_pdbx_poly_seq_scheme.pdb_mon_id 
_pdbx_poly_seq_scheme.auth_mon_id 
_pdbx_poly_seq_scheme.pdb_strand_id 
_pdbx_poly_seq_scheme.pdb_ins_code 
_pdbx_poly_seq_scheme.hetero 
A 1 1   MET 1   1   1   MET MET A . n 
A 1 2   LYS 2   2   2   LYS LYS A . n 
A 1 3   ILE 3   3   3   ILE ILE A . n 
A 1 4   LEU 4   4   4   LEU LEU A . n 
A 1 5   VAL 5   5   5   VAL VAL A . n 
A 1 6   ILE 6   6   6   ILE ILE A . n 
A 1 7   GLN 7   7   7   GLN GLN A . n 
A 1 8   GLY 8   8   8   GLY GLY A . n 
A 1 9   PRO 9   9   9   PRO PRO A . n 
A 1 10  ASN 10  10  10  ASN ASN A . n 
A 1 11  LEU 11  11  11  LEU LEU A . n 
A 1 12  ASN 12  12  12  ASN ASN A . n 
A 1 13  MET 13  13  13  MET MET A . n 
A 1 14  LEU 14  14  14  LEU LEU A . n 
A 1 15  GLY 15  15  15  GLY GLY A . n 
A 1 16  HIS 16  16  16  HIS HIS A . n 
A 1 17  ARG 17  17  17  ARG ARG A . n 
A 1 18  ASP 18  18  18  ASP ASP A . n 
A 1 19  PRO 19  19  19  PRO PRO A . n 
A 1 20  ARG 20  20  20  ARG ARG A . n 
A 1 21  LEU 21  21  21  LEU LEU A . n 
A 1 22  TYR 22  22  22  TYR TYR A . n 
A 1 23  GLY 23  23  23  GLY GLY A . n 
A 1 24  MET 24  24  24  MET MET A . n 
A 1 25  VAL 25  25  25  VAL VAL A . n 
A 1 26  THR 26  26  26  THR THR A . n 
A 1 27  LEU 27  27  27  LEU LEU A . n 
A 1 28  ASP 28  28  28  ASP ASP A . n 
A 1 29  GLN 29  29  29  GLN GLN A . n 
A 1 30  ILE 30  30  30  ILE ILE A . n 
A 1 31  HIS 31  31  31  HIS HIS A . n 
A 1 32  GLU 32  32  32  GLU GLU A . n 
A 1 33  ILE 33  33  33  ILE ILE A . n 
A 1 34  MET 34  34  34  MET MET A . n 
A 1 35  GLN 35  35  35  GLN GLN A . n 
A 1 36  THR 36  36  36  THR THR A . n 
A 1 37  PHE 37  37  37  PHE PHE A . n 
A 1 38  VAL 38  38  38  VAL VAL A . n 
A 1 39  LYS 39  39  39  LYS LYS A . n 
A 1 40  GLN 40  40  40  GLN GLN A . n 
A 1 41  GLY 41  41  41  GLY GLY A . n 
A 1 42  ASN 42  42  42  ASN ASN A . n 
A 1 43  LEU 43  43  43  LEU LEU A . n 
A 1 44  ASP 44  44  44  ASP ASP A . n 
A 1 45  VAL 45  45  45  VAL VAL A . n 
A 1 46  GLU 46  46  46  GLU GLU A . n 
A 1 47  LEU 47  47  47  LEU LEU A . n 
A 1 48  GLU 48  48  48  GLU GLU A . n 
A 1 49  PHE 49  49  49  PHE PHE A . n 
A 1 50  PHE 50  50  50  PHE PHE A . n 
A 1 51  GLN 51  51  51  GLN GLN A . n 
A 1 52  THR 52  52  52  THR THR A . n 
A 1 53  ASN 53  53  53  ASN ASN A . n 
A 1 54  PHE 54  54  54  PHE PHE A . n 
A 1 55  GLU 55  55  55  GLU GLU A . n 
A 1 56  GLY 56  56  56  GLY GLY A . n 
A 1 57  GLU 57  57  57  GLU GLU A . n 
A 1 58  ILE 58  58  58  ILE ILE A . n 
A 1 59  ILE 59  59  59  ILE ILE A . n 
A 1 60  ASP 60  60  60  ASP ASP A . n 
A 1 61  LYS 61  61  61  LYS LYS A . n 
A 1 62  ILE 62  62  62  ILE ILE A . n 
A 1 63  GLN 63  63  63  GLN GLN A . n 
A 1 64  GLU 64  64  64  GLU GLU A . n 
A 1 65  SER 65  65  65  SER SER A . n 
A 1 66  VAL 66  66  66  VAL VAL A . n 
A 1 67  GLY 67  67  67  GLY GLY A . n 
A 1 68  SER 68  68  68  SER SER A . n 
A 1 69  ASP 69  69  69  ASP ASP A . n 
A 1 70  TYR 70  70  70  TYR TYR A . n 
A 1 71  GLU 71  71  71  GLU GLU A . n 
A 1 72  GLY 72  72  72  GLY GLY A . n 
A 1 73  ILE 73  73  73  ILE ILE A . n 
A 1 74  ILE 74  74  74  ILE ILE A . n 
A 1 75  ILE 75  75  75  ILE ILE A . n 
A 1 76  ASN 76  76  76  ASN ASN A . n 
A 1 77  PRO 77  77  77  PRO PRO A . n 
A 1 78  GLY 78  78  78  GLY GLY A . n 
A 1 79  ALA 79  79  79  ALA ALA A . n 
A 1 80  PHE 80  80  80  PHE PHE A . n 
A 1 81  SER 81  81  81  SER SER A . n 
A 1 82  HIS 82  82  82  HIS HIS A . n 
A 1 83  THR 83  83  83  THR THR A . n 
A 1 84  SER 84  84  84  SER SER A . n 
A 1 85  ILE 85  85  85  ILE ILE A . n 
A 1 86  ALA 86  86  86  ALA ALA A . n 
A 1 87  ILE 87  87  87  ILE ILE A . n 
A 1 88  ALA 88  88  88  ALA ALA A . n 
A 1 89  ASP 89  89  89  ASP ASP A . n 
A 1 90  ALA 90  90  90  ALA ALA A . n 
A 1 91  ILE 91  91  91  ILE ILE A . n 
A 1 92  MET 92  92  92  MET MET A . n 
A 1 93  LEU 93  93  93  LEU LEU A . n 
A 1 94  ALA 94  94  94  ALA ALA A . n 
A 1 95  GLY 95  95  95  GLY GLY A . n 
A 1 96  LYS 96  96  96  LYS LYS A . n 
A 1 97  PRO 97  97  97  PRO PRO A . n 
A 1 98  VAL 98  98  98  VAL VAL A . n 
A 1 99  ILE 99  99  99  ILE ILE A . n 
A 1 100 GLU 100 100 100 GLU GLU A . n 
A 1 101 VAL 101 101 101 VAL VAL A . n 
A 1 102 HIS 102 102 102 HIS HIS A . n 
A 1 103 LEU 103 103 103 LEU LEU A . n 
A 1 104 THR 104 104 104 THR THR A . n 
A 1 105 ASN 105 105 105 ASN ASN A . n 
A 1 106 ILE 106 106 106 ILE ILE A . n 
A 1 107 GLN 107 107 107 GLN GLN A . n 
A 1 108 ALA 108 108 108 ALA ALA A . n 
A 1 109 ARG 109 109 109 ARG ARG A . n 
A 1 110 GLU 110 110 110 GLU GLU A . n 
A 1 111 GLU 111 111 111 GLU GLU A . n 
A 1 112 PHE 112 112 112 PHE PHE A . n 
A 1 113 ARG 113 113 113 ARG ARG A . n 
A 1 114 LYS 114 114 114 LYS LYS A . n 
A 1 115 ASN 115 115 115 ASN ASN A . n 
A 1 116 SER 116 116 116 SER SER A . n 
A 1 117 TYR 117 117 117 TYR TYR A . n 
A 1 118 THR 118 118 118 THR THR A . n 
A 1 119 GLY 119 119 119 GLY GLY A . n 
A 1 120 ALA 120 120 120 ALA ALA A . n 
A 1 121 ALA 121 121 121 ALA ALA A . n 
A 1 122 CYS 122 122 122 CYS CYS A . n 
A 1 123 GLY 123 123 123 GLY GLY A . n 
A 1 124 GLY 124 124 124 GLY GLY A . n 
A 1 125 VAL 125 125 125 VAL VAL A . n 
A 1 126 ILE 126 126 126 ILE ILE A . n 
A 1 127 MET 127 127 127 MET MET A . n 
A 1 128 GLY 128 128 128 GLY GLY A . n 
A 1 129 PHE 129 129 129 PHE PHE A . n 
A 1 130 GLY 130 130 130 GLY GLY A . n 
A 1 131 PRO 131 131 131 PRO PRO A . n 
A 1 132 LEU 132 132 132 LEU LEU A . n 
A 1 133 GLY 133 133 133 GLY GLY A . n 
A 1 134 TYR 134 134 134 TYR TYR A . n 
A 1 135 ASN 135 135 135 ASN ASN A . n 
A 1 136 MET 136 136 136 MET MET A . n 
A 1 137 ALA 137 137 137 ALA ALA A . n 
A 1 138 LEU 138 138 138 LEU LEU A . n 
A 1 139 MET 139 139 139 MET MET A . n 
A 1 140 ALA 140 140 140 ALA ALA A . n 
A 1 141 MET 141 141 141 MET MET A . n 
A 1 142 VAL 142 142 142 VAL VAL A . n 
A 1 143 ASN 143 143 143 ASN ASN A . n 
A 1 144 ILE 144 144 144 ILE ILE A . n 
A 1 145 LEU 145 145 145 LEU LEU A . n 
A 1 146 ALA 146 146 146 ALA ALA A . n 
A 1 147 GLU 147 147 147 GLU GLU A . n 
A 1 148 MET 148 148 148 MET MET A . n 
A 1 149 LYS 149 149 149 LYS LYS A . n 
A 1 150 ALA 150 150 150 ALA ALA A . n 
A 1 151 PHE 151 151 151 PHE PHE A . n 
A 1 152 GLN 152 152 152 GLN GLN A . n 
A 1 153 GLU 153 153 153 GLU GLU A . n 
A 1 154 ALA 154 154 154 ALA ALA A . n 
A 1 155 GLN 155 155 155 GLN GLN A . n 
A 1 156 LYS 156 156 156 LYS LYS A . n 
A 1 157 ASN 157 157 157 ASN ASN A . n 
A 1 158 ASN 158 158 158 ASN ASN A . n 
A 1 159 PRO 159 159 ?   ?   ?   A . n 
A 1 160 ASN 160 160 ?   ?   ?   A . n 
A 1 161 ASN 161 161 ?   ?   ?   A . n 
A 1 162 PRO 162 162 ?   ?   ?   A . n 
A 1 163 ILE 163 163 ?   ?   ?   A . n 
A 1 164 ASN 164 164 ?   ?   ?   A . n 
A 1 165 ASN 165 165 ?   ?   ?   A . n 
A 1 166 GLN 166 166 ?   ?   ?   A . n 
A 1 167 LYS 167 167 ?   ?   ?   A . n 
# 
loop_
_pdbx_nonpoly_scheme.asym_id 
_pdbx_nonpoly_scheme.entity_id 
_pdbx_nonpoly_scheme.mon_id 
_pdbx_nonpoly_scheme.ndb_seq_num 
_pdbx_nonpoly_scheme.pdb_seq_num 
_pdbx_nonpoly_scheme.auth_seq_num 
_pdbx_nonpoly_scheme.pdb_mon_id 
_pdbx_nonpoly_scheme.auth_mon_id 
_pdbx_nonpoly_scheme.pdb_strand_id 
_pdbx_nonpoly_scheme.pdb_ins_code 
B 2 CIT 1  1159 1159 CIT CIT A . 
C 3 HOH 1  2001 2001 HOH HOH A . 
C 3 HOH 2  2002 2002 HOH HOH A . 
C 3 HOH 3  2003 2003 HOH HOH A . 
C 3 HOH 4  2004 2004 HOH HOH A . 
C 3 HOH 5  2005 2005 HOH HOH A . 
C 3 HOH 6  2006 2006 HOH HOH A . 
C 3 HOH 7  2007 2007 HOH HOH A . 
C 3 HOH 8  2008 2008 HOH HOH A . 
C 3 HOH 9  2009 2009 HOH HOH A . 
C 3 HOH 10 2010 2010 HOH HOH A . 
C 3 HOH 11 2011 2011 HOH HOH A . 
C 3 HOH 12 2012 2012 HOH HOH A . 
C 3 HOH 13 2013 2013 HOH HOH A . 
C 3 HOH 14 2014 2014 HOH HOH A . 
C 3 HOH 15 2015 2015 HOH HOH A . 
C 3 HOH 16 2016 2016 HOH HOH A . 
C 3 HOH 17 2017 2017 HOH HOH A . 
C 3 HOH 18 2018 2018 HOH HOH A . 
C 3 HOH 19 2019 2019 HOH HOH A . 
C 3 HOH 20 2020 2020 HOH HOH A . 
C 3 HOH 21 2021 2021 HOH HOH A . 
C 3 HOH 22 2022 2022 HOH HOH A . 
C 3 HOH 23 2023 2023 HOH HOH A . 
C 3 HOH 24 2024 2024 HOH HOH A . 
C 3 HOH 25 2025 2025 HOH HOH A . 
C 3 HOH 26 2026 2026 HOH HOH A . 
C 3 HOH 27 2027 2027 HOH HOH A . 
C 3 HOH 28 2028 2028 HOH HOH A . 
C 3 HOH 29 2029 2029 HOH HOH A . 
C 3 HOH 30 2030 2030 HOH HOH A . 
C 3 HOH 31 2031 2031 HOH HOH A . 
C 3 HOH 32 2032 2032 HOH HOH A . 
C 3 HOH 33 2033 2033 HOH HOH A . 
C 3 HOH 34 2034 2034 HOH HOH A . 
C 3 HOH 35 2035 2035 HOH HOH A . 
C 3 HOH 36 2036 2036 HOH HOH A . 
C 3 HOH 37 2037 2037 HOH HOH A . 
C 3 HOH 38 2038 2038 HOH HOH A . 
C 3 HOH 39 2039 2039 HOH HOH A . 
C 3 HOH 40 2040 2040 HOH HOH A . 
# 
loop_
_software.name 
_software.classification 
_software.version 
_software.citation_id 
_software.pdbx_ordinal 
_software.date 
_software.type 
_software.location 
_software.language 
REFMAC refinement       5.2.0000 ? 1 ? ? ? ? 
MOSFLM 'data reduction' .        ? 2 ? ? ? ? 
SCALA  'data scaling'   .        ? 3 ? ? ? ? 
# 
_cell.entry_id           2C4V 
_cell.length_a           98.910 
_cell.length_b           98.910 
_cell.length_c           98.910 
_cell.angle_alpha        90.00 
_cell.angle_beta         90.00 
_cell.angle_gamma        90.00 
_cell.Z_PDB              24 
_cell.pdbx_unique_axis   ? 
# 
_symmetry.entry_id                         2C4V 
_symmetry.space_group_name_H-M             'P 42 3 2' 
_symmetry.pdbx_full_space_group_name_H-M   ? 
_symmetry.cell_setting                     ? 
_symmetry.Int_Tables_number                208 
# 
_exptl.entry_id          2C4V 
_exptl.method            'X-RAY DIFFRACTION' 
_exptl.crystals_number   1 
# 
_exptl_crystal.id                    1 
_exptl_crystal.density_meas          ? 
_exptl_crystal.density_Matthews      2.3 
_exptl_crystal.density_percent_sol   46.1 
_exptl_crystal.description           
'DATA USED WAS THAT OF ENTRY 1J2Y NO SIGMA CUTOFF WAS USED AND ALL DATA TO 2.5A RESOLUTION WAS USED' 
_exptl_crystal.preparation           ? 
# 
_exptl_crystal_grow.crystal_id      1 
_exptl_crystal_grow.method          'VAPOR DIFFUSION, HANGING DROP' 
_exptl_crystal_grow.temp            295 
_exptl_crystal_grow.temp_details    ? 
_exptl_crystal_grow.pH              5.80 
_exptl_crystal_grow.pdbx_pH_range   ? 
_exptl_crystal_grow.pdbx_details    
'PEG 4000, SODIUM CHOLRIDE, SODIUM CITRATE, EDTA, 2-MERCAPTOETHANOL, PH 5.8, VAPOR DIFFUSION, HANGING DROP, TEMPERATURE 295K' 
# 
_diffrn.id                               1 
_diffrn.ambient_temp                     100.0 
_diffrn.ambient_temp_details             ? 
_diffrn.crystal_id                       1 
_diffrn.pdbx_serial_crystal_experiment   ? 
# 
_diffrn_detector.diffrn_id              1 
_diffrn_detector.detector               CCD 
_diffrn_detector.type                   'ADSC CCD' 
_diffrn_detector.pdbx_collection_date   ? 
_diffrn_detector.details                ? 
# 
_diffrn_radiation.diffrn_id                        1 
_diffrn_radiation.wavelength_id                    1 
_diffrn_radiation.pdbx_monochromatic_or_laue_m_l   M 
_diffrn_radiation.monochromator                    ? 
_diffrn_radiation.pdbx_diffrn_protocol             'SINGLE WAVELENGTH' 
_diffrn_radiation.pdbx_scattering_type             x-ray 
# 
_diffrn_radiation_wavelength.id           1 
_diffrn_radiation_wavelength.wavelength   1.00 
_diffrn_radiation_wavelength.wt           1.0 
# 
_diffrn_source.diffrn_id                   1 
_diffrn_source.source                      SYNCHROTRON 
_diffrn_source.type                        'PHOTON FACTORY BEAMLINE BL-6A' 
_diffrn_source.pdbx_synchrotron_site       'Photon Factory' 
_diffrn_source.pdbx_synchrotron_beamline   BL-6A 
_diffrn_source.pdbx_wavelength             1.00 
_diffrn_source.pdbx_wavelength_list        ? 
# 
_reflns.pdbx_diffrn_id               1 
_reflns.pdbx_ordinal                 1 
_reflns.entry_id                     2C4V 
_reflns.observed_criterion_sigma_I   0.000 
_reflns.observed_criterion_sigma_F   ? 
_reflns.d_resolution_low             44.000 
_reflns.d_resolution_high            2.500 
_reflns.number_obs                   6146 
_reflns.number_all                   ? 
_reflns.percent_possible_obs         100.0 
_reflns.pdbx_Rmerge_I_obs            0.09000 
_reflns.pdbx_Rsym_value              ? 
_reflns.pdbx_netI_over_sigmaI        ? 
_reflns.B_iso_Wilson_estimate        53.50 
_reflns.pdbx_redundancy              38.000 
# 
_reflns_shell.pdbx_diffrn_id         1 
_reflns_shell.pdbx_ordinal           1 
_reflns_shell.d_res_high             2.50 
_reflns_shell.d_res_low              2.64 
_reflns_shell.percent_possible_all   100.0 
_reflns_shell.Rmerge_I_obs           0.48000 
_reflns_shell.pdbx_Rsym_value        ? 
_reflns_shell.meanI_over_sigI_obs    ? 
_reflns_shell.pdbx_redundancy        ? 
# 
_refine.pdbx_refine_id                           'X-RAY DIFFRACTION' 
_refine.entry_id                                 2C4V 
_refine.pdbx_diffrn_id                           1 
_refine.pdbx_TLS_residual_ADP_flag               ? 
_refine.ls_number_reflns_obs                     5726 
_refine.ls_number_reflns_all                     ? 
_refine.pdbx_ls_sigma_I                          ? 
_refine.pdbx_ls_sigma_F                          ? 
_refine.pdbx_data_cutoff_high_absF               ? 
_refine.pdbx_data_cutoff_low_absF                ? 
_refine.pdbx_data_cutoff_high_rms_absF           ? 
_refine.ls_d_res_low                             30.00 
_refine.ls_d_res_high                            2.50 
_refine.ls_percent_reflns_obs                    98.2 
_refine.ls_R_factor_obs                          0.172 
_refine.ls_R_factor_all                          ? 
_refine.ls_R_factor_R_work                       0.170 
_refine.ls_R_factor_R_free                       0.212 
_refine.ls_R_factor_R_free_error                 ? 
_refine.ls_R_factor_R_free_error_details         ? 
_refine.ls_percent_reflns_R_free                 5.200 
_refine.ls_number_reflns_R_free                  311 
_refine.ls_number_parameters                     ? 
_refine.ls_number_restraints                     ? 
_refine.occupancy_min                            ? 
_refine.occupancy_max                            ? 
_refine.correlation_coeff_Fo_to_Fc               0.961 
_refine.correlation_coeff_Fo_to_Fc_free          0.935 
_refine.B_iso_mean                               38.82 
_refine.aniso_B[1][1]                            ? 
_refine.aniso_B[2][2]                            ? 
_refine.aniso_B[3][3]                            ? 
_refine.aniso_B[1][2]                            ? 
_refine.aniso_B[1][3]                            ? 
_refine.aniso_B[2][3]                            ? 
_refine.solvent_model_details                    'BABINET MODEL WITH MASK' 
_refine.solvent_model_param_ksol                 ? 
_refine.solvent_model_param_bsol                 ? 
_refine.pdbx_solvent_vdw_probe_radii             1.20 
_refine.pdbx_solvent_ion_probe_radii             0.80 
_refine.pdbx_solvent_shrinkage_radii             0.80 
_refine.pdbx_ls_cross_valid_method               THROUGHOUT 
_refine.details                                  
;HYDROGENS HAVE BEEN ADDED IN THE RIDING POSITIONS. THIS ENTRY IS A REINTERPRETATION OF ENTRY 1J2Y USING DEPOSITED STRUCTURE FACTORS.
;
_refine.pdbx_starting_model                      ? 
_refine.pdbx_method_to_determine_struct          OTHER 
_refine.pdbx_isotropic_thermal_model             ? 
_refine.pdbx_stereochemistry_target_values       'MAXIMUM LIKELIHOOD' 
_refine.pdbx_stereochem_target_val_spec_case     ? 
_refine.pdbx_R_Free_selection_details            RANDOM 
_refine.pdbx_overall_ESU_R                       0.633 
_refine.pdbx_overall_ESU_R_Free                  0.256 
_refine.overall_SU_ML                            0.168 
_refine.pdbx_overall_phase_error                 ? 
_refine.overall_SU_B                             15.034 
_refine.overall_SU_R_Cruickshank_DPI             ? 
_refine.pdbx_overall_SU_R_free_Cruickshank_DPI   ? 
_refine.pdbx_overall_SU_R_Blow_DPI               ? 
_refine.pdbx_overall_SU_R_free_Blow_DPI          ? 
# 
_refine_hist.pdbx_refine_id                   'X-RAY DIFFRACTION' 
_refine_hist.cycle_id                         LAST 
_refine_hist.pdbx_number_atoms_protein        1221 
_refine_hist.pdbx_number_atoms_nucleic_acid   0 
_refine_hist.pdbx_number_atoms_ligand         13 
_refine_hist.number_atoms_solvent             40 
_refine_hist.number_atoms_total               1274 
_refine_hist.d_res_high                       2.50 
_refine_hist.d_res_low                        30.00 
# 
loop_
_refine_ls_restr.type 
_refine_ls_restr.dev_ideal 
_refine_ls_restr.dev_ideal_target 
_refine_ls_restr.weight 
_refine_ls_restr.number 
_refine_ls_restr.pdbx_refine_id 
_refine_ls_restr.pdbx_restraint_function 
r_bond_refined_d             0.027  0.022  ? 1259 'X-RAY DIFFRACTION' ? 
r_bond_other_d               0.002  0.020  ? 1150 'X-RAY DIFFRACTION' ? 
r_angle_refined_deg          2.240  1.956  ? 1696 'X-RAY DIFFRACTION' ? 
r_angle_other_deg            1.933  3.000  ? 2686 'X-RAY DIFFRACTION' ? 
r_dihedral_angle_1_deg       8.049  5.000  ? 157  'X-RAY DIFFRACTION' ? 
r_dihedral_angle_2_deg       40.942 25.932 ? 59   'X-RAY DIFFRACTION' ? 
r_dihedral_angle_3_deg       20.176 15.000 ? 228  'X-RAY DIFFRACTION' ? 
r_dihedral_angle_4_deg       18.708 15.000 ? 4    'X-RAY DIFFRACTION' ? 
r_chiral_restr               0.129  0.200  ? 187  'X-RAY DIFFRACTION' ? 
r_gen_planes_refined         0.009  0.020  ? 1404 'X-RAY DIFFRACTION' ? 
r_gen_planes_other           0.001  0.020  ? 232  'X-RAY DIFFRACTION' ? 
r_nbd_refined                0.228  0.200  ? 299  'X-RAY DIFFRACTION' ? 
r_nbd_other                  0.208  0.200  ? 1158 'X-RAY DIFFRACTION' ? 
r_nbtor_refined              0.192  0.200  ? 614  'X-RAY DIFFRACTION' ? 
r_nbtor_other                0.103  0.200  ? 742  'X-RAY DIFFRACTION' ? 
r_xyhbond_nbd_refined        0.242  0.200  ? 45   'X-RAY DIFFRACTION' ? 
r_xyhbond_nbd_other          ?      ?      ? ?    'X-RAY DIFFRACTION' ? 
r_metal_ion_refined          ?      ?      ? ?    'X-RAY DIFFRACTION' ? 
r_metal_ion_other            ?      ?      ? ?    'X-RAY DIFFRACTION' ? 
r_symmetry_vdw_refined       0.272  0.200  ? 14   'X-RAY DIFFRACTION' ? 
r_symmetry_vdw_other         0.207  0.200  ? 57   'X-RAY DIFFRACTION' ? 
r_symmetry_hbond_refined     0.199  0.200  ? 15   'X-RAY DIFFRACTION' ? 
r_symmetry_hbond_other       ?      ?      ? ?    'X-RAY DIFFRACTION' ? 
r_symmetry_metal_ion_refined ?      ?      ? ?    'X-RAY DIFFRACTION' ? 
r_symmetry_metal_ion_other   ?      ?      ? ?    'X-RAY DIFFRACTION' ? 
r_mcbond_it                  1.485  1.500  ? 987  'X-RAY DIFFRACTION' ? 
r_mcbond_other               ?      ?      ? ?    'X-RAY DIFFRACTION' ? 
r_mcangle_it                 1.817  2.000  ? 1252 'X-RAY DIFFRACTION' ? 
r_mcangle_other              ?      ?      ? ?    'X-RAY DIFFRACTION' ? 
r_scbond_it                  2.605  3.000  ? 535  'X-RAY DIFFRACTION' ? 
r_scbond_other               ?      ?      ? ?    'X-RAY DIFFRACTION' ? 
r_scangle_it                 3.805  4.500  ? 444  'X-RAY DIFFRACTION' ? 
r_scangle_other              ?      ?      ? ?    'X-RAY DIFFRACTION' ? 
r_long_range_B_refined       ?      ?      ? ?    'X-RAY DIFFRACTION' ? 
r_long_range_B_other         ?      ?      ? ?    'X-RAY DIFFRACTION' ? 
r_rigid_bond_restr           ?      ?      ? ?    'X-RAY DIFFRACTION' ? 
r_sphericity_free            ?      ?      ? ?    'X-RAY DIFFRACTION' ? 
r_sphericity_bonded          ?      ?      ? ?    'X-RAY DIFFRACTION' ? 
# 
_refine_ls_shell.pdbx_refine_id                   'X-RAY DIFFRACTION' 
_refine_ls_shell.pdbx_total_number_of_bins_used   20 
_refine_ls_shell.d_res_high                       2.50 
_refine_ls_shell.d_res_low                        2.56 
_refine_ls_shell.number_reflns_R_work             378 
_refine_ls_shell.R_factor_R_work                  0.2230 
_refine_ls_shell.percent_reflns_obs               ? 
_refine_ls_shell.R_factor_R_free                  0.3130 
_refine_ls_shell.R_factor_R_free_error            ? 
_refine_ls_shell.percent_reflns_R_free            ? 
_refine_ls_shell.number_reflns_R_free             22 
_refine_ls_shell.number_reflns_all                ? 
_refine_ls_shell.R_factor_all                     ? 
# 
_struct.entry_id                  2C4V 
_struct.title                     'H. pylori type II DHQase in complex with citrate' 
_struct.pdbx_model_details        ? 
_struct.pdbx_CASP_flag            ? 
_struct.pdbx_model_type_details   ? 
# 
_struct_keywords.entry_id        2C4V 
_struct_keywords.pdbx_keywords   LYASE 
_struct_keywords.text            '3-DEHYDROQUINASE, SHIKIMATE PATHWAY, AROMATIC AMINO ACID BIOSYNTHESIS, LYASE' 
# 
loop_
_struct_asym.id 
_struct_asym.pdbx_blank_PDB_chainid_flag 
_struct_asym.pdbx_modified 
_struct_asym.entity_id 
_struct_asym.details 
A N N 1 ? 
B N N 2 ? 
C N N 3 ? 
# 
_struct_ref.id                         1 
_struct_ref.db_name                    UNP 
_struct_ref.db_code                    AROQ_HELPY 
_struct_ref.entity_id                  1 
_struct_ref.pdbx_seq_one_letter_code   ? 
_struct_ref.pdbx_align_begin           ? 
_struct_ref.pdbx_db_accession          Q48255 
_struct_ref.pdbx_db_isoform            ? 
# 
_struct_ref_seq.align_id                      1 
_struct_ref_seq.ref_id                        1 
_struct_ref_seq.pdbx_PDB_id_code              2C4V 
_struct_ref_seq.pdbx_strand_id                A 
_struct_ref_seq.seq_align_beg                 1 
_struct_ref_seq.pdbx_seq_align_beg_ins_code   ? 
_struct_ref_seq.seq_align_end                 167 
_struct_ref_seq.pdbx_seq_align_end_ins_code   ? 
_struct_ref_seq.pdbx_db_accession             Q48255 
_struct_ref_seq.db_align_beg                  1 
_struct_ref_seq.pdbx_db_align_beg_ins_code    ? 
_struct_ref_seq.db_align_end                  167 
_struct_ref_seq.pdbx_db_align_end_ins_code    ? 
_struct_ref_seq.pdbx_auth_seq_align_beg       1 
_struct_ref_seq.pdbx_auth_seq_align_end       167 
# 
_pdbx_struct_assembly.id                   1 
_pdbx_struct_assembly.details              author_and_software_defined_assembly 
_pdbx_struct_assembly.method_details       PQS 
_pdbx_struct_assembly.oligomeric_details   dimeric 
_pdbx_struct_assembly.oligomeric_count     2 
# 
_pdbx_struct_assembly_gen.assembly_id       1 
_pdbx_struct_assembly_gen.oper_expression   1,2 
_pdbx_struct_assembly_gen.asym_id_list      A,B,C 
# 
loop_
_pdbx_struct_oper_list.id 
_pdbx_struct_oper_list.type 
_pdbx_struct_oper_list.name 
_pdbx_struct_oper_list.symmetry_operation 
_pdbx_struct_oper_list.matrix[1][1] 
_pdbx_struct_oper_list.matrix[1][2] 
_pdbx_struct_oper_list.matrix[1][3] 
_pdbx_struct_oper_list.vector[1] 
_pdbx_struct_oper_list.matrix[2][1] 
_pdbx_struct_oper_list.matrix[2][2] 
_pdbx_struct_oper_list.matrix[2][3] 
_pdbx_struct_oper_list.vector[2] 
_pdbx_struct_oper_list.matrix[3][1] 
_pdbx_struct_oper_list.matrix[3][2] 
_pdbx_struct_oper_list.matrix[3][3] 
_pdbx_struct_oper_list.vector[3] 
1 'identity operation'         1_555 x,y,z       1.0000000000  0.0000000000 0.0000000000 0.0000000000   0.0000000000 1.0000000000  0.0000000000 0.0000000000   0.0000000000 0.0000000000 1.0000000000 0.0000000000 
2 'crystal symmetry operation' 3_757 -x+2,y,-z+2 -0.9230065456 0.0482118843 0.3817519233 -13.4568322505 0.0482118843 -0.9698106052 0.2390460295 -17.0928587693 0.3817519233 0.2390460295 0.8928171508 4.8727113504 
# 
loop_
_struct_conf.conf_type_id 
_struct_conf.id 
_struct_conf.pdbx_PDB_helix_id 
_struct_conf.beg_label_comp_id 
_struct_conf.beg_label_asym_id 
_struct_conf.beg_label_seq_id 
_struct_conf.pdbx_beg_PDB_ins_code 
_struct_conf.end_label_comp_id 
_struct_conf.end_label_asym_id 
_struct_conf.end_label_seq_id 
_struct_conf.pdbx_end_PDB_ins_code 
_struct_conf.beg_auth_comp_id 
_struct_conf.beg_auth_asym_id 
_struct_conf.beg_auth_seq_id 
_struct_conf.end_auth_comp_id 
_struct_conf.end_auth_asym_id 
_struct_conf.end_auth_seq_id 
_struct_conf.pdbx_PDB_helix_class 
_struct_conf.details 
_struct_conf.pdbx_PDB_helix_length 
HELX_P HELX_P1 1 ASN A 10  ? LEU A 14  ? ASN A 10  LEU A 14  5 ? 5  
HELX_P HELX_P2 2 ASP A 18  ? GLY A 23  ? ASP A 18  GLY A 23  1 ? 6  
HELX_P HELX_P3 3 THR A 26  ? ASN A 42  ? THR A 26  ASN A 42  1 ? 17 
HELX_P HELX_P4 4 PHE A 54  ? SER A 65  ? PHE A 54  SER A 65  1 ? 12 
HELX_P HELX_P5 5 PRO A 77  ? THR A 83  ? PRO A 77  THR A 83  5 ? 7  
HELX_P HELX_P6 6 SER A 84  ? ALA A 94  ? SER A 84  ALA A 94  1 ? 11 
HELX_P HELX_P7 7 GLU A 110 ? LYS A 114 ? GLU A 110 LYS A 114 5 ? 5  
HELX_P HELX_P8 8 PRO A 131 ? ASN A 157 ? PRO A 131 ASN A 157 1 ? 27 
# 
_struct_conf_type.id          HELX_P 
_struct_conf_type.criteria    ? 
_struct_conf_type.reference   ? 
# 
_struct_sheet.id               AA 
_struct_sheet.type             ? 
_struct_sheet.number_strands   5 
_struct_sheet.details          ? 
# 
loop_
_struct_sheet_order.sheet_id 
_struct_sheet_order.range_id_1 
_struct_sheet_order.range_id_2 
_struct_sheet_order.offset 
_struct_sheet_order.sense 
AA 1 2 ? parallel 
AA 2 3 ? parallel 
AA 3 4 ? parallel 
AA 4 5 ? parallel 
# 
loop_
_struct_sheet_range.sheet_id 
_struct_sheet_range.id 
_struct_sheet_range.beg_label_comp_id 
_struct_sheet_range.beg_label_asym_id 
_struct_sheet_range.beg_label_seq_id 
_struct_sheet_range.pdbx_beg_PDB_ins_code 
_struct_sheet_range.end_label_comp_id 
_struct_sheet_range.end_label_asym_id 
_struct_sheet_range.end_label_seq_id 
_struct_sheet_range.pdbx_end_PDB_ins_code 
_struct_sheet_range.beg_auth_comp_id 
_struct_sheet_range.beg_auth_asym_id 
_struct_sheet_range.beg_auth_seq_id 
_struct_sheet_range.end_auth_comp_id 
_struct_sheet_range.end_auth_asym_id 
_struct_sheet_range.end_auth_seq_id 
AA 1 GLU A 46  ? GLN A 51  ? GLU A 46  GLN A 51  
AA 2 LYS A 2   ? GLN A 7   ? LYS A 2   GLN A 7   
AA 3 TYR A 70  ? ASN A 76  ? TYR A 70  ASN A 76  
AA 4 VAL A 98  ? HIS A 102 ? VAL A 98  HIS A 102 
AA 5 GLY A 124 ? MET A 127 ? GLY A 124 MET A 127 
# 
loop_
_pdbx_struct_sheet_hbond.sheet_id 
_pdbx_struct_sheet_hbond.range_id_1 
_pdbx_struct_sheet_hbond.range_id_2 
_pdbx_struct_sheet_hbond.range_1_label_atom_id 
_pdbx_struct_sheet_hbond.range_1_label_comp_id 
_pdbx_struct_sheet_hbond.range_1_label_asym_id 
_pdbx_struct_sheet_hbond.range_1_label_seq_id 
_pdbx_struct_sheet_hbond.range_1_PDB_ins_code 
_pdbx_struct_sheet_hbond.range_1_auth_atom_id 
_pdbx_struct_sheet_hbond.range_1_auth_comp_id 
_pdbx_struct_sheet_hbond.range_1_auth_asym_id 
_pdbx_struct_sheet_hbond.range_1_auth_seq_id 
_pdbx_struct_sheet_hbond.range_2_label_atom_id 
_pdbx_struct_sheet_hbond.range_2_label_comp_id 
_pdbx_struct_sheet_hbond.range_2_label_asym_id 
_pdbx_struct_sheet_hbond.range_2_label_seq_id 
_pdbx_struct_sheet_hbond.range_2_PDB_ins_code 
_pdbx_struct_sheet_hbond.range_2_auth_atom_id 
_pdbx_struct_sheet_hbond.range_2_auth_comp_id 
_pdbx_struct_sheet_hbond.range_2_auth_asym_id 
_pdbx_struct_sheet_hbond.range_2_auth_seq_id 
AA 1 2 N GLU A 48  ? N GLU A 48  O ILE A 3   ? O ILE A 3   
AA 2 3 O LYS A 2   ? O LYS A 2   N GLU A 71  ? N GLU A 71  
AA 3 4 N ILE A 75  ? N ILE A 75  O ILE A 99  ? O ILE A 99  
AA 4 5 N GLU A 100 ? N GLU A 100 O GLY A 124 ? O GLY A 124 
# 
_struct_site.id                   AC1 
_struct_site.pdbx_evidence_code   Software 
_struct_site.pdbx_auth_asym_id    ? 
_struct_site.pdbx_auth_comp_id    ? 
_struct_site.pdbx_auth_seq_id     ? 
_struct_site.pdbx_auth_ins_code   ? 
_struct_site.pdbx_num_residues    13 
_struct_site.details              'BINDING SITE FOR RESIDUE CIT A1159' 
# 
loop_
_struct_site_gen.id 
_struct_site_gen.site_id 
_struct_site_gen.pdbx_num_res 
_struct_site_gen.label_comp_id 
_struct_site_gen.label_asym_id 
_struct_site_gen.label_seq_id 
_struct_site_gen.pdbx_auth_ins_code 
_struct_site_gen.auth_comp_id 
_struct_site_gen.auth_asym_id 
_struct_site_gen.auth_seq_id 
_struct_site_gen.label_atom_id 
_struct_site_gen.label_alt_id 
_struct_site_gen.symmetry 
_struct_site_gen.details 
1  AC1 13 ARG A 17  ? ARG A 17   . ? 1_555 ? 
2  AC1 13 TYR A 22  ? TYR A 22   . ? 1_555 ? 
3  AC1 13 ASN A 76  ? ASN A 76   . ? 1_555 ? 
4  AC1 13 GLY A 78  ? GLY A 78   . ? 1_555 ? 
5  AC1 13 ALA A 79  ? ALA A 79   . ? 1_555 ? 
6  AC1 13 HIS A 82  ? HIS A 82   . ? 1_555 ? 
7  AC1 13 HIS A 102 ? HIS A 102  . ? 1_555 ? 
8  AC1 13 LEU A 103 ? LEU A 103  . ? 1_555 ? 
9  AC1 13 THR A 104 ? THR A 104  . ? 1_555 ? 
10 AC1 13 ILE A 106 ? ILE A 106  . ? 1_555 ? 
11 AC1 13 ARG A 109 ? ARG A 109  . ? 1_555 ? 
12 AC1 13 ARG A 113 ? ARG A 113  . ? 1_555 ? 
13 AC1 13 HOH C .   ? HOH A 2001 . ? 1_555 ? 
# 
loop_
_pdbx_validate_close_contact.id 
_pdbx_validate_close_contact.PDB_model_num 
_pdbx_validate_close_contact.auth_atom_id_1 
_pdbx_validate_close_contact.auth_asym_id_1 
_pdbx_validate_close_contact.auth_comp_id_1 
_pdbx_validate_close_contact.auth_seq_id_1 
_pdbx_validate_close_contact.PDB_ins_code_1 
_pdbx_validate_close_contact.label_alt_id_1 
_pdbx_validate_close_contact.auth_atom_id_2 
_pdbx_validate_close_contact.auth_asym_id_2 
_pdbx_validate_close_contact.auth_comp_id_2 
_pdbx_validate_close_contact.auth_seq_id_2 
_pdbx_validate_close_contact.PDB_ins_code_2 
_pdbx_validate_close_contact.label_alt_id_2 
_pdbx_validate_close_contact.dist 
1 1 OE1 A GLU 48 ? ? OH A TYR 70   ? ? 2.05 
2 1 OH  A TYR 22 ? ? O1 A CIT 1159 ? ? 2.07 
# 
_pdbx_validate_rmsd_bond.id                        1 
_pdbx_validate_rmsd_bond.PDB_model_num             1 
_pdbx_validate_rmsd_bond.auth_atom_id_1            CD 
_pdbx_validate_rmsd_bond.auth_asym_id_1            A 
_pdbx_validate_rmsd_bond.auth_comp_id_1            GLU 
_pdbx_validate_rmsd_bond.auth_seq_id_1             64 
_pdbx_validate_rmsd_bond.PDB_ins_code_1            ? 
_pdbx_validate_rmsd_bond.label_alt_id_1            ? 
_pdbx_validate_rmsd_bond.auth_atom_id_2            OE1 
_pdbx_validate_rmsd_bond.auth_asym_id_2            A 
_pdbx_validate_rmsd_bond.auth_comp_id_2            GLU 
_pdbx_validate_rmsd_bond.auth_seq_id_2             64 
_pdbx_validate_rmsd_bond.PDB_ins_code_2            ? 
_pdbx_validate_rmsd_bond.label_alt_id_2            ? 
_pdbx_validate_rmsd_bond.bond_value                1.329 
_pdbx_validate_rmsd_bond.bond_target_value         1.252 
_pdbx_validate_rmsd_bond.bond_deviation            0.077 
_pdbx_validate_rmsd_bond.bond_standard_deviation   0.011 
_pdbx_validate_rmsd_bond.linker_flag               N 
# 
_pdbx_validate_rmsd_angle.id                         1 
_pdbx_validate_rmsd_angle.PDB_model_num              1 
_pdbx_validate_rmsd_angle.auth_atom_id_1             CB 
_pdbx_validate_rmsd_angle.auth_asym_id_1             A 
_pdbx_validate_rmsd_angle.auth_comp_id_1             ASP 
_pdbx_validate_rmsd_angle.auth_seq_id_1              44 
_pdbx_validate_rmsd_angle.PDB_ins_code_1             ? 
_pdbx_validate_rmsd_angle.label_alt_id_1             ? 
_pdbx_validate_rmsd_angle.auth_atom_id_2             CG 
_pdbx_validate_rmsd_angle.auth_asym_id_2             A 
_pdbx_validate_rmsd_angle.auth_comp_id_2             ASP 
_pdbx_validate_rmsd_angle.auth_seq_id_2              44 
_pdbx_validate_rmsd_angle.PDB_ins_code_2             ? 
_pdbx_validate_rmsd_angle.label_alt_id_2             B 
_pdbx_validate_rmsd_angle.auth_atom_id_3             OD2 
_pdbx_validate_rmsd_angle.auth_asym_id_3             A 
_pdbx_validate_rmsd_angle.auth_comp_id_3             ASP 
_pdbx_validate_rmsd_angle.auth_seq_id_3              44 
_pdbx_validate_rmsd_angle.PDB_ins_code_3             ? 
_pdbx_validate_rmsd_angle.label_alt_id_3             B 
_pdbx_validate_rmsd_angle.angle_value                124.51 
_pdbx_validate_rmsd_angle.angle_target_value         118.30 
_pdbx_validate_rmsd_angle.angle_deviation            6.21 
_pdbx_validate_rmsd_angle.angle_standard_deviation   0.90 
_pdbx_validate_rmsd_angle.linker_flag                N 
# 
loop_
_pdbx_validate_torsion.id 
_pdbx_validate_torsion.PDB_model_num 
_pdbx_validate_torsion.auth_comp_id 
_pdbx_validate_torsion.auth_asym_id 
_pdbx_validate_torsion.auth_seq_id 
_pdbx_validate_torsion.PDB_ins_code 
_pdbx_validate_torsion.label_alt_id 
_pdbx_validate_torsion.phi 
_pdbx_validate_torsion.psi 
1 1 ASN A 10  ? ? 71.84   -1.73   
2 1 GLN A 40  ? ? -55.75  -75.52  
3 1 ASN A 42  ? ? 77.31   50.60   
4 1 SER A 68  ? ? -8.45   -24.77  
5 1 ARG A 109 ? ? -116.97 -157.71 
# 
_pdbx_validate_peptide_omega.id               1 
_pdbx_validate_peptide_omega.PDB_model_num    1 
_pdbx_validate_peptide_omega.auth_comp_id_1   GLY 
_pdbx_validate_peptide_omega.auth_asym_id_1   A 
_pdbx_validate_peptide_omega.auth_seq_id_1    15 
_pdbx_validate_peptide_omega.PDB_ins_code_1   ? 
_pdbx_validate_peptide_omega.label_alt_id_1   ? 
_pdbx_validate_peptide_omega.auth_comp_id_2   HIS 
_pdbx_validate_peptide_omega.auth_asym_id_2   A 
_pdbx_validate_peptide_omega.auth_seq_id_2    16 
_pdbx_validate_peptide_omega.PDB_ins_code_2   ? 
_pdbx_validate_peptide_omega.label_alt_id_2   ? 
_pdbx_validate_peptide_omega.omega            145.84 
# 
loop_
_pdbx_struct_special_symmetry.id 
_pdbx_struct_special_symmetry.PDB_model_num 
_pdbx_struct_special_symmetry.auth_asym_id 
_pdbx_struct_special_symmetry.auth_comp_id 
_pdbx_struct_special_symmetry.auth_seq_id 
_pdbx_struct_special_symmetry.PDB_ins_code 
_pdbx_struct_special_symmetry.label_asym_id 
_pdbx_struct_special_symmetry.label_comp_id 
_pdbx_struct_special_symmetry.label_seq_id 
1 1 A HOH 2009 ? C HOH . 
2 1 A HOH 2010 ? C HOH . 
3 1 A HOH 2017 ? C HOH . 
# 
_pdbx_refine_tls.pdbx_refine_id   'X-RAY DIFFRACTION' 
_pdbx_refine_tls.id               1 
_pdbx_refine_tls.details          ? 
_pdbx_refine_tls.method           refined 
_pdbx_refine_tls.origin_x         0.5334 
_pdbx_refine_tls.origin_y         -0.2429 
_pdbx_refine_tls.origin_z         0.0459 
_pdbx_refine_tls.T[1][1]          0.2319 
_pdbx_refine_tls.T[2][2]          0.2085 
_pdbx_refine_tls.T[3][3]          -0.1244 
_pdbx_refine_tls.T[1][2]          -0.0322 
_pdbx_refine_tls.T[1][3]          0.0092 
_pdbx_refine_tls.T[2][3]          0.0593 
_pdbx_refine_tls.L[1][1]          3.0533 
_pdbx_refine_tls.L[2][2]          2.0064 
_pdbx_refine_tls.L[3][3]          1.2213 
_pdbx_refine_tls.L[1][2]          0.2112 
_pdbx_refine_tls.L[1][3]          0.3103 
_pdbx_refine_tls.L[2][3]          0.3418 
_pdbx_refine_tls.S[1][1]          -0.0768 
_pdbx_refine_tls.S[1][2]          0.6979 
_pdbx_refine_tls.S[1][3]          0.0988 
_pdbx_refine_tls.S[2][1]          -0.6188 
_pdbx_refine_tls.S[2][2]          0.0464 
_pdbx_refine_tls.S[2][3]          0.0024 
_pdbx_refine_tls.S[3][1]          -0.0114 
_pdbx_refine_tls.S[3][2]          0.0853 
_pdbx_refine_tls.S[3][3]          0.0304 
# 
_pdbx_refine_tls_group.pdbx_refine_id      'X-RAY DIFFRACTION' 
_pdbx_refine_tls_group.id                  1 
_pdbx_refine_tls_group.refine_tls_id       1 
_pdbx_refine_tls_group.beg_auth_asym_id    A 
_pdbx_refine_tls_group.beg_auth_seq_id     1 
_pdbx_refine_tls_group.beg_label_asym_id   ? 
_pdbx_refine_tls_group.beg_label_seq_id    ? 
_pdbx_refine_tls_group.end_auth_asym_id    A 
_pdbx_refine_tls_group.end_auth_seq_id     705 
_pdbx_refine_tls_group.end_label_asym_id   ? 
_pdbx_refine_tls_group.end_label_seq_id    ? 
_pdbx_refine_tls_group.selection           ? 
_pdbx_refine_tls_group.selection_details   ? 
# 
_pdbx_entry_details.entry_id                 2C4V 
_pdbx_entry_details.compound_details         
;CATALYZES A TRANS-DEHYDRATION VIA AN ENOLATE
 INTERMEDIATE.
;
_pdbx_entry_details.source_details           ? 
_pdbx_entry_details.nonpolymer_details       ? 
_pdbx_entry_details.sequence_details         ? 
_pdbx_entry_details.has_ligand_of_interest   ? 
# 
loop_
_pdbx_unobs_or_zero_occ_residues.id 
_pdbx_unobs_or_zero_occ_residues.PDB_model_num 
_pdbx_unobs_or_zero_occ_residues.polymer_flag 
_pdbx_unobs_or_zero_occ_residues.occupancy_flag 
_pdbx_unobs_or_zero_occ_residues.auth_asym_id 
_pdbx_unobs_or_zero_occ_residues.auth_comp_id 
_pdbx_unobs_or_zero_occ_residues.auth_seq_id 
_pdbx_unobs_or_zero_occ_residues.PDB_ins_code 
_pdbx_unobs_or_zero_occ_residues.label_asym_id 
_pdbx_unobs_or_zero_occ_residues.label_comp_id 
_pdbx_unobs_or_zero_occ_residues.label_seq_id 
1 1 Y 1 A PRO 159 ? A PRO 159 
2 1 Y 1 A ASN 160 ? A ASN 160 
3 1 Y 1 A ASN 161 ? A ASN 161 
4 1 Y 1 A PRO 162 ? A PRO 162 
5 1 Y 1 A ILE 163 ? A ILE 163 
6 1 Y 1 A ASN 164 ? A ASN 164 
7 1 Y 1 A ASN 165 ? A ASN 165 
8 1 Y 1 A GLN 166 ? A GLN 166 
9 1 Y 1 A LYS 167 ? A LYS 167 
# 
loop_
_chem_comp_atom.comp_id 
_chem_comp_atom.atom_id 
_chem_comp_atom.type_symbol 
_chem_comp_atom.pdbx_aromatic_flag 
_chem_comp_atom.pdbx_stereo_config 
_chem_comp_atom.pdbx_ordinal 
ALA N    N N N 1   
ALA CA   C N S 2   
ALA C    C N N 3   
ALA O    O N N 4   
ALA CB   C N N 5   
ALA OXT  O N N 6   
ALA H    H N N 7   
ALA H2   H N N 8   
ALA HA   H N N 9   
ALA HB1  H N N 10  
ALA HB2  H N N 11  
ALA HB3  H N N 12  
ALA HXT  H N N 13  
ARG N    N N N 14  
ARG CA   C N S 15  
ARG C    C N N 16  
ARG O    O N N 17  
ARG CB   C N N 18  
ARG CG   C N N 19  
ARG CD   C N N 20  
ARG NE   N N N 21  
ARG CZ   C N N 22  
ARG NH1  N N N 23  
ARG NH2  N N N 24  
ARG OXT  O N N 25  
ARG H    H N N 26  
ARG H2   H N N 27  
ARG HA   H N N 28  
ARG HB2  H N N 29  
ARG HB3  H N N 30  
ARG HG2  H N N 31  
ARG HG3  H N N 32  
ARG HD2  H N N 33  
ARG HD3  H N N 34  
ARG HE   H N N 35  
ARG HH11 H N N 36  
ARG HH12 H N N 37  
ARG HH21 H N N 38  
ARG HH22 H N N 39  
ARG HXT  H N N 40  
ASN N    N N N 41  
ASN CA   C N S 42  
ASN C    C N N 43  
ASN O    O N N 44  
ASN CB   C N N 45  
ASN CG   C N N 46  
ASN OD1  O N N 47  
ASN ND2  N N N 48  
ASN OXT  O N N 49  
ASN H    H N N 50  
ASN H2   H N N 51  
ASN HA   H N N 52  
ASN HB2  H N N 53  
ASN HB3  H N N 54  
ASN HD21 H N N 55  
ASN HD22 H N N 56  
ASN HXT  H N N 57  
ASP N    N N N 58  
ASP CA   C N S 59  
ASP C    C N N 60  
ASP O    O N N 61  
ASP CB   C N N 62  
ASP CG   C N N 63  
ASP OD1  O N N 64  
ASP OD2  O N N 65  
ASP OXT  O N N 66  
ASP H    H N N 67  
ASP H2   H N N 68  
ASP HA   H N N 69  
ASP HB2  H N N 70  
ASP HB3  H N N 71  
ASP HD2  H N N 72  
ASP HXT  H N N 73  
CIT C1   C N N 74  
CIT O1   O N N 75  
CIT O2   O N N 76  
CIT C2   C N N 77  
CIT C3   C N N 78  
CIT O7   O N N 79  
CIT C4   C N N 80  
CIT C5   C N N 81  
CIT O3   O N N 82  
CIT O4   O N N 83  
CIT C6   C N N 84  
CIT O5   O N N 85  
CIT O6   O N N 86  
CIT HO2  H N N 87  
CIT H21  H N N 88  
CIT H22  H N N 89  
CIT HO7  H N N 90  
CIT H41  H N N 91  
CIT H42  H N N 92  
CIT HO4  H N N 93  
CIT HO6  H N N 94  
CYS N    N N N 95  
CYS CA   C N R 96  
CYS C    C N N 97  
CYS O    O N N 98  
CYS CB   C N N 99  
CYS SG   S N N 100 
CYS OXT  O N N 101 
CYS H    H N N 102 
CYS H2   H N N 103 
CYS HA   H N N 104 
CYS HB2  H N N 105 
CYS HB3  H N N 106 
CYS HG   H N N 107 
CYS HXT  H N N 108 
GLN N    N N N 109 
GLN CA   C N S 110 
GLN C    C N N 111 
GLN O    O N N 112 
GLN CB   C N N 113 
GLN CG   C N N 114 
GLN CD   C N N 115 
GLN OE1  O N N 116 
GLN NE2  N N N 117 
GLN OXT  O N N 118 
GLN H    H N N 119 
GLN H2   H N N 120 
GLN HA   H N N 121 
GLN HB2  H N N 122 
GLN HB3  H N N 123 
GLN HG2  H N N 124 
GLN HG3  H N N 125 
GLN HE21 H N N 126 
GLN HE22 H N N 127 
GLN HXT  H N N 128 
GLU N    N N N 129 
GLU CA   C N S 130 
GLU C    C N N 131 
GLU O    O N N 132 
GLU CB   C N N 133 
GLU CG   C N N 134 
GLU CD   C N N 135 
GLU OE1  O N N 136 
GLU OE2  O N N 137 
GLU OXT  O N N 138 
GLU H    H N N 139 
GLU H2   H N N 140 
GLU HA   H N N 141 
GLU HB2  H N N 142 
GLU HB3  H N N 143 
GLU HG2  H N N 144 
GLU HG3  H N N 145 
GLU HE2  H N N 146 
GLU HXT  H N N 147 
GLY N    N N N 148 
GLY CA   C N N 149 
GLY C    C N N 150 
GLY O    O N N 151 
GLY OXT  O N N 152 
GLY H    H N N 153 
GLY H2   H N N 154 
GLY HA2  H N N 155 
GLY HA3  H N N 156 
GLY HXT  H N N 157 
HIS N    N N N 158 
HIS CA   C N S 159 
HIS C    C N N 160 
HIS O    O N N 161 
HIS CB   C N N 162 
HIS CG   C Y N 163 
HIS ND1  N Y N 164 
HIS CD2  C Y N 165 
HIS CE1  C Y N 166 
HIS NE2  N Y N 167 
HIS OXT  O N N 168 
HIS H    H N N 169 
HIS H2   H N N 170 
HIS HA   H N N 171 
HIS HB2  H N N 172 
HIS HB3  H N N 173 
HIS HD1  H N N 174 
HIS HD2  H N N 175 
HIS HE1  H N N 176 
HIS HE2  H N N 177 
HIS HXT  H N N 178 
HOH O    O N N 179 
HOH H1   H N N 180 
HOH H2   H N N 181 
ILE N    N N N 182 
ILE CA   C N S 183 
ILE C    C N N 184 
ILE O    O N N 185 
ILE CB   C N S 186 
ILE CG1  C N N 187 
ILE CG2  C N N 188 
ILE CD1  C N N 189 
ILE OXT  O N N 190 
ILE H    H N N 191 
ILE H2   H N N 192 
ILE HA   H N N 193 
ILE HB   H N N 194 
ILE HG12 H N N 195 
ILE HG13 H N N 196 
ILE HG21 H N N 197 
ILE HG22 H N N 198 
ILE HG23 H N N 199 
ILE HD11 H N N 200 
ILE HD12 H N N 201 
ILE HD13 H N N 202 
ILE HXT  H N N 203 
LEU N    N N N 204 
LEU CA   C N S 205 
LEU C    C N N 206 
LEU O    O N N 207 
LEU CB   C N N 208 
LEU CG   C N N 209 
LEU CD1  C N N 210 
LEU CD2  C N N 211 
LEU OXT  O N N 212 
LEU H    H N N 213 
LEU H2   H N N 214 
LEU HA   H N N 215 
LEU HB2  H N N 216 
LEU HB3  H N N 217 
LEU HG   H N N 218 
LEU HD11 H N N 219 
LEU HD12 H N N 220 
LEU HD13 H N N 221 
LEU HD21 H N N 222 
LEU HD22 H N N 223 
LEU HD23 H N N 224 
LEU HXT  H N N 225 
LYS N    N N N 226 
LYS CA   C N S 227 
LYS C    C N N 228 
LYS O    O N N 229 
LYS CB   C N N 230 
LYS CG   C N N 231 
LYS CD   C N N 232 
LYS CE   C N N 233 
LYS NZ   N N N 234 
LYS OXT  O N N 235 
LYS H    H N N 236 
LYS H2   H N N 237 
LYS HA   H N N 238 
LYS HB2  H N N 239 
LYS HB3  H N N 240 
LYS HG2  H N N 241 
LYS HG3  H N N 242 
LYS HD2  H N N 243 
LYS HD3  H N N 244 
LYS HE2  H N N 245 
LYS HE3  H N N 246 
LYS HZ1  H N N 247 
LYS HZ2  H N N 248 
LYS HZ3  H N N 249 
LYS HXT  H N N 250 
MET N    N N N 251 
MET CA   C N S 252 
MET C    C N N 253 
MET O    O N N 254 
MET CB   C N N 255 
MET CG   C N N 256 
MET SD   S N N 257 
MET CE   C N N 258 
MET OXT  O N N 259 
MET H    H N N 260 
MET H2   H N N 261 
MET HA   H N N 262 
MET HB2  H N N 263 
MET HB3  H N N 264 
MET HG2  H N N 265 
MET HG3  H N N 266 
MET HE1  H N N 267 
MET HE2  H N N 268 
MET HE3  H N N 269 
MET HXT  H N N 270 
PHE N    N N N 271 
PHE CA   C N S 272 
PHE C    C N N 273 
PHE O    O N N 274 
PHE CB   C N N 275 
PHE CG   C Y N 276 
PHE CD1  C Y N 277 
PHE CD2  C Y N 278 
PHE CE1  C Y N 279 
PHE CE2  C Y N 280 
PHE CZ   C Y N 281 
PHE OXT  O N N 282 
PHE H    H N N 283 
PHE H2   H N N 284 
PHE HA   H N N 285 
PHE HB2  H N N 286 
PHE HB3  H N N 287 
PHE HD1  H N N 288 
PHE HD2  H N N 289 
PHE HE1  H N N 290 
PHE HE2  H N N 291 
PHE HZ   H N N 292 
PHE HXT  H N N 293 
PRO N    N N N 294 
PRO CA   C N S 295 
PRO C    C N N 296 
PRO O    O N N 297 
PRO CB   C N N 298 
PRO CG   C N N 299 
PRO CD   C N N 300 
PRO OXT  O N N 301 
PRO H    H N N 302 
PRO HA   H N N 303 
PRO HB2  H N N 304 
PRO HB3  H N N 305 
PRO HG2  H N N 306 
PRO HG3  H N N 307 
PRO HD2  H N N 308 
PRO HD3  H N N 309 
PRO HXT  H N N 310 
SER N    N N N 311 
SER CA   C N S 312 
SER C    C N N 313 
SER O    O N N 314 
SER CB   C N N 315 
SER OG   O N N 316 
SER OXT  O N N 317 
SER H    H N N 318 
SER H2   H N N 319 
SER HA   H N N 320 
SER HB2  H N N 321 
SER HB3  H N N 322 
SER HG   H N N 323 
SER HXT  H N N 324 
THR N    N N N 325 
THR CA   C N S 326 
THR C    C N N 327 
THR O    O N N 328 
THR CB   C N R 329 
THR OG1  O N N 330 
THR CG2  C N N 331 
THR OXT  O N N 332 
THR H    H N N 333 
THR H2   H N N 334 
THR HA   H N N 335 
THR HB   H N N 336 
THR HG1  H N N 337 
THR HG21 H N N 338 
THR HG22 H N N 339 
THR HG23 H N N 340 
THR HXT  H N N 341 
TYR N    N N N 342 
TYR CA   C N S 343 
TYR C    C N N 344 
TYR O    O N N 345 
TYR CB   C N N 346 
TYR CG   C Y N 347 
TYR CD1  C Y N 348 
TYR CD2  C Y N 349 
TYR CE1  C Y N 350 
TYR CE2  C Y N 351 
TYR CZ   C Y N 352 
TYR OH   O N N 353 
TYR OXT  O N N 354 
TYR H    H N N 355 
TYR H2   H N N 356 
TYR HA   H N N 357 
TYR HB2  H N N 358 
TYR HB3  H N N 359 
TYR HD1  H N N 360 
TYR HD2  H N N 361 
TYR HE1  H N N 362 
TYR HE2  H N N 363 
TYR HH   H N N 364 
TYR HXT  H N N 365 
VAL N    N N N 366 
VAL CA   C N S 367 
VAL C    C N N 368 
VAL O    O N N 369 
VAL CB   C N N 370 
VAL CG1  C N N 371 
VAL CG2  C N N 372 
VAL OXT  O N N 373 
VAL H    H N N 374 
VAL H2   H N N 375 
VAL HA   H N N 376 
VAL HB   H N N 377 
VAL HG11 H N N 378 
VAL HG12 H N N 379 
VAL HG13 H N N 380 
VAL HG21 H N N 381 
VAL HG22 H N N 382 
VAL HG23 H N N 383 
VAL HXT  H N N 384 
# 
loop_
_chem_comp_bond.comp_id 
_chem_comp_bond.atom_id_1 
_chem_comp_bond.atom_id_2 
_chem_comp_bond.value_order 
_chem_comp_bond.pdbx_aromatic_flag 
_chem_comp_bond.pdbx_stereo_config 
_chem_comp_bond.pdbx_ordinal 
ALA N   CA   sing N N 1   
ALA N   H    sing N N 2   
ALA N   H2   sing N N 3   
ALA CA  C    sing N N 4   
ALA CA  CB   sing N N 5   
ALA CA  HA   sing N N 6   
ALA C   O    doub N N 7   
ALA C   OXT  sing N N 8   
ALA CB  HB1  sing N N 9   
ALA CB  HB2  sing N N 10  
ALA CB  HB3  sing N N 11  
ALA OXT HXT  sing N N 12  
ARG N   CA   sing N N 13  
ARG N   H    sing N N 14  
ARG N   H2   sing N N 15  
ARG CA  C    sing N N 16  
ARG CA  CB   sing N N 17  
ARG CA  HA   sing N N 18  
ARG C   O    doub N N 19  
ARG C   OXT  sing N N 20  
ARG CB  CG   sing N N 21  
ARG CB  HB2  sing N N 22  
ARG CB  HB3  sing N N 23  
ARG CG  CD   sing N N 24  
ARG CG  HG2  sing N N 25  
ARG CG  HG3  sing N N 26  
ARG CD  NE   sing N N 27  
ARG CD  HD2  sing N N 28  
ARG CD  HD3  sing N N 29  
ARG NE  CZ   sing N N 30  
ARG NE  HE   sing N N 31  
ARG CZ  NH1  sing N N 32  
ARG CZ  NH2  doub N N 33  
ARG NH1 HH11 sing N N 34  
ARG NH1 HH12 sing N N 35  
ARG NH2 HH21 sing N N 36  
ARG NH2 HH22 sing N N 37  
ARG OXT HXT  sing N N 38  
ASN N   CA   sing N N 39  
ASN N   H    sing N N 40  
ASN N   H2   sing N N 41  
ASN CA  C    sing N N 42  
ASN CA  CB   sing N N 43  
ASN CA  HA   sing N N 44  
ASN C   O    doub N N 45  
ASN C   OXT  sing N N 46  
ASN CB  CG   sing N N 47  
ASN CB  HB2  sing N N 48  
ASN CB  HB3  sing N N 49  
ASN CG  OD1  doub N N 50  
ASN CG  ND2  sing N N 51  
ASN ND2 HD21 sing N N 52  
ASN ND2 HD22 sing N N 53  
ASN OXT HXT  sing N N 54  
ASP N   CA   sing N N 55  
ASP N   H    sing N N 56  
ASP N   H2   sing N N 57  
ASP CA  C    sing N N 58  
ASP CA  CB   sing N N 59  
ASP CA  HA   sing N N 60  
ASP C   O    doub N N 61  
ASP C   OXT  sing N N 62  
ASP CB  CG   sing N N 63  
ASP CB  HB2  sing N N 64  
ASP CB  HB3  sing N N 65  
ASP CG  OD1  doub N N 66  
ASP CG  OD2  sing N N 67  
ASP OD2 HD2  sing N N 68  
ASP OXT HXT  sing N N 69  
CIT C1  O1   doub N N 70  
CIT C1  O2   sing N N 71  
CIT C1  C2   sing N N 72  
CIT O2  HO2  sing N N 73  
CIT C2  C3   sing N N 74  
CIT C2  H21  sing N N 75  
CIT C2  H22  sing N N 76  
CIT C3  O7   sing N N 77  
CIT C3  C4   sing N N 78  
CIT C3  C6   sing N N 79  
CIT O7  HO7  sing N N 80  
CIT C4  C5   sing N N 81  
CIT C4  H41  sing N N 82  
CIT C4  H42  sing N N 83  
CIT C5  O3   doub N N 84  
CIT C5  O4   sing N N 85  
CIT O4  HO4  sing N N 86  
CIT C6  O5   doub N N 87  
CIT C6  O6   sing N N 88  
CIT O6  HO6  sing N N 89  
CYS N   CA   sing N N 90  
CYS N   H    sing N N 91  
CYS N   H2   sing N N 92  
CYS CA  C    sing N N 93  
CYS CA  CB   sing N N 94  
CYS CA  HA   sing N N 95  
CYS C   O    doub N N 96  
CYS C   OXT  sing N N 97  
CYS CB  SG   sing N N 98  
CYS CB  HB2  sing N N 99  
CYS CB  HB3  sing N N 100 
CYS SG  HG   sing N N 101 
CYS OXT HXT  sing N N 102 
GLN N   CA   sing N N 103 
GLN N   H    sing N N 104 
GLN N   H2   sing N N 105 
GLN CA  C    sing N N 106 
GLN CA  CB   sing N N 107 
GLN CA  HA   sing N N 108 
GLN C   O    doub N N 109 
GLN C   OXT  sing N N 110 
GLN CB  CG   sing N N 111 
GLN CB  HB2  sing N N 112 
GLN CB  HB3  sing N N 113 
GLN CG  CD   sing N N 114 
GLN CG  HG2  sing N N 115 
GLN CG  HG3  sing N N 116 
GLN CD  OE1  doub N N 117 
GLN CD  NE2  sing N N 118 
GLN NE2 HE21 sing N N 119 
GLN NE2 HE22 sing N N 120 
GLN OXT HXT  sing N N 121 
GLU N   CA   sing N N 122 
GLU N   H    sing N N 123 
GLU N   H2   sing N N 124 
GLU CA  C    sing N N 125 
GLU CA  CB   sing N N 126 
GLU CA  HA   sing N N 127 
GLU C   O    doub N N 128 
GLU C   OXT  sing N N 129 
GLU CB  CG   sing N N 130 
GLU CB  HB2  sing N N 131 
GLU CB  HB3  sing N N 132 
GLU CG  CD   sing N N 133 
GLU CG  HG2  sing N N 134 
GLU CG  HG3  sing N N 135 
GLU CD  OE1  doub N N 136 
GLU CD  OE2  sing N N 137 
GLU OE2 HE2  sing N N 138 
GLU OXT HXT  sing N N 139 
GLY N   CA   sing N N 140 
GLY N   H    sing N N 141 
GLY N   H2   sing N N 142 
GLY CA  C    sing N N 143 
GLY CA  HA2  sing N N 144 
GLY CA  HA3  sing N N 145 
GLY C   O    doub N N 146 
GLY C   OXT  sing N N 147 
GLY OXT HXT  sing N N 148 
HIS N   CA   sing N N 149 
HIS N   H    sing N N 150 
HIS N   H2   sing N N 151 
HIS CA  C    sing N N 152 
HIS CA  CB   sing N N 153 
HIS CA  HA   sing N N 154 
HIS C   O    doub N N 155 
HIS C   OXT  sing N N 156 
HIS CB  CG   sing N N 157 
HIS CB  HB2  sing N N 158 
HIS CB  HB3  sing N N 159 
HIS CG  ND1  sing Y N 160 
HIS CG  CD2  doub Y N 161 
HIS ND1 CE1  doub Y N 162 
HIS ND1 HD1  sing N N 163 
HIS CD2 NE2  sing Y N 164 
HIS CD2 HD2  sing N N 165 
HIS CE1 NE2  sing Y N 166 
HIS CE1 HE1  sing N N 167 
HIS NE2 HE2  sing N N 168 
HIS OXT HXT  sing N N 169 
HOH O   H1   sing N N 170 
HOH O   H2   sing N N 171 
ILE N   CA   sing N N 172 
ILE N   H    sing N N 173 
ILE N   H2   sing N N 174 
ILE CA  C    sing N N 175 
ILE CA  CB   sing N N 176 
ILE CA  HA   sing N N 177 
ILE C   O    doub N N 178 
ILE C   OXT  sing N N 179 
ILE CB  CG1  sing N N 180 
ILE CB  CG2  sing N N 181 
ILE CB  HB   sing N N 182 
ILE CG1 CD1  sing N N 183 
ILE CG1 HG12 sing N N 184 
ILE CG1 HG13 sing N N 185 
ILE CG2 HG21 sing N N 186 
ILE CG2 HG22 sing N N 187 
ILE CG2 HG23 sing N N 188 
ILE CD1 HD11 sing N N 189 
ILE CD1 HD12 sing N N 190 
ILE CD1 HD13 sing N N 191 
ILE OXT HXT  sing N N 192 
LEU N   CA   sing N N 193 
LEU N   H    sing N N 194 
LEU N   H2   sing N N 195 
LEU CA  C    sing N N 196 
LEU CA  CB   sing N N 197 
LEU CA  HA   sing N N 198 
LEU C   O    doub N N 199 
LEU C   OXT  sing N N 200 
LEU CB  CG   sing N N 201 
LEU CB  HB2  sing N N 202 
LEU CB  HB3  sing N N 203 
LEU CG  CD1  sing N N 204 
LEU CG  CD2  sing N N 205 
LEU CG  HG   sing N N 206 
LEU CD1 HD11 sing N N 207 
LEU CD1 HD12 sing N N 208 
LEU CD1 HD13 sing N N 209 
LEU CD2 HD21 sing N N 210 
LEU CD2 HD22 sing N N 211 
LEU CD2 HD23 sing N N 212 
LEU OXT HXT  sing N N 213 
LYS N   CA   sing N N 214 
LYS N   H    sing N N 215 
LYS N   H2   sing N N 216 
LYS CA  C    sing N N 217 
LYS CA  CB   sing N N 218 
LYS CA  HA   sing N N 219 
LYS C   O    doub N N 220 
LYS C   OXT  sing N N 221 
LYS CB  CG   sing N N 222 
LYS CB  HB2  sing N N 223 
LYS CB  HB3  sing N N 224 
LYS CG  CD   sing N N 225 
LYS CG  HG2  sing N N 226 
LYS CG  HG3  sing N N 227 
LYS CD  CE   sing N N 228 
LYS CD  HD2  sing N N 229 
LYS CD  HD3  sing N N 230 
LYS CE  NZ   sing N N 231 
LYS CE  HE2  sing N N 232 
LYS CE  HE3  sing N N 233 
LYS NZ  HZ1  sing N N 234 
LYS NZ  HZ2  sing N N 235 
LYS NZ  HZ3  sing N N 236 
LYS OXT HXT  sing N N 237 
MET N   CA   sing N N 238 
MET N   H    sing N N 239 
MET N   H2   sing N N 240 
MET CA  C    sing N N 241 
MET CA  CB   sing N N 242 
MET CA  HA   sing N N 243 
MET C   O    doub N N 244 
MET C   OXT  sing N N 245 
MET CB  CG   sing N N 246 
MET CB  HB2  sing N N 247 
MET CB  HB3  sing N N 248 
MET CG  SD   sing N N 249 
MET CG  HG2  sing N N 250 
MET CG  HG3  sing N N 251 
MET SD  CE   sing N N 252 
MET CE  HE1  sing N N 253 
MET CE  HE2  sing N N 254 
MET CE  HE3  sing N N 255 
MET OXT HXT  sing N N 256 
PHE N   CA   sing N N 257 
PHE N   H    sing N N 258 
PHE N   H2   sing N N 259 
PHE CA  C    sing N N 260 
PHE CA  CB   sing N N 261 
PHE CA  HA   sing N N 262 
PHE C   O    doub N N 263 
PHE C   OXT  sing N N 264 
PHE CB  CG   sing N N 265 
PHE CB  HB2  sing N N 266 
PHE CB  HB3  sing N N 267 
PHE CG  CD1  doub Y N 268 
PHE CG  CD2  sing Y N 269 
PHE CD1 CE1  sing Y N 270 
PHE CD1 HD1  sing N N 271 
PHE CD2 CE2  doub Y N 272 
PHE CD2 HD2  sing N N 273 
PHE CE1 CZ   doub Y N 274 
PHE CE1 HE1  sing N N 275 
PHE CE2 CZ   sing Y N 276 
PHE CE2 HE2  sing N N 277 
PHE CZ  HZ   sing N N 278 
PHE OXT HXT  sing N N 279 
PRO N   CA   sing N N 280 
PRO N   CD   sing N N 281 
PRO N   H    sing N N 282 
PRO CA  C    sing N N 283 
PRO CA  CB   sing N N 284 
PRO CA  HA   sing N N 285 
PRO C   O    doub N N 286 
PRO C   OXT  sing N N 287 
PRO CB  CG   sing N N 288 
PRO CB  HB2  sing N N 289 
PRO CB  HB3  sing N N 290 
PRO CG  CD   sing N N 291 
PRO CG  HG2  sing N N 292 
PRO CG  HG3  sing N N 293 
PRO CD  HD2  sing N N 294 
PRO CD  HD3  sing N N 295 
PRO OXT HXT  sing N N 296 
SER N   CA   sing N N 297 
SER N   H    sing N N 298 
SER N   H2   sing N N 299 
SER CA  C    sing N N 300 
SER CA  CB   sing N N 301 
SER CA  HA   sing N N 302 
SER C   O    doub N N 303 
SER C   OXT  sing N N 304 
SER CB  OG   sing N N 305 
SER CB  HB2  sing N N 306 
SER CB  HB3  sing N N 307 
SER OG  HG   sing N N 308 
SER OXT HXT  sing N N 309 
THR N   CA   sing N N 310 
THR N   H    sing N N 311 
THR N   H2   sing N N 312 
THR CA  C    sing N N 313 
THR CA  CB   sing N N 314 
THR CA  HA   sing N N 315 
THR C   O    doub N N 316 
THR C   OXT  sing N N 317 
THR CB  OG1  sing N N 318 
THR CB  CG2  sing N N 319 
THR CB  HB   sing N N 320 
THR OG1 HG1  sing N N 321 
THR CG2 HG21 sing N N 322 
THR CG2 HG22 sing N N 323 
THR CG2 HG23 sing N N 324 
THR OXT HXT  sing N N 325 
TYR N   CA   sing N N 326 
TYR N   H    sing N N 327 
TYR N   H2   sing N N 328 
TYR CA  C    sing N N 329 
TYR CA  CB   sing N N 330 
TYR CA  HA   sing N N 331 
TYR C   O    doub N N 332 
TYR C   OXT  sing N N 333 
TYR CB  CG   sing N N 334 
TYR CB  HB2  sing N N 335 
TYR CB  HB3  sing N N 336 
TYR CG  CD1  doub Y N 337 
TYR CG  CD2  sing Y N 338 
TYR CD1 CE1  sing Y N 339 
TYR CD1 HD1  sing N N 340 
TYR CD2 CE2  doub Y N 341 
TYR CD2 HD2  sing N N 342 
TYR CE1 CZ   doub Y N 343 
TYR CE1 HE1  sing N N 344 
TYR CE2 CZ   sing Y N 345 
TYR CE2 HE2  sing N N 346 
TYR CZ  OH   sing N N 347 
TYR OH  HH   sing N N 348 
TYR OXT HXT  sing N N 349 
VAL N   CA   sing N N 350 
VAL N   H    sing N N 351 
VAL N   H2   sing N N 352 
VAL CA  C    sing N N 353 
VAL CA  CB   sing N N 354 
VAL CA  HA   sing N N 355 
VAL C   O    doub N N 356 
VAL C   OXT  sing N N 357 
VAL CB  CG1  sing N N 358 
VAL CB  CG2  sing N N 359 
VAL CB  HB   sing N N 360 
VAL CG1 HG11 sing N N 361 
VAL CG1 HG12 sing N N 362 
VAL CG1 HG13 sing N N 363 
VAL CG2 HG21 sing N N 364 
VAL CG2 HG22 sing N N 365 
VAL CG2 HG23 sing N N 366 
VAL OXT HXT  sing N N 367 
# 
_atom_sites.entry_id                    2C4V 
_atom_sites.fract_transf_matrix[1][1]   -0.00036457 
_atom_sites.fract_transf_matrix[1][2]   -0.01001440 
_atom_sites.fract_transf_matrix[1][3]   0.00133826 
_atom_sites.fract_transf_matrix[2][1]   0.00198364 
_atom_sites.fract_transf_matrix[2][2]   0.00124212 
_atom_sites.fract_transf_matrix[2][3]   0.00983537 
_atom_sites.fract_transf_matrix[3][1]   -0.00990678 
_atom_sites.fract_transf_matrix[3][2]   0.00061724 
_atom_sites.fract_transf_matrix[3][3]   0.00192009 
_atom_sites.fract_transf_vector[1]      0.908679 
_atom_sites.fract_transf_vector[2]      -0.317921 
_atom_sites.fract_transf_vector[3]      0.933920 
# 
loop_
_atom_type.symbol 
C 
N 
O 
S 
# 
loop_
_atom_site.group_PDB 
_atom_site.id 
_atom_site.type_symbol 
_atom_site.label_atom_id 
_atom_site.label_alt_id 
_atom_site.label_comp_id 
_atom_site.label_asym_id 
_atom_site.label_entity_id 
_atom_site.label_seq_id 
_atom_site.pdbx_PDB_ins_code 
_atom_site.Cartn_x 
_atom_site.Cartn_y 
_atom_site.Cartn_z 
_atom_site.occupancy 
_atom_site.B_iso_or_equiv 
_atom_site.pdbx_formal_charge 
_atom_site.auth_seq_id 
_atom_site.auth_comp_id 
_atom_site.auth_asym_id 
_atom_site.auth_atom_id 
_atom_site.pdbx_PDB_model_num 
ATOM   1    N N   . MET A 1 1   ? -4.490  7.831   -13.764 1.00 52.97 ? 1    MET A N   1 
ATOM   2    C CA  . MET A 1 1   ? -4.878  7.088   -12.538 1.00 52.41 ? 1    MET A CA  1 
ATOM   3    C C   . MET A 1 1   ? -3.564  6.480   -12.044 1.00 50.73 ? 1    MET A C   1 
ATOM   4    O O   . MET A 1 1   ? -3.295  5.287   -12.208 1.00 50.41 ? 1    MET A O   1 
ATOM   5    C CB  . MET A 1 1   ? -6.053  6.058   -12.783 1.00 53.18 ? 1    MET A CB  1 
ATOM   6    C CG  . MET A 1 1   ? -7.304  6.254   -11.798 1.00 53.96 ? 1    MET A CG  1 
ATOM   7    S SD  . MET A 1 1   ? -8.763  5.135   -11.914 1.00 57.27 ? 1    MET A SD  1 
ATOM   8    C CE  . MET A 1 1   ? -10.261 6.098   -11.517 1.00 55.50 ? 1    MET A CE  1 
ATOM   9    N N   . LYS A 1 2   ? -2.723  7.382   -11.539 1.00 48.87 ? 2    LYS A N   1 
ATOM   10   C CA  . LYS A 1 2   ? -1.509  7.022   -10.803 1.00 47.94 ? 2    LYS A CA  1 
ATOM   11   C C   . LYS A 1 2   ? -1.915  6.440   -9.463  1.00 46.11 ? 2    LYS A C   1 
ATOM   12   O O   . LYS A 1 2   ? -2.521  7.165   -8.639  1.00 45.03 ? 2    LYS A O   1 
ATOM   13   C CB  . LYS A 1 2   ? -0.576  8.230   -10.530 1.00 47.95 ? 2    LYS A CB  1 
ATOM   14   C CG  . LYS A 1 2   ? 0.522   8.536   -11.608 1.00 50.09 ? 2    LYS A CG  1 
ATOM   15   C CD  . LYS A 1 2   ? 0.212   9.815   -12.457 1.00 50.94 ? 2    LYS A CD  1 
ATOM   16   C CE  . LYS A 1 2   ? 0.971   9.825   -13.801 1.00 51.96 ? 2    LYS A CE  1 
ATOM   17   N NZ  . LYS A 1 2   ? 0.587   11.011  -14.665 1.00 53.06 ? 2    LYS A NZ  1 
ATOM   18   N N   . ILE A 1 3   ? -1.621  5.146   -9.272  1.00 44.36 ? 3    ILE A N   1 
ATOM   19   C CA  . ILE A 1 3   ? -1.513  4.574   -7.895  1.00 43.81 ? 3    ILE A CA  1 
ATOM   20   C C   . ILE A 1 3   ? -0.067  4.684   -7.374  1.00 42.63 ? 3    ILE A C   1 
ATOM   21   O O   . ILE A 1 3   ? 0.882   4.351   -8.094  1.00 42.88 ? 3    ILE A O   1 
ATOM   22   C CB  . ILE A 1 3   ? -1.971  3.056   -7.737  1.00 43.30 ? 3    ILE A CB  1 
ATOM   23   C CG1 . ILE A 1 3   ? -3.406  2.784   -8.274  1.00 41.78 ? 3    ILE A CG1 1 
ATOM   24   C CG2 . ILE A 1 3   ? -1.706  2.566   -6.213  1.00 44.12 ? 3    ILE A CG2 1 
ATOM   25   C CD1 . ILE A 1 3   ? -4.426  3.915   -8.176  1.00 39.28 ? 3    ILE A CD1 1 
ATOM   26   N N   . LEU A 1 4   ? 0.092   5.131   -6.131  1.00 41.09 ? 4    LEU A N   1 
ATOM   27   C CA  . LEU A 1 4   ? 1.405   5.263   -5.546  1.00 40.58 ? 4    LEU A CA  1 
ATOM   28   C C   . LEU A 1 4   ? 1.567   4.053   -4.611  1.00 39.33 ? 4    LEU A C   1 
ATOM   29   O O   . LEU A 1 4   ? 0.720   3.758   -3.769  1.00 39.08 ? 4    LEU A O   1 
ATOM   30   C CB  . LEU A 1 4   ? 1.529   6.597   -4.844  1.00 39.60 ? 4    LEU A CB  1 
ATOM   31   C CG  . LEU A 1 4   ? 2.736   6.867   -3.968  1.00 41.36 ? 4    LEU A CG  1 
ATOM   32   C CD1 . LEU A 1 4   ? 4.025   6.847   -4.780  1.00 42.14 ? 4    LEU A CD1 1 
ATOM   33   C CD2 . LEU A 1 4   ? 2.519   8.253   -3.214  1.00 41.44 ? 4    LEU A CD2 1 
ATOM   34   N N   . VAL A 1 5   ? 2.664   3.353   -4.800  1.00 38.42 ? 5    VAL A N   1 
ATOM   35   C CA  . VAL A 1 5   ? 2.932   2.145   -4.064  1.00 38.36 ? 5    VAL A CA  1 
ATOM   36   C C   . VAL A 1 5   ? 4.128   2.469   -3.183  1.00 37.63 ? 5    VAL A C   1 
ATOM   37   O O   . VAL A 1 5   ? 5.264   2.531   -3.701  1.00 36.95 ? 5    VAL A O   1 
ATOM   38   C CB  . VAL A 1 5   ? 3.279   1.026   -5.005  1.00 39.27 ? 5    VAL A CB  1 
ATOM   39   C CG1 . VAL A 1 5   ? 3.514   -0.239  -4.250  1.00 40.09 ? 5    VAL A CG1 1 
ATOM   40   C CG2 . VAL A 1 5   ? 2.192   0.859   -6.089  1.00 39.54 ? 5    VAL A CG2 1 
ATOM   41   N N   . ILE A 1 6   ? 3.854   2.757   -1.882  1.00 35.77 ? 6    ILE A N   1 
ATOM   42   C CA  . ILE A 1 6   ? 4.904   3.065   -0.887  1.00 35.70 ? 6    ILE A CA  1 
ATOM   43   C C   . ILE A 1 6   ? 5.303   1.810   -0.094  1.00 34.98 ? 6    ILE A C   1 
ATOM   44   O O   . ILE A 1 6   ? 4.458   1.057   0.417   1.00 33.79 ? 6    ILE A O   1 
ATOM   45   C CB  . ILE A 1 6   ? 4.465   4.171   0.117   1.00 35.44 ? 6    ILE A CB  1 
ATOM   46   C CG1 . ILE A 1 6   ? 4.079   5.422   -0.626  1.00 35.68 ? 6    ILE A CG1 1 
ATOM   47   C CG2 . ILE A 1 6   ? 5.574   4.443   1.091   1.00 35.71 ? 6    ILE A CG2 1 
ATOM   48   C CD1 . ILE A 1 6   ? 3.122   6.411   0.058   1.00 36.44 ? 6    ILE A CD1 1 
ATOM   49   N N   . GLN A 1 7   ? 6.600   1.593   -0.005  1.00 35.19 ? 7    GLN A N   1 
ATOM   50   C CA  . GLN A 1 7   ? 7.134   0.357   0.586   1.00 35.15 ? 7    GLN A CA  1 
ATOM   51   C C   . GLN A 1 7   ? 8.069   0.828   1.640   1.00 35.52 ? 7    GLN A C   1 
ATOM   52   O O   . GLN A 1 7   ? 8.962   1.638   1.313   1.00 38.48 ? 7    GLN A O   1 
ATOM   53   C CB  . GLN A 1 7   ? 7.958   -0.447  -0.426  1.00 34.40 ? 7    GLN A CB  1 
ATOM   54   C CG  . GLN A 1 7   ? 7.199   -0.876  -1.675  1.00 37.39 ? 7    GLN A CG  1 
ATOM   55   C CD  . GLN A 1 7   ? 6.337   -2.159  -1.488  1.00 38.79 ? 7    GLN A CD  1 
ATOM   56   O OE1 . GLN A 1 7   ? 5.958   -2.493  -0.370  1.00 39.18 ? 7    GLN A OE1 1 
ATOM   57   N NE2 . GLN A 1 7   ? 6.009   -2.836  -2.594  1.00 34.45 ? 7    GLN A NE2 1 
ATOM   58   N N   . GLY A 1 8   ? 7.939   0.309   2.861   1.00 33.99 ? 8    GLY A N   1 
ATOM   59   C CA  . GLY A 1 8   ? 8.818   0.731   3.975   1.00 33.23 ? 8    GLY A CA  1 
ATOM   60   C C   . GLY A 1 8   ? 10.169  0.061   4.268   1.00 31.68 ? 8    GLY A C   1 
ATOM   61   O O   . GLY A 1 8   ? 10.787  -0.618  3.424   1.00 32.48 ? 8    GLY A O   1 
ATOM   62   N N   . PRO A 1 9   ? 10.669  0.234   5.486   1.00 30.01 ? 9    PRO A N   1 
ATOM   63   C CA  . PRO A 1 9   ? 12.044  -0.123  5.760   1.00 29.90 ? 9    PRO A CA  1 
ATOM   64   C C   . PRO A 1 9   ? 12.371  -1.600  5.397   1.00 30.42 ? 9    PRO A C   1 
ATOM   65   O O   . PRO A 1 9   ? 11.533  -2.485  5.604   1.00 29.85 ? 9    PRO A O   1 
ATOM   66   C CB  . PRO A 1 9   ? 12.220  0.237   7.228   1.00 28.78 ? 9    PRO A CB  1 
ATOM   67   C CG  . PRO A 1 9   ? 10.932  0.301   7.804   1.00 28.76 ? 9    PRO A CG  1 
ATOM   68   C CD  . PRO A 1 9   ? 9.981   0.689   6.702   1.00 31.37 ? 9    PRO A CD  1 
ATOM   69   N N   . ASN A 1 10  ? 13.553  -1.859  4.818   1.00 29.80 ? 10   ASN A N   1 
ATOM   70   C CA  . ASN A 1 10  ? 14.087  -3.249  4.674   1.00 29.67 ? 10   ASN A CA  1 
ATOM   71   C C   . ASN A 1 10  ? 13.375  -4.124  3.637   1.00 31.04 ? 10   ASN A C   1 
ATOM   72   O O   . ASN A 1 10  ? 13.803  -5.276  3.345   1.00 30.67 ? 10   ASN A O   1 
ATOM   73   C CB  . ASN A 1 10  ? 14.131  -3.980  5.991   1.00 29.85 ? 10   ASN A CB  1 
ATOM   74   C CG  . ASN A 1 10  ? 15.000  -3.313  7.024   1.00 30.50 ? 10   ASN A CG  1 
ATOM   75   O OD1 . ASN A 1 10  ? 16.215  -3.064  6.781   1.00 33.09 ? 10   ASN A OD1 1 
ATOM   76   N ND2 . ASN A 1 10  ? 14.420  -3.077  8.227   1.00 29.67 ? 10   ASN A ND2 1 
ATOM   77   N N   . LEU A 1 11  ? 12.338  -3.559  3.008   1.00 32.14 ? 11   LEU A N   1 
ATOM   78   C CA  . LEU A 1 11  ? 11.607  -4.263  1.979   1.00 32.65 ? 11   LEU A CA  1 
ATOM   79   C C   . LEU A 1 11  ? 12.347  -4.390  0.659   1.00 33.06 ? 11   LEU A C   1 
ATOM   80   O O   . LEU A 1 11  ? 12.070  -5.279  -0.143  1.00 31.63 ? 11   LEU A O   1 
ATOM   81   C CB  . LEU A 1 11  ? 10.223  -3.615  1.797   1.00 33.96 ? 11   LEU A CB  1 
ATOM   82   C CG  . LEU A 1 11  ? 9.340   -3.945  3.020   1.00 36.05 ? 11   LEU A CG  1 
ATOM   83   C CD1 . LEU A 1 11  ? 8.084   -3.067  3.070   1.00 38.85 ? 11   LEU A CD1 1 
ATOM   84   C CD2 . LEU A 1 11  ? 8.979   -5.431  3.033   1.00 37.15 ? 11   LEU A CD2 1 
ATOM   85   N N   . ASN A 1 12  ? 13.288  -3.483  0.453   1.00 34.11 ? 12   ASN A N   1 
ATOM   86   C CA  . ASN A 1 12  ? 14.226  -3.560  -0.625  1.00 34.40 ? 12   ASN A CA  1 
ATOM   87   C C   . ASN A 1 12  ? 15.178  -4.692  -0.435  1.00 35.91 ? 12   ASN A C   1 
ATOM   88   O O   . ASN A 1 12  ? 15.799  -5.081  -1.387  1.00 37.40 ? 12   ASN A O   1 
ATOM   89   C CB  . ASN A 1 12  ? 15.039  -2.282  -0.789  1.00 32.61 ? 12   ASN A CB  1 
ATOM   90   C CG  . ASN A 1 12  ? 15.730  -1.852  0.461   1.00 33.10 ? 12   ASN A CG  1 
ATOM   91   O OD1 . ASN A 1 12  ? 15.175  -1.895  1.580   1.00 35.04 ? 12   ASN A OD1 1 
ATOM   92   N ND2 . ASN A 1 12  ? 16.918  -1.384  0.304   1.00 23.98 ? 12   ASN A ND2 1 
ATOM   93   N N   . MET A 1 13  ? 15.305  -5.258  0.746   1.00 38.27 ? 13   MET A N   1 
ATOM   94   C CA  . MET A 1 13  ? 16.304  -6.294  0.934   1.00 40.11 ? 13   MET A CA  1 
ATOM   95   C C   . MET A 1 13  ? 15.648  -7.620  1.084   1.00 41.68 ? 13   MET A C   1 
ATOM   96   O O   . MET A 1 13  ? 16.177  -8.473  1.769   1.00 42.65 ? 13   MET A O   1 
ATOM   97   C CB  . MET A 1 13  ? 17.115  -6.037  2.182   1.00 40.47 ? 13   MET A CB  1 
ATOM   98   C CG  . MET A 1 13  ? 17.859  -4.704  2.154   1.00 44.42 ? 13   MET A CG  1 
ATOM   99   S SD  . MET A 1 13  ? 19.492  -4.712  1.338   1.00 48.63 ? 13   MET A SD  1 
ATOM   100  C CE  . MET A 1 13  ? 20.443  -6.094  2.002   1.00 46.35 ? 13   MET A CE  1 
ATOM   101  N N   . LEU A 1 14  ? 14.483  -7.797  0.479   1.00 43.82 ? 14   LEU A N   1 
ATOM   102  C CA  . LEU A 1 14  ? 13.813  -9.085  0.492   1.00 44.95 ? 14   LEU A CA  1 
ATOM   103  C C   . LEU A 1 14  ? 14.608  -10.021 -0.318  1.00 47.90 ? 14   LEU A C   1 
ATOM   104  O O   . LEU A 1 14  ? 15.020  -9.697  -1.474  1.00 48.24 ? 14   LEU A O   1 
ATOM   105  C CB  . LEU A 1 14  ? 12.506  -8.962  -0.213  1.00 44.90 ? 14   LEU A CB  1 
ATOM   106  C CG  . LEU A 1 14  ? 11.400  -8.337  0.596   1.00 44.36 ? 14   LEU A CG  1 
ATOM   107  C CD1 . LEU A 1 14  ? 10.332  -7.953  -0.373  1.00 42.89 ? 14   LEU A CD1 1 
ATOM   108  C CD2 . LEU A 1 14  ? 10.882  -9.355  1.629   1.00 45.39 ? 14   LEU A CD2 1 
ATOM   109  N N   . GLY A 1 15  ? 14.821  -11.225 0.196   1.00 50.45 ? 15   GLY A N   1 
ATOM   110  C CA  . GLY A 1 15  ? 15.749  -12.130 -0.591  1.00 50.24 ? 15   GLY A CA  1 
ATOM   111  C C   . GLY A 1 15  ? 17.172  -11.946 -0.077  1.00 51.12 ? 15   GLY A C   1 
ATOM   112  O O   . GLY A 1 15  ? 18.110  -12.503 -0.607  1.00 51.79 ? 15   GLY A O   1 
ATOM   113  N N   . HIS A 1 16  ? 17.325  -11.115 0.954   1.00 52.67 ? 16   HIS A N   1 
ATOM   114  C CA  . HIS A 1 16  ? 18.336  -11.315 2.020   1.00 53.05 ? 16   HIS A CA  1 
ATOM   115  C C   . HIS A 1 16  ? 17.659  -11.527 3.351   1.00 52.83 ? 16   HIS A C   1 
ATOM   116  O O   . HIS A 1 16  ? 18.330  -11.540 4.389   1.00 52.14 ? 16   HIS A O   1 
ATOM   117  C CB  . HIS A 1 16  ? 19.233  -10.093 2.202   1.00 53.93 ? 16   HIS A CB  1 
ATOM   118  C CG  . HIS A 1 16  ? 20.337  -9.993  1.206   1.00 55.28 ? 16   HIS A CG  1 
ATOM   119  N ND1 . HIS A 1 16  ? 20.140  -9.527  -0.081  1.00 58.37 ? 16   HIS A ND1 1 
ATOM   120  C CD2 . HIS A 1 16  ? 21.659  -10.259 1.318   1.00 57.22 ? 16   HIS A CD2 1 
ATOM   121  C CE1 . HIS A 1 16  ? 21.298  -9.511  -0.717  1.00 57.67 ? 16   HIS A CE1 1 
ATOM   122  N NE2 . HIS A 1 16  ? 22.237  -9.947  0.110   1.00 56.68 ? 16   HIS A NE2 1 
ATOM   123  N N   . ARG A 1 17  ? 16.331  -11.663 3.342   1.00 53.59 ? 17   ARG A N   1 
ATOM   124  C CA  . ARG A 1 17  ? 15.590  -11.815 4.623   1.00 53.88 ? 17   ARG A CA  1 
ATOM   125  C C   . ARG A 1 17  ? 15.204  -13.265 4.815   1.00 54.66 ? 17   ARG A C   1 
ATOM   126  O O   . ARG A 1 17  ? 15.397  -14.080 3.899   1.00 54.19 ? 17   ARG A O   1 
ATOM   127  C CB  . ARG A 1 17  ? 14.367  -10.912 4.698   1.00 53.25 ? 17   ARG A CB  1 
ATOM   128  C CG  . ARG A 1 17  ? 14.701  -9.481  4.401   1.00 52.01 ? 17   ARG A CG  1 
ATOM   129  C CD  . ARG A 1 17  ? 13.530  -8.518  4.626   1.00 53.29 ? 17   ARG A CD  1 
ATOM   130  N NE  . ARG A 1 17  ? 13.176  -8.253  6.046   1.00 50.07 ? 17   ARG A NE  1 
ATOM   131  C CZ  . ARG A 1 17  ? 12.218  -7.455  6.370   1.00 49.04 ? 17   ARG A CZ  1 
ATOM   132  N NH1 . ARG A 1 17  ? 11.549  -6.856  5.401   1.00 53.12 ? 17   ARG A NH1 1 
ATOM   133  N NH2 . ARG A 1 17  ? 11.908  -7.240  7.619   1.00 48.78 ? 17   ARG A NH2 1 
ATOM   134  N N   . ASP A 1 18  ? 14.703  -13.591 6.021   1.00 55.40 ? 18   ASP A N   1 
ATOM   135  C CA  . ASP A 1 18  ? 14.325  -14.983 6.343   1.00 55.29 ? 18   ASP A CA  1 
ATOM   136  C C   . ASP A 1 18  ? 13.346  -15.561 5.247   1.00 55.64 ? 18   ASP A C   1 
ATOM   137  O O   . ASP A 1 18  ? 12.201  -15.109 5.127   1.00 55.93 ? 18   ASP A O   1 
ATOM   138  C CB  . ASP A 1 18  ? 13.757  -15.016 7.781   1.00 55.15 ? 18   ASP A CB  1 
ATOM   139  C CG  . ASP A 1 18  ? 13.549  -16.453 8.351   1.00 55.82 ? 18   ASP A CG  1 
ATOM   140  O OD1 . ASP A 1 18  ? 13.632  -17.523 7.629   1.00 52.23 ? 18   ASP A OD1 1 
ATOM   141  O OD2 . ASP A 1 18  ? 13.234  -16.562 9.568   1.00 60.22 ? 18   ASP A OD2 1 
ATOM   142  N N   . PRO A 1 19  ? 13.780  -16.525 4.427   1.00 56.19 ? 19   PRO A N   1 
ATOM   143  C CA  . PRO A 1 19  ? 12.924  -17.002 3.308   1.00 56.15 ? 19   PRO A CA  1 
ATOM   144  C C   . PRO A 1 19  ? 11.753  -17.883 3.790   1.00 56.50 ? 19   PRO A C   1 
ATOM   145  O O   . PRO A 1 19  ? 10.764  -18.104 3.045   1.00 56.24 ? 19   PRO A O   1 
ATOM   146  C CB  . PRO A 1 19  ? 13.909  -17.768 2.412   1.00 56.14 ? 19   PRO A CB  1 
ATOM   147  C CG  . PRO A 1 19  ? 14.912  -18.283 3.353   1.00 56.05 ? 19   PRO A CG  1 
ATOM   148  C CD  . PRO A 1 19  ? 15.067  -17.242 4.471   1.00 56.02 ? 19   PRO A CD  1 
ATOM   149  N N   . ARG A 1 20  ? 11.862  -18.346 5.034   1.00 56.31 ? 20   ARG A N   1 
ATOM   150  C CA  . ARG A 1 20  ? 10.772  -19.043 5.700   1.00 56.89 ? 20   ARG A CA  1 
ATOM   151  C C   . ARG A 1 20  ? 9.562   -18.116 5.851   1.00 55.29 ? 20   ARG A C   1 
ATOM   152  O O   . ARG A 1 20  ? 8.430   -18.541 5.745   1.00 54.60 ? 20   ARG A O   1 
ATOM   153  C CB  . ARG A 1 20  ? 11.260  -19.562 7.057   1.00 57.42 ? 20   ARG A CB  1 
ATOM   154  C CG  . ARG A 1 20  ? 12.591  -20.405 6.946   1.00 59.93 ? 20   ARG A CG  1 
ATOM   155  C CD  . ARG A 1 20  ? 13.013  -21.067 8.253   1.00 62.55 ? 20   ARG A CD  1 
ATOM   156  N NE  . ARG A 1 20  ? 12.658  -20.213 9.401   1.00 68.19 ? 20   ARG A NE  1 
ATOM   157  C CZ  . ARG A 1 20  ? 13.490  -19.755 10.376  1.00 69.32 ? 20   ARG A CZ  1 
ATOM   158  N NH1 . ARG A 1 20  ? 14.783  -20.088 10.436  1.00 69.13 ? 20   ARG A NH1 1 
ATOM   159  N NH2 . ARG A 1 20  ? 12.987  -18.963 11.334  1.00 69.84 ? 20   ARG A NH2 1 
ATOM   160  N N   . LEU A 1 21  ? 9.822   -16.833 6.015   1.00 54.42 ? 21   LEU A N   1 
ATOM   161  C CA  . LEU A 1 21  ? 8.758   -15.817 6.141   1.00 54.11 ? 21   LEU A CA  1 
ATOM   162  C C   . LEU A 1 21  ? 8.393   -15.143 4.824   1.00 53.18 ? 21   LEU A C   1 
ATOM   163  O O   . LEU A 1 21  ? 7.203   -14.932 4.547   1.00 51.94 ? 21   LEU A O   1 
ATOM   164  C CB  . LEU A 1 21  ? 9.202   -14.711 7.113   1.00 54.29 ? 21   LEU A CB  1 
ATOM   165  C CG  . LEU A 1 21  ? 9.165   -15.050 8.619   1.00 55.12 ? 21   LEU A CG  1 
ATOM   166  C CD1 . LEU A 1 21  ? 10.066  -14.104 9.459   1.00 55.60 ? 21   LEU A CD1 1 
ATOM   167  C CD2 . LEU A 1 21  ? 7.709   -15.048 9.170   1.00 57.54 ? 21   LEU A CD2 1 
ATOM   168  N N   . TYR A 1 22  ? 9.434   -14.842 4.034   1.00 52.63 ? 22   TYR A N   1 
ATOM   169  C CA  . TYR A 1 22  ? 9.405   -13.893 2.920   1.00 52.47 ? 22   TYR A CA  1 
ATOM   170  C C   . TYR A 1 22  ? 9.665   -14.562 1.518   1.00 52.67 ? 22   TYR A C   1 
ATOM   171  O O   . TYR A 1 22  ? 9.780   -13.868 0.464   1.00 51.75 ? 22   TYR A O   1 
ATOM   172  C CB  . TYR A 1 22  ? 10.470  -12.760 3.156   1.00 51.51 ? 22   TYR A CB  1 
ATOM   173  C CG  . TYR A 1 22  ? 10.289  -11.845 4.398   1.00 50.72 ? 22   TYR A CG  1 
ATOM   174  C CD1 . TYR A 1 22  ? 11.250  -11.811 5.429   1.00 48.60 ? 22   TYR A CD1 1 
ATOM   175  C CD2 . TYR A 1 22  ? 9.197   -10.975 4.499   1.00 48.73 ? 22   TYR A CD2 1 
ATOM   176  C CE1 . TYR A 1 22  ? 11.069  -10.986 6.556   1.00 51.44 ? 22   TYR A CE1 1 
ATOM   177  C CE2 . TYR A 1 22  ? 8.981   -10.176 5.621   1.00 48.09 ? 22   TYR A CE2 1 
ATOM   178  C CZ  . TYR A 1 22  ? 9.907   -10.155 6.656   1.00 50.85 ? 22   TYR A CZ  1 
ATOM   179  O OH  . TYR A 1 22  ? 9.718   -9.291  7.761   1.00 48.43 ? 22   TYR A OH  1 
ATOM   180  N N   . GLY A 1 23  ? 9.807   -15.891 1.477   1.00 53.06 ? 23   GLY A N   1 
ATOM   181  C CA  . GLY A 1 23  ? 10.015  -16.569 0.182   1.00 52.52 ? 23   GLY A CA  1 
ATOM   182  C C   . GLY A 1 23  ? 11.300  -16.087 -0.454  1.00 52.73 ? 23   GLY A C   1 
ATOM   183  O O   . GLY A 1 23  ? 12.176  -15.548 0.221   1.00 53.16 ? 23   GLY A O   1 
ATOM   184  N N   . MET A 1 24  ? 11.454  -16.274 -1.757  1.00 53.37 ? 24   MET A N   1 
ATOM   185  C CA  . MET A 1 24  ? 12.761  -15.977 -2.374  1.00 52.98 ? 24   MET A CA  1 
ATOM   186  C C   . MET A 1 24  ? 12.499  -15.000 -3.514  1.00 51.98 ? 24   MET A C   1 
ATOM   187  O O   . MET A 1 24  ? 12.784  -15.266 -4.662  1.00 53.34 ? 24   MET A O   1 
ATOM   188  C CB  . MET A 1 24  ? 13.514  -17.309 -2.723  1.00 53.29 ? 24   MET A CB  1 
ATOM   189  C CG  A MET A 1 24  ? 12.785  -18.149 -3.796  0.70 54.33 ? 24   MET A CG  1 
ATOM   190  C CG  B MET A 1 24  ? 14.654  -17.583 -1.690  0.30 52.37 ? 24   MET A CG  1 
ATOM   191  S SD  A MET A 1 24  ? 13.037  -19.935 -3.481  0.70 56.05 ? 24   MET A SD  1 
ATOM   192  S SD  B MET A 1 24  ? 16.024  -16.427 -1.656  0.30 51.08 ? 24   MET A SD  1 
ATOM   193  C CE  A MET A 1 24  ? 11.973  -20.780 -4.671  0.70 53.75 ? 24   MET A CE  1 
ATOM   194  C CE  B MET A 1 24  ? 17.266  -17.399 -2.516  0.30 50.74 ? 24   MET A CE  1 
ATOM   195  N N   . VAL A 1 25  ? 11.904  -13.869 -3.182  1.00 50.45 ? 25   VAL A N   1 
ATOM   196  C CA  . VAL A 1 25  ? 11.431  -12.917 -4.190  1.00 49.59 ? 25   VAL A CA  1 
ATOM   197  C C   . VAL A 1 25  ? 11.879  -11.535 -3.780  1.00 48.25 ? 25   VAL A C   1 
ATOM   198  O O   . VAL A 1 25  ? 11.929  -11.226 -2.611  1.00 47.15 ? 25   VAL A O   1 
ATOM   199  C CB  . VAL A 1 25  ? 9.870   -12.958 -4.363  1.00 50.06 ? 25   VAL A CB  1 
ATOM   200  C CG1 . VAL A 1 25  ? 9.305   -11.692 -5.055  1.00 50.07 ? 25   VAL A CG1 1 
ATOM   201  C CG2 . VAL A 1 25  ? 9.466   -14.158 -5.152  1.00 50.04 ? 25   VAL A CG2 1 
ATOM   202  N N   . THR A 1 26  ? 12.219  -10.723 -4.773  1.00 47.55 ? 26   THR A N   1 
ATOM   203  C CA  . THR A 1 26  ? 12.674  -9.368  -4.540  1.00 47.50 ? 26   THR A CA  1 
ATOM   204  C C   . THR A 1 26  ? 11.595  -8.326  -4.667  1.00 46.12 ? 26   THR A C   1 
ATOM   205  O O   . THR A 1 26  ? 10.537  -8.539  -5.276  1.00 46.16 ? 26   THR A O   1 
ATOM   206  C CB  . THR A 1 26  ? 13.784  -8.995  -5.561  1.00 48.17 ? 26   THR A CB  1 
ATOM   207  O OG1 . THR A 1 26  ? 13.271  -8.940  -6.921  1.00 48.36 ? 26   THR A OG1 1 
ATOM   208  C CG2 . THR A 1 26  ? 14.926  -10.040 -5.526  1.00 48.55 ? 26   THR A CG2 1 
ATOM   209  N N   . LEU A 1 27  ? 11.911  -7.151  -4.147  1.00 44.95 ? 27   LEU A N   1 
ATOM   210  C CA  . LEU A 1 27  ? 11.029  -5.999  -4.307  1.00 44.02 ? 27   LEU A CA  1 
ATOM   211  C C   . LEU A 1 27  ? 10.787  -5.683  -5.800  1.00 43.88 ? 27   LEU A C   1 
ATOM   212  O O   . LEU A 1 27  ? 9.675   -5.316  -6.175  1.00 43.74 ? 27   LEU A O   1 
ATOM   213  C CB  . LEU A 1 27  ? 11.581  -4.784  -3.583  1.00 43.38 ? 27   LEU A CB  1 
ATOM   214  C CG  . LEU A 1 27  ? 10.605  -3.633  -3.331  1.00 43.43 ? 27   LEU A CG  1 
ATOM   215  C CD1 . LEU A 1 27  ? 9.358   -4.074  -2.539  1.00 39.56 ? 27   LEU A CD1 1 
ATOM   216  C CD2 . LEU A 1 27  ? 11.363  -2.434  -2.635  1.00 43.64 ? 27   LEU A CD2 1 
ATOM   217  N N   . ASP A 1 28  ? 11.799  -5.834  -6.641  1.00 43.22 ? 28   ASP A N   1 
ATOM   218  C CA  . ASP A 1 28  ? 11.593  -5.524  -8.049  1.00 43.47 ? 28   ASP A CA  1 
ATOM   219  C C   . ASP A 1 28  ? 10.669  -6.560  -8.617  1.00 43.20 ? 28   ASP A C   1 
ATOM   220  O O   . ASP A 1 28  ? 9.720   -6.279  -9.338  1.00 43.13 ? 28   ASP A O   1 
ATOM   221  C CB  . ASP A 1 28  ? 12.925  -5.455  -8.782  1.00 42.78 ? 28   ASP A CB  1 
ATOM   222  C CG  . ASP A 1 28  ? 13.744  -4.224  -8.372  1.00 43.66 ? 28   ASP A CG  1 
ATOM   223  O OD1 . ASP A 1 28  ? 13.162  -3.161  -8.037  1.00 43.28 ? 28   ASP A OD1 1 
ATOM   224  O OD2 . ASP A 1 28  ? 14.986  -4.211  -8.350  1.00 45.82 ? 28   ASP A OD2 1 
ATOM   225  N N   . GLN A 1 29  ? 10.917  -7.783  -8.220  1.00 43.48 ? 29   GLN A N   1 
ATOM   226  C CA  . GLN A 1 29  ? 10.071  -8.864  -8.664  1.00 43.01 ? 29   GLN A CA  1 
ATOM   227  C C   . GLN A 1 29  ? 8.604   -8.677  -8.317  1.00 42.24 ? 29   GLN A C   1 
ATOM   228  O O   . GLN A 1 29  ? 7.707   -9.035  -9.095  1.00 41.69 ? 29   GLN A O   1 
ATOM   229  C CB  . GLN A 1 29  ? 10.627  -10.184 -8.146  1.00 43.44 ? 29   GLN A CB  1 
ATOM   230  C CG  . GLN A 1 29  ? 11.852  -10.594 -8.989  1.00 42.88 ? 29   GLN A CG  1 
ATOM   231  C CD  . GLN A 1 29  ? 12.302  -11.955 -8.661  1.00 42.53 ? 29   GLN A CD  1 
ATOM   232  O OE1 . GLN A 1 29  ? 12.595  -12.266 -7.521  1.00 44.07 ? 29   GLN A OE1 1 
ATOM   233  N NE2 . GLN A 1 29  ? 12.312  -12.802 -9.644  1.00 42.79 ? 29   GLN A NE2 1 
ATOM   234  N N   . ILE A 1 30  ? 8.364   -8.074  -7.172  1.00 41.92 ? 30   ILE A N   1 
ATOM   235  C CA  . ILE A 1 30  ? 6.982   -7.815  -6.751  1.00 41.74 ? 30   ILE A CA  1 
ATOM   236  C C   . ILE A 1 30  ? 6.319   -6.799  -7.674  1.00 42.02 ? 30   ILE A C   1 
ATOM   237  O O   . ILE A 1 30  ? 5.199   -7.011  -8.183  1.00 42.55 ? 30   ILE A O   1 
ATOM   238  C CB  . ILE A 1 30  ? 6.933   -7.392  -5.236  1.00 41.79 ? 30   ILE A CB  1 
ATOM   239  C CG1 . ILE A 1 30  ? 7.195   -8.630  -4.359  1.00 41.74 ? 30   ILE A CG1 1 
ATOM   240  C CG2 . ILE A 1 30  ? 5.587   -6.783  -4.831  1.00 41.85 ? 30   ILE A CG2 1 
ATOM   241  C CD1 . ILE A 1 30  ? 7.375   -8.401  -2.895  1.00 38.88 ? 30   ILE A CD1 1 
ATOM   242  N N   . HIS A 1 31  ? 7.049   -5.721  -7.916  1.00 41.57 ? 31   HIS A N   1 
ATOM   243  C CA  . HIS A 1 31  ? 6.554   -4.608  -8.676  1.00 41.95 ? 31   HIS A CA  1 
ATOM   244  C C   . HIS A 1 31  ? 6.306   -4.990  -10.108 1.00 41.47 ? 31   HIS A C   1 
ATOM   245  O O   . HIS A 1 31  ? 5.432   -4.455  -10.706 1.00 40.48 ? 31   HIS A O   1 
ATOM   246  C CB  . HIS A 1 31  ? 7.544   -3.476  -8.576  1.00 41.87 ? 31   HIS A CB  1 
ATOM   247  C CG  . HIS A 1 31  ? 7.675   -2.918  -7.188  1.00 42.19 ? 31   HIS A CG  1 
ATOM   248  N ND1 . HIS A 1 31  ? 8.808   -2.267  -6.754  1.00 44.25 ? 31   HIS A ND1 1 
ATOM   249  C CD2 . HIS A 1 31  ? 6.823   -2.924  -6.127  1.00 44.76 ? 31   HIS A CD2 1 
ATOM   250  C CE1 . HIS A 1 31  ? 8.642   -1.874  -5.495  1.00 44.65 ? 31   HIS A CE1 1 
ATOM   251  N NE2 . HIS A 1 31  ? 7.440   -2.257  -5.092  1.00 44.19 ? 31   HIS A NE2 1 
ATOM   252  N N   . GLU A 1 32  ? 7.026   -5.967  -10.634 1.00 42.30 ? 32   GLU A N   1 
ATOM   253  C CA  . GLU A 1 32  ? 6.671   -6.474  -11.979 1.00 44.11 ? 32   GLU A CA  1 
ATOM   254  C C   . GLU A 1 32  ? 5.370   -7.265  -11.975 1.00 43.10 ? 32   GLU A C   1 
ATOM   255  O O   . GLU A 1 32  ? 4.531   -7.115  -12.848 1.00 43.00 ? 32   GLU A O   1 
ATOM   256  C CB  . GLU A 1 32  ? 7.798   -7.296  -12.689 1.00 44.54 ? 32   GLU A CB  1 
ATOM   257  C CG  . GLU A 1 32  ? 8.971   -7.753  -11.805 1.00 47.89 ? 32   GLU A CG  1 
ATOM   258  C CD  . GLU A 1 32  ? 10.211  -8.173  -12.612 1.00 48.50 ? 32   GLU A CD  1 
ATOM   259  O OE1 . GLU A 1 32  ? 10.228  -9.357  -13.034 1.00 54.93 ? 32   GLU A OE1 1 
ATOM   260  O OE2 . GLU A 1 32  ? 11.166  -7.336  -12.807 1.00 50.78 ? 32   GLU A OE2 1 
ATOM   261  N N   . ILE A 1 33  ? 5.232   -8.149  -11.020 1.00 42.45 ? 33   ILE A N   1 
ATOM   262  C CA  . ILE A 1 33  ? 3.999   -8.848  -10.886 1.00 41.91 ? 33   ILE A CA  1 
ATOM   263  C C   . ILE A 1 33  ? 2.837   -7.841  -10.849 1.00 41.80 ? 33   ILE A C   1 
ATOM   264  O O   . ILE A 1 33  ? 1.746   -8.111  -11.366 1.00 41.57 ? 33   ILE A O   1 
ATOM   265  C CB  . ILE A 1 33  ? 4.030   -9.637  -9.599  1.00 42.09 ? 33   ILE A CB  1 
ATOM   266  C CG1 . ILE A 1 33  ? 5.029   -10.811 -9.689  1.00 42.26 ? 33   ILE A CG1 1 
ATOM   267  C CG2 . ILE A 1 33  ? 2.623   -10.099 -9.223  1.00 42.17 ? 33   ILE A CG2 1 
ATOM   268  C CD1 . ILE A 1 33  ? 5.448   -11.394 -8.259  1.00 41.76 ? 33   ILE A CD1 1 
ATOM   269  N N   . MET A 1 34  ? 3.056   -6.705  -10.208 1.00 41.67 ? 34   MET A N   1 
ATOM   270  C CA  . MET A 1 34  ? 2.001   -5.708  -10.074 1.00 41.84 ? 34   MET A CA  1 
ATOM   271  C C   . MET A 1 34  ? 1.591   -5.066  -11.411 1.00 42.01 ? 34   MET A C   1 
ATOM   272  O O   . MET A 1 34  ? 0.406   -4.790  -11.655 1.00 42.17 ? 34   MET A O   1 
ATOM   273  C CB  . MET A 1 34  ? 2.407   -4.628  -9.067  1.00 41.29 ? 34   MET A CB  1 
ATOM   274  C CG  . MET A 1 34  ? 2.461   -5.191  -7.709  1.00 41.24 ? 34   MET A CG  1 
ATOM   275  S SD  . MET A 1 34  ? 2.733   -4.040  -6.351  1.00 40.27 ? 34   MET A SD  1 
ATOM   276  C CE  . MET A 1 34  ? 1.312   -2.941  -6.320  1.00 31.84 ? 34   MET A CE  1 
ATOM   277  N N   . GLN A 1 35  ? 2.574   -4.820  -12.268 1.00 42.62 ? 35   GLN A N   1 
ATOM   278  C CA  . GLN A 1 35  ? 2.332   -4.230  -13.604 1.00 42.12 ? 35   GLN A CA  1 
ATOM   279  C C   . GLN A 1 35  ? 1.710   -5.249  -14.519 1.00 41.88 ? 35   GLN A C   1 
ATOM   280  O O   . GLN A 1 35  ? 0.722   -4.968  -15.200 1.00 42.29 ? 35   GLN A O   1 
ATOM   281  C CB  . GLN A 1 35  ? 3.653   -3.788  -14.181 1.00 42.94 ? 35   GLN A CB  1 
ATOM   282  C CG  . GLN A 1 35  ? 4.331   -2.737  -13.303 1.00 44.42 ? 35   GLN A CG  1 
ATOM   283  C CD  . GLN A 1 35  ? 4.230   -1.335  -13.902 1.00 48.99 ? 35   GLN A CD  1 
ATOM   284  O OE1 . GLN A 1 35  ? 5.186   -0.531  -13.732 1.00 48.78 ? 35   GLN A OE1 1 
ATOM   285  N NE2 . GLN A 1 35  ? 3.098   -1.034  -14.641 1.00 49.24 ? 35   GLN A NE2 1 
ATOM   286  N N   . THR A 1 36  ? 2.334   -6.430  -14.527 1.00 41.14 ? 36   THR A N   1 
ATOM   287  C CA  . THR A 1 36  ? 1.818   -7.635  -15.171 1.00 40.70 ? 36   THR A CA  1 
ATOM   288  C C   . THR A 1 36  ? 0.378   -7.959  -14.781 1.00 39.76 ? 36   THR A C   1 
ATOM   289  O O   . THR A 1 36  ? -0.411  -8.394  -15.606 1.00 38.73 ? 36   THR A O   1 
ATOM   290  C CB  . THR A 1 36  ? 2.792   -8.826  -14.894 1.00 41.41 ? 36   THR A CB  1 
ATOM   291  O OG1 . THR A 1 36  ? 4.047   -8.577  -15.573 1.00 41.23 ? 36   THR A OG1 1 
ATOM   292  C CG2 . THR A 1 36  ? 2.302   -10.129 -15.544 1.00 41.50 ? 36   THR A CG2 1 
ATOM   293  N N   . PHE A 1 37  ? 0.024   -7.686  -13.535 1.00 39.15 ? 37   PHE A N   1 
ATOM   294  C CA  . PHE A 1 37  ? -1.366  -7.730  -13.122 1.00 39.63 ? 37   PHE A CA  1 
ATOM   295  C C   . PHE A 1 37  ? -2.219  -6.617  -13.798 1.00 40.37 ? 37   PHE A C   1 
ATOM   296  O O   . PHE A 1 37  ? -3.293  -6.906  -14.435 1.00 39.26 ? 37   PHE A O   1 
ATOM   297  C CB  . PHE A 1 37  ? -1.454  -7.661  -11.595 1.00 38.52 ? 37   PHE A CB  1 
ATOM   298  C CG  . PHE A 1 37  ? -2.833  -7.775  -11.087 1.00 37.58 ? 37   PHE A CG  1 
ATOM   299  C CD1 . PHE A 1 37  ? -3.447  -9.020  -11.033 1.00 35.12 ? 37   PHE A CD1 1 
ATOM   300  C CD2 . PHE A 1 37  ? -3.548  -6.628  -10.704 1.00 36.44 ? 37   PHE A CD2 1 
ATOM   301  C CE1 . PHE A 1 37  ? -4.752  -9.175  -10.561 1.00 35.98 ? 37   PHE A CE1 1 
ATOM   302  C CE2 . PHE A 1 37  ? -4.874  -6.750  -10.213 1.00 37.95 ? 37   PHE A CE2 1 
ATOM   303  C CZ  . PHE A 1 37  ? -5.488  -8.051  -10.170 1.00 37.23 ? 37   PHE A CZ  1 
ATOM   304  N N   . VAL A 1 38  ? -1.730  -5.372  -13.713 1.00 41.18 ? 38   VAL A N   1 
ATOM   305  C CA  . VAL A 1 38  ? -2.378  -4.251  -14.418 1.00 42.50 ? 38   VAL A CA  1 
ATOM   306  C C   . VAL A 1 38  ? -2.421  -4.413  -15.939 1.00 44.25 ? 38   VAL A C   1 
ATOM   307  O O   . VAL A 1 38  ? -3.497  -4.343  -16.548 1.00 44.22 ? 38   VAL A O   1 
ATOM   308  C CB  . VAL A 1 38  ? -1.688  -2.929  -14.098 1.00 42.00 ? 38   VAL A CB  1 
ATOM   309  C CG1 . VAL A 1 38  ? -2.051  -1.818  -15.075 1.00 41.14 ? 38   VAL A CG1 1 
ATOM   310  C CG2 . VAL A 1 38  ? -2.064  -2.499  -12.710 1.00 43.26 ? 38   VAL A CG2 1 
ATOM   311  N N   . LYS A 1 39  ? -1.234  -4.566  -16.534 1.00 46.24 ? 39   LYS A N   1 
ATOM   312  C CA  . LYS A 1 39  ? -1.054  -4.690  -17.994 1.00 47.07 ? 39   LYS A CA  1 
ATOM   313  C C   . LYS A 1 39  ? -2.055  -5.692  -18.466 1.00 47.80 ? 39   LYS A C   1 
ATOM   314  O O   . LYS A 1 39  ? -2.838  -5.370  -19.324 1.00 48.49 ? 39   LYS A O   1 
ATOM   315  C CB  . LYS A 1 39  ? 0.364   -5.206  -18.341 1.00 48.06 ? 39   LYS A CB  1 
ATOM   316  C CG  . LYS A 1 39  ? 1.124   -4.576  -19.562 1.00 47.25 ? 39   LYS A CG  1 
ATOM   317  C CD  . LYS A 1 39  ? 2.660   -4.999  -19.570 1.00 48.12 ? 39   LYS A CD  1 
ATOM   318  C CE  . LYS A 1 39  ? 3.456   -4.906  -18.189 1.00 49.57 ? 39   LYS A CE  1 
ATOM   319  N NZ  . LYS A 1 39  ? 4.048   -3.562  -17.910 1.00 50.72 ? 39   LYS A NZ  1 
ATOM   320  N N   . GLN A 1 40  ? -2.048  -6.886  -17.859 1.00 49.31 ? 40   GLN A N   1 
ATOM   321  C CA  . GLN A 1 40  ? -3.030  -7.926  -18.144 1.00 49.18 ? 40   GLN A CA  1 
ATOM   322  C C   . GLN A 1 40  ? -4.455  -7.417  -17.942 1.00 49.50 ? 40   GLN A C   1 
ATOM   323  O O   . GLN A 1 40  ? -5.143  -7.117  -18.923 1.00 50.42 ? 40   GLN A O   1 
ATOM   324  C CB  . GLN A 1 40  ? -2.786  -9.203  -17.338 1.00 49.47 ? 40   GLN A CB  1 
ATOM   325  C CG  . GLN A 1 40  ? -3.325  -10.499 -18.009 1.00 51.58 ? 40   GLN A CG  1 
ATOM   326  C CD  . GLN A 1 40  ? -4.842  -10.786 -17.816 1.00 56.18 ? 40   GLN A CD  1 
ATOM   327  O OE1 . GLN A 1 40  ? -5.441  -11.638 -18.556 1.00 57.17 ? 40   GLN A OE1 1 
ATOM   328  N NE2 . GLN A 1 40  ? -5.462  -10.095 -16.837 1.00 55.87 ? 40   GLN A NE2 1 
ATOM   329  N N   . GLY A 1 41  ? -4.904  -7.275  -16.707 1.00 49.77 ? 41   GLY A N   1 
ATOM   330  C CA  . GLY A 1 41  ? -6.305  -6.894  -16.444 1.00 50.06 ? 41   GLY A CA  1 
ATOM   331  C C   . GLY A 1 41  ? -6.863  -5.831  -17.387 1.00 50.33 ? 41   GLY A C   1 
ATOM   332  O O   . GLY A 1 41  ? -8.048  -5.868  -17.769 1.00 51.68 ? 41   GLY A O   1 
ATOM   333  N N   . ASN A 1 42  ? -5.983  -4.926  -17.807 1.00 50.12 ? 42   ASN A N   1 
ATOM   334  C CA  . ASN A 1 42  ? -6.312  -3.791  -18.679 1.00 49.91 ? 42   ASN A CA  1 
ATOM   335  C C   . ASN A 1 42  ? -6.989  -2.733  -17.841 1.00 50.09 ? 42   ASN A C   1 
ATOM   336  O O   . ASN A 1 42  ? -8.053  -2.227  -18.177 1.00 50.74 ? 42   ASN A O   1 
ATOM   337  C CB  . ASN A 1 42  ? -7.133  -4.178  -19.936 1.00 49.61 ? 42   ASN A CB  1 
ATOM   338  C CG  . ASN A 1 42  ? -6.251  -4.438  -21.146 1.00 48.14 ? 42   ASN A CG  1 
ATOM   339  O OD1 . ASN A 1 42  ? -5.391  -3.607  -21.522 1.00 42.81 ? 42   ASN A OD1 1 
ATOM   340  N ND2 . ASN A 1 42  ? -6.447  -5.598  -21.756 1.00 45.48 ? 42   ASN A ND2 1 
ATOM   341  N N   . LEU A 1 43  ? -6.334  -2.420  -16.739 1.00 50.06 ? 43   LEU A N   1 
ATOM   342  C CA  . LEU A 1 43  ? -6.713  -1.327  -15.904 1.00 49.98 ? 43   LEU A CA  1 
ATOM   343  C C   . LEU A 1 43  ? -5.843  -0.141  -16.434 1.00 50.56 ? 43   LEU A C   1 
ATOM   344  O O   . LEU A 1 43  ? -4.692  -0.374  -16.863 1.00 51.43 ? 43   LEU A O   1 
ATOM   345  C CB  . LEU A 1 43  ? -6.431  -1.730  -14.461 1.00 50.35 ? 43   LEU A CB  1 
ATOM   346  C CG  . LEU A 1 43  ? -6.484  -3.249  -14.072 1.00 50.22 ? 43   LEU A CG  1 
ATOM   347  C CD1 . LEU A 1 43  ? -5.598  -3.531  -12.834 1.00 51.19 ? 43   LEU A CD1 1 
ATOM   348  C CD2 . LEU A 1 43  ? -7.900  -3.844  -13.813 1.00 49.87 ? 43   LEU A CD2 1 
ATOM   349  N N   . ASP A 1 44  ? -6.422  1.080   -16.545 1.00 50.16 ? 44   ASP A N   1 
ATOM   350  C CA  . ASP A 1 44  ? -5.663  2.329   -16.902 1.00 48.98 ? 44   ASP A CA  1 
ATOM   351  C C   . ASP A 1 44  ? -5.306  2.833   -15.485 1.00 48.37 ? 44   ASP A C   1 
ATOM   352  O O   . ASP A 1 44  ? -5.898  3.736   -14.879 1.00 47.99 ? 44   ASP A O   1 
ATOM   353  C CB  . ASP A 1 44  ? -6.381  3.346   -17.892 1.00 48.56 ? 44   ASP A CB  1 
ATOM   354  C CG  A ASP A 1 44  ? -6.825  4.667   -17.190 0.50 47.33 ? 44   ASP A CG  1 
ATOM   355  C CG  B ASP A 1 44  ? -6.469  2.780   -19.325 0.50 48.17 ? 44   ASP A CG  1 
ATOM   356  O OD1 A ASP A 1 44  ? -8.007  4.792   -16.786 0.50 44.09 ? 44   ASP A OD1 1 
ATOM   357  O OD1 B ASP A 1 44  ? -6.270  1.562   -19.492 0.50 46.67 ? 44   ASP A OD1 1 
ATOM   358  O OD2 A ASP A 1 44  ? -6.064  5.648   -17.028 0.50 44.99 ? 44   ASP A OD2 1 
ATOM   359  O OD2 B ASP A 1 44  ? -6.748  3.462   -20.346 0.50 48.60 ? 44   ASP A OD2 1 
ATOM   360  N N   . VAL A 1 45  ? -4.353  2.096   -14.949 1.00 47.32 ? 45   VAL A N   1 
ATOM   361  C CA  . VAL A 1 45  ? -3.663  2.452   -13.778 1.00 46.70 ? 45   VAL A CA  1 
ATOM   362  C C   . VAL A 1 45  ? -2.212  2.691   -14.188 1.00 45.89 ? 45   VAL A C   1 
ATOM   363  O O   . VAL A 1 45  ? -1.618  1.833   -14.837 1.00 45.65 ? 45   VAL A O   1 
ATOM   364  C CB  . VAL A 1 45  ? -3.734  1.265   -12.835 1.00 47.65 ? 45   VAL A CB  1 
ATOM   365  C CG1 . VAL A 1 45  ? -2.590  1.323   -11.805 1.00 49.45 ? 45   VAL A CG1 1 
ATOM   366  C CG2 . VAL A 1 45  ? -5.115  1.197   -12.161 1.00 47.80 ? 45   VAL A CG2 1 
ATOM   367  N N   . GLU A 1 46  ? -1.641  3.832   -13.820 1.00 44.73 ? 46   GLU A N   1 
ATOM   368  C CA  . GLU A 1 46  ? -0.192  3.943   -13.797 1.00 44.33 ? 46   GLU A CA  1 
ATOM   369  C C   . GLU A 1 46  ? 0.301   3.731   -12.382 1.00 43.39 ? 46   GLU A C   1 
ATOM   370  O O   . GLU A 1 46  ? -0.094  4.429   -11.467 1.00 43.37 ? 46   GLU A O   1 
ATOM   371  C CB  . GLU A 1 46  ? 0.267   5.302   -14.273 1.00 45.15 ? 46   GLU A CB  1 
ATOM   372  C CG  . GLU A 1 46  ? -0.025  5.562   -15.748 1.00 48.33 ? 46   GLU A CG  1 
ATOM   373  C CD  . GLU A 1 46  ? -1.500  5.871   -16.022 1.00 51.93 ? 46   GLU A CD  1 
ATOM   374  O OE1 . GLU A 1 46  ? -2.047  5.314   -17.011 1.00 57.35 ? 46   GLU A OE1 1 
ATOM   375  O OE2 . GLU A 1 46  ? -2.117  6.669   -15.266 1.00 51.76 ? 46   GLU A OE2 1 
ATOM   376  N N   . LEU A 1 47  ? 1.170   2.756   -12.184 1.00 42.39 ? 47   LEU A N   1 
ATOM   377  C CA  . LEU A 1 47  ? 1.776   2.548   -10.869 1.00 41.17 ? 47   LEU A CA  1 
ATOM   378  C C   . LEU A 1 47  ? 3.026   3.380   -10.762 1.00 40.08 ? 47   LEU A C   1 
ATOM   379  O O   . LEU A 1 47  ? 3.766   3.511   -11.725 1.00 39.77 ? 47   LEU A O   1 
ATOM   380  C CB  . LEU A 1 47  ? 2.127   1.072   -10.656 1.00 41.06 ? 47   LEU A CB  1 
ATOM   381  C CG  . LEU A 1 47  ? 0.915   0.156   -10.850 1.00 41.05 ? 47   LEU A CG  1 
ATOM   382  C CD1 . LEU A 1 47  ? 1.327   -1.275  -10.751 1.00 43.04 ? 47   LEU A CD1 1 
ATOM   383  C CD2 . LEU A 1 47  ? -0.158  0.433   -9.820  1.00 40.29 ? 47   LEU A CD2 1 
ATOM   384  N N   . GLU A 1 48  ? 3.236   3.953   -9.582  1.00 39.79 ? 48   GLU A N   1 
ATOM   385  C CA  . GLU A 1 48  ? 4.510   4.532   -9.147  1.00 38.86 ? 48   GLU A CA  1 
ATOM   386  C C   . GLU A 1 48  ? 4.921   3.849   -7.865  1.00 36.59 ? 48   GLU A C   1 
ATOM   387  O O   . GLU A 1 48  ? 4.065   3.538   -7.033  1.00 37.11 ? 48   GLU A O   1 
ATOM   388  C CB  . GLU A 1 48  ? 4.389   6.017   -8.823  1.00 38.92 ? 48   GLU A CB  1 
ATOM   389  C CG  . GLU A 1 48  ? 5.755   6.697   -8.642  1.00 41.76 ? 48   GLU A CG  1 
ATOM   390  C CD  . GLU A 1 48  ? 5.672   7.993   -7.839  1.00 45.39 ? 48   GLU A CD  1 
ATOM   391  O OE1 . GLU A 1 48  ? 4.996   8.939   -8.378  1.00 49.26 ? 48   GLU A OE1 1 
ATOM   392  O OE2 . GLU A 1 48  ? 6.280   8.047   -6.677  1.00 56.16 ? 48   GLU A OE2 1 
ATOM   393  N N   . PHE A 1 49  ? 6.225   3.684   -7.719  1.00 34.10 ? 49   PHE A N   1 
ATOM   394  C CA  . PHE A 1 49  ? 6.855   2.830   -6.740  1.00 33.92 ? 49   PHE A CA  1 
ATOM   395  C C   . PHE A 1 49  ? 7.797   3.734   -5.977  1.00 33.84 ? 49   PHE A C   1 
ATOM   396  O O   . PHE A 1 49  ? 8.517   4.540   -6.602  1.00 35.18 ? 49   PHE A O   1 
ATOM   397  C CB  . PHE A 1 49  ? 7.629   1.660   -7.405  1.00 32.37 ? 49   PHE A CB  1 
ATOM   398  C CG  . PHE A 1 49  ? 6.743   0.676   -8.129  1.00 30.52 ? 49   PHE A CG  1 
ATOM   399  C CD1 . PHE A 1 49  ? 5.748   -0.024  -7.446  1.00 33.15 ? 49   PHE A CD1 1 
ATOM   400  C CD2 . PHE A 1 49  ? 6.843   0.477   -9.457  1.00 32.02 ? 49   PHE A CD2 1 
ATOM   401  C CE1 . PHE A 1 49  ? 4.900   -0.942  -8.091  1.00 32.24 ? 49   PHE A CE1 1 
ATOM   402  C CE2 . PHE A 1 49  ? 5.987   -0.433  -10.105 1.00 33.69 ? 49   PHE A CE2 1 
ATOM   403  C CZ  . PHE A 1 49  ? 4.999   -1.134  -9.387  1.00 31.91 ? 49   PHE A CZ  1 
ATOM   404  N N   . PHE A 1 50  ? 7.788   3.628   -4.647  1.00 32.98 ? 50   PHE A N   1 
ATOM   405  C CA  . PHE A 1 50  ? 8.720   4.381   -3.851  1.00 32.89 ? 50   PHE A CA  1 
ATOM   406  C C   . PHE A 1 50  ? 9.092   3.606   -2.585  1.00 32.22 ? 50   PHE A C   1 
ATOM   407  O O   . PHE A 1 50  ? 8.243   3.417   -1.753  1.00 31.64 ? 50   PHE A O   1 
ATOM   408  C CB  . PHE A 1 50  ? 8.042   5.669   -3.435  1.00 33.08 ? 50   PHE A CB  1 
ATOM   409  C CG  . PHE A 1 50  ? 8.848   6.489   -2.529  1.00 31.33 ? 50   PHE A CG  1 
ATOM   410  C CD1 . PHE A 1 50  ? 9.960   7.168   -3.015  1.00 32.30 ? 50   PHE A CD1 1 
ATOM   411  C CD2 . PHE A 1 50  ? 8.480   6.629   -1.188  1.00 34.33 ? 50   PHE A CD2 1 
ATOM   412  C CE1 . PHE A 1 50  ? 10.734  7.978   -2.179  1.00 32.21 ? 50   PHE A CE1 1 
ATOM   413  C CE2 . PHE A 1 50  ? 9.244   7.417   -0.305  1.00 33.37 ? 50   PHE A CE2 1 
ATOM   414  C CZ  . PHE A 1 50  ? 10.375  8.125   -0.843  1.00 32.43 ? 50   PHE A CZ  1 
ATOM   415  N N   . GLN A 1 51  ? 10.342  3.166   -2.457  1.00 31.95 ? 51   GLN A N   1 
ATOM   416  C CA  . GLN A 1 51  ? 10.791  2.482   -1.249  1.00 32.53 ? 51   GLN A CA  1 
ATOM   417  C C   . GLN A 1 51  ? 11.668  3.398   -0.406  1.00 33.03 ? 51   GLN A C   1 
ATOM   418  O O   . GLN A 1 51  ? 12.337  4.267   -0.957  1.00 33.35 ? 51   GLN A O   1 
ATOM   419  C CB  . GLN A 1 51  ? 11.538  1.191   -1.576  1.00 32.49 ? 51   GLN A CB  1 
ATOM   420  C CG  . GLN A 1 51  ? 11.738  0.288   -0.327  1.00 33.16 ? 51   GLN A CG  1 
ATOM   421  C CD  . GLN A 1 51  ? 12.953  0.632   0.458   1.00 34.34 ? 51   GLN A CD  1 
ATOM   422  O OE1 . GLN A 1 51  ? 13.951  1.060   -0.137  1.00 31.31 ? 51   GLN A OE1 1 
ATOM   423  N NE2 . GLN A 1 51  ? 12.897  0.459   1.826   1.00 41.74 ? 51   GLN A NE2 1 
ATOM   424  N N   . THR A 1 52  ? 11.634  3.241   0.927   1.00 32.21 ? 52   THR A N   1 
ATOM   425  C CA  . THR A 1 52  ? 12.486  4.075   1.834   1.00 30.66 ? 52   THR A CA  1 
ATOM   426  C C   . THR A 1 52  ? 12.486  3.470   3.219   1.00 28.30 ? 52   THR A C   1 
ATOM   427  O O   . THR A 1 52  ? 11.532  2.863   3.639   1.00 27.37 ? 52   THR A O   1 
ATOM   428  C CB  . THR A 1 52  ? 11.937  5.510   1.952   1.00 31.40 ? 52   THR A CB  1 
ATOM   429  O OG1 . THR A 1 52  ? 12.741  6.336   2.823   1.00 30.32 ? 52   THR A OG1 1 
ATOM   430  C CG2 . THR A 1 52  ? 10.571  5.481   2.656   1.00 31.63 ? 52   THR A CG2 1 
ATOM   431  N N   . ASN A 1 53  ? 13.599  3.653   3.870   1.00 27.94 ? 53   ASN A N   1 
ATOM   432  C CA  . ASN A 1 53  ? 13.884  3.221   5.235   1.00 28.52 ? 53   ASN A CA  1 
ATOM   433  C C   . ASN A 1 53  ? 13.653  4.381   6.222   1.00 28.29 ? 53   ASN A C   1 
ATOM   434  O O   . ASN A 1 53  ? 13.861  4.236   7.423   1.00 29.10 ? 53   ASN A O   1 
ATOM   435  C CB  . ASN A 1 53  ? 15.364  2.684   5.349   1.00 26.54 ? 53   ASN A CB  1 
ATOM   436  C CG  . ASN A 1 53  ? 15.651  1.570   4.415   1.00 24.81 ? 53   ASN A CG  1 
ATOM   437  O OD1 . ASN A 1 53  ? 14.818  0.703   4.187   1.00 26.40 ? 53   ASN A OD1 1 
ATOM   438  N ND2 . ASN A 1 53  ? 16.854  1.579   3.840   1.00 22.03 ? 53   ASN A ND2 1 
ATOM   439  N N   . PHE A 1 54  ? 13.156  5.512   5.746   1.00 29.70 ? 54   PHE A N   1 
ATOM   440  C CA  . PHE A 1 54  ? 12.964  6.680   6.644   1.00 30.57 ? 54   PHE A CA  1 
ATOM   441  C C   . PHE A 1 54  ? 11.496  6.899   6.809   1.00 31.72 ? 54   PHE A C   1 
ATOM   442  O O   . PHE A 1 54  ? 10.806  7.115   5.810   1.00 33.08 ? 54   PHE A O   1 
ATOM   443  C CB  . PHE A 1 54  ? 13.503  8.036   6.132   1.00 28.96 ? 54   PHE A CB  1 
ATOM   444  C CG  . PHE A 1 54  ? 14.983  8.075   5.831   1.00 26.51 ? 54   PHE A CG  1 
ATOM   445  C CD1 . PHE A 1 54  ? 15.533  7.295   4.789   1.00 27.37 ? 54   PHE A CD1 1 
ATOM   446  C CD2 . PHE A 1 54  ? 15.787  8.981   6.473   1.00 25.09 ? 54   PHE A CD2 1 
ATOM   447  C CE1 . PHE A 1 54  ? 16.880  7.342   4.518   1.00 25.06 ? 54   PHE A CE1 1 
ATOM   448  C CE2 . PHE A 1 54  ? 17.174  9.102   6.162   1.00 25.25 ? 54   PHE A CE2 1 
ATOM   449  C CZ  . PHE A 1 54  ? 17.706  8.277   5.217   1.00 26.15 ? 54   PHE A CZ  1 
ATOM   450  N N   . GLU A 1 55  ? 11.078  6.962   8.070   1.00 32.05 ? 55   GLU A N   1 
ATOM   451  C CA  . GLU A 1 55  ? 9.764   7.417   8.408   1.00 32.36 ? 55   GLU A CA  1 
ATOM   452  C C   . GLU A 1 55  ? 9.361   8.754   7.728   1.00 32.08 ? 55   GLU A C   1 
ATOM   453  O O   . GLU A 1 55  ? 8.311   8.849   7.053   1.00 32.39 ? 55   GLU A O   1 
ATOM   454  C CB  . GLU A 1 55  ? 9.674   7.448   9.919   1.00 32.75 ? 55   GLU A CB  1 
ATOM   455  C CG  . GLU A 1 55  ? 8.273   7.691   10.399  1.00 32.37 ? 55   GLU A CG  1 
ATOM   456  C CD  . GLU A 1 55  ? 8.155   7.835   11.911  1.00 31.99 ? 55   GLU A CD  1 
ATOM   457  O OE1 . GLU A 1 55  ? 9.136   8.254   12.611  1.00 37.89 ? 55   GLU A OE1 1 
ATOM   458  O OE2 . GLU A 1 55  ? 7.024   7.609   12.437  1.00 34.38 ? 55   GLU A OE2 1 
ATOM   459  N N   . GLY A 1 56  ? 10.175  9.788   7.826   1.00 32.29 ? 56   GLY A N   1 
ATOM   460  C CA  . GLY A 1 56  ? 9.758   11.080  7.237   1.00 32.03 ? 56   GLY A CA  1 
ATOM   461  C C   . GLY A 1 56  ? 9.668   11.081  5.730   1.00 32.34 ? 56   GLY A C   1 
ATOM   462  O O   . GLY A 1 56  ? 8.982   11.952  5.094   1.00 32.98 ? 56   GLY A O   1 
ATOM   463  N N   . GLU A 1 57  ? 10.396  10.173  5.097   1.00 32.93 ? 57   GLU A N   1 
ATOM   464  C CA  . GLU A 1 57  ? 10.287  10.117  3.619   1.00 33.64 ? 57   GLU A CA  1 
ATOM   465  C C   . GLU A 1 57  ? 8.906   9.550   3.300   1.00 33.80 ? 57   GLU A C   1 
ATOM   466  O O   . GLU A 1 57  ? 8.293   9.971   2.341   1.00 34.11 ? 57   GLU A O   1 
ATOM   467  C CB  . GLU A 1 57  ? 11.405  9.310   2.919   1.00 33.71 ? 57   GLU A CB  1 
ATOM   468  C CG  . GLU A 1 57  ? 12.628  10.186  2.619   1.00 35.56 ? 57   GLU A CG  1 
ATOM   469  C CD  . GLU A 1 57  ? 13.868  9.487   2.051   1.00 34.20 ? 57   GLU A CD  1 
ATOM   470  O OE1 . GLU A 1 57  ? 13.809  8.271   1.700   1.00 35.33 ? 57   GLU A OE1 1 
ATOM   471  O OE2 . GLU A 1 57  ? 14.911  10.201  1.947   1.00 37.00 ? 57   GLU A OE2 1 
ATOM   472  N N   . ILE A 1 58  ? 8.402   8.635   4.122   1.00 33.07 ? 58   ILE A N   1 
ATOM   473  C CA  . ILE A 1 58  ? 7.022   8.136   3.905   1.00 32.97 ? 58   ILE A CA  1 
ATOM   474  C C   . ILE A 1 58  ? 5.935   9.275   4.018   1.00 32.54 ? 58   ILE A C   1 
ATOM   475  O O   . ILE A 1 58  ? 4.950   9.366   3.200   1.00 30.34 ? 58   ILE A O   1 
ATOM   476  C CB  . ILE A 1 58  ? 6.750   6.944   4.865   1.00 32.20 ? 58   ILE A CB  1 
ATOM   477  C CG1 . ILE A 1 58  ? 7.820   5.903   4.609   1.00 33.76 ? 58   ILE A CG1 1 
ATOM   478  C CG2 . ILE A 1 58  ? 5.317   6.356   4.611   1.00 34.27 ? 58   ILE A CG2 1 
ATOM   479  C CD1 . ILE A 1 58  ? 7.414   4.522   5.062   1.00 35.34 ? 58   ILE A CD1 1 
ATOM   480  N N   . ILE A 1 59  ? 6.148   10.131  5.031   1.00 31.57 ? 59   ILE A N   1 
ATOM   481  C CA  . ILE A 1 59  ? 5.152   11.072  5.426   1.00 31.09 ? 59   ILE A CA  1 
ATOM   482  C C   . ILE A 1 59  ? 5.194   12.099  4.308   1.00 30.93 ? 59   ILE A C   1 
ATOM   483  O O   . ILE A 1 59  ? 4.179   12.499  3.789   1.00 32.01 ? 59   ILE A O   1 
ATOM   484  C CB  . ILE A 1 59  ? 5.531   11.630  6.807   1.00 29.54 ? 59   ILE A CB  1 
ATOM   485  C CG1 . ILE A 1 59  ? 5.211   10.599  7.877   1.00 30.69 ? 59   ILE A CG1 1 
ATOM   486  C CG2 . ILE A 1 59  ? 4.807   12.920  7.103   1.00 28.64 ? 59   ILE A CG2 1 
ATOM   487  C CD1 . ILE A 1 59  ? 5.774   10.988  9.327   1.00 32.69 ? 59   ILE A CD1 1 
ATOM   488  N N   . ASP A 1 60  ? 6.381   12.558  3.943   1.00 31.25 ? 60   ASP A N   1 
ATOM   489  C CA  . ASP A 1 60  ? 6.506   13.459  2.785   1.00 31.41 ? 60   ASP A CA  1 
ATOM   490  C C   . ASP A 1 60  ? 5.777   12.889  1.566   1.00 32.16 ? 60   ASP A C   1 
ATOM   491  O O   . ASP A 1 60  ? 5.023   13.619  0.897   1.00 33.34 ? 60   ASP A O   1 
ATOM   492  C CB  . ASP A 1 60  ? 7.959   13.607  2.357   1.00 30.37 ? 60   ASP A CB  1 
ATOM   493  C CG  . ASP A 1 60  ? 8.773   14.570  3.224   1.00 30.68 ? 60   ASP A CG  1 
ATOM   494  O OD1 . ASP A 1 60  ? 8.285   15.125  4.237   1.00 30.59 ? 60   ASP A OD1 1 
ATOM   495  O OD2 . ASP A 1 60  ? 9.978   14.822  2.918   1.00 34.57 ? 60   ASP A OD2 1 
ATOM   496  N N   . LYS A 1 61  ? 6.022   11.615  1.226   1.00 32.66 ? 61   LYS A N   1 
ATOM   497  C CA  . LYS A 1 61  ? 5.447   11.084  -0.038  1.00 33.07 ? 61   LYS A CA  1 
ATOM   498  C C   . LYS A 1 61  ? 3.926   11.104  0.092   1.00 33.37 ? 61   LYS A C   1 
ATOM   499  O O   . LYS A 1 61  ? 3.218   11.518  -0.824  1.00 35.11 ? 61   LYS A O   1 
ATOM   500  C CB  . LYS A 1 61  ? 5.992   9.704   -0.462  1.00 32.23 ? 61   LYS A CB  1 
ATOM   501  C CG  . LYS A 1 61  ? 6.062   9.521   -1.984  1.00 35.53 ? 61   LYS A CG  1 
ATOM   502  C CD  . LYS A 1 61  ? 7.011   10.573  -2.769  1.00 38.20 ? 61   LYS A CD  1 
ATOM   503  C CE  . LYS A 1 61  ? 6.678   10.745  -4.261  1.00 40.80 ? 61   LYS A CE  1 
ATOM   504  N NZ  . LYS A 1 61  ? 7.804   10.270  -5.204  1.00 44.23 ? 61   LYS A NZ  1 
ATOM   505  N N   . ILE A 1 62  ? 3.400   10.777  1.249   1.00 34.18 ? 62   ILE A N   1 
ATOM   506  C CA  . ILE A 1 62  ? 1.942   10.766  1.399   1.00 34.39 ? 62   ILE A CA  1 
ATOM   507  C C   . ILE A 1 62  ? 1.456   12.161  1.227   1.00 34.29 ? 62   ILE A C   1 
ATOM   508  O O   . ILE A 1 62  ? 0.494   12.370  0.531   1.00 33.85 ? 62   ILE A O   1 
ATOM   509  C CB  . ILE A 1 62  ? 1.529   10.221  2.787   1.00 34.49 ? 62   ILE A CB  1 
ATOM   510  C CG1 . ILE A 1 62  ? 1.743   8.715   2.847   1.00 33.58 ? 62   ILE A CG1 1 
ATOM   511  C CG2 . ILE A 1 62  ? 0.063   10.536  3.045   1.00 36.10 ? 62   ILE A CG2 1 
ATOM   512  C CD1 . ILE A 1 62  ? 1.751   8.123   4.283   1.00 34.72 ? 62   ILE A CD1 1 
ATOM   513  N N   . GLN A 1 63  ? 2.143   13.111  1.846   1.00 35.12 ? 63   GLN A N   1 
ATOM   514  C CA  . GLN A 1 63  ? 1.752   14.507  1.787   1.00 37.74 ? 63   GLN A CA  1 
ATOM   515  C C   . GLN A 1 63  ? 1.796   15.077  0.342   1.00 38.67 ? 63   GLN A C   1 
ATOM   516  O O   . GLN A 1 63  ? 0.928   15.861  -0.066  1.00 37.31 ? 63   GLN A O   1 
ATOM   517  C CB  . GLN A 1 63  ? 2.703   15.318  2.668   1.00 37.60 ? 63   GLN A CB  1 
ATOM   518  C CG  . GLN A 1 63  ? 2.385   15.235  4.126   1.00 39.22 ? 63   GLN A CG  1 
ATOM   519  C CD  . GLN A 1 63  ? 3.280   16.131  4.992   1.00 40.43 ? 63   GLN A CD  1 
ATOM   520  O OE1 . GLN A 1 63  ? 4.391   16.530  4.574   1.00 36.55 ? 63   GLN A OE1 1 
ATOM   521  N NE2 . GLN A 1 63  ? 2.813   16.404  6.230   1.00 42.42 ? 63   GLN A NE2 1 
ATOM   522  N N   . GLU A 1 64  ? 2.823   14.679  -0.405  1.00 40.54 ? 64   GLU A N   1 
ATOM   523  C CA  . GLU A 1 64  ? 2.943   15.050  -1.776  1.00 42.82 ? 64   GLU A CA  1 
ATOM   524  C C   . GLU A 1 64  ? 1.824   14.409  -2.507  1.00 44.23 ? 64   GLU A C   1 
ATOM   525  O O   . GLU A 1 64  ? 1.358   14.944  -3.409  1.00 44.96 ? 64   GLU A O   1 
ATOM   526  C CB  . GLU A 1 64  ? 4.254   14.585  -2.364  1.00 43.36 ? 64   GLU A CB  1 
ATOM   527  C CG  . GLU A 1 64  ? 5.460   15.149  -1.626  1.00 46.41 ? 64   GLU A CG  1 
ATOM   528  C CD  . GLU A 1 64  ? 6.803   14.662  -2.194  1.00 48.05 ? 64   GLU A CD  1 
ATOM   529  O OE1 . GLU A 1 64  ? 6.781   14.127  -3.410  1.00 53.79 ? 64   GLU A OE1 1 
ATOM   530  O OE2 . GLU A 1 64  ? 7.851   14.835  -1.418  1.00 46.94 ? 64   GLU A OE2 1 
ATOM   531  N N   . SER A 1 65  ? 1.349   13.252  -2.137  1.00 46.91 ? 65   SER A N   1 
ATOM   532  C CA  . SER A 1 65  ? 0.189   12.742  -2.849  1.00 48.77 ? 65   SER A CA  1 
ATOM   533  C C   . SER A 1 65  ? -1.017  13.689  -2.776  1.00 49.75 ? 65   SER A C   1 
ATOM   534  O O   . SER A 1 65  ? -1.922  13.599  -3.595  1.00 50.96 ? 65   SER A O   1 
ATOM   535  C CB  . SER A 1 65  ? -0.235  11.353  -2.332  1.00 48.90 ? 65   SER A CB  1 
ATOM   536  O OG  . SER A 1 65  ? -1.261  11.458  -1.354  1.00 47.69 ? 65   SER A OG  1 
ATOM   537  N N   . VAL A 1 66  ? -1.077  14.588  -1.807  1.00 51.31 ? 66   VAL A N   1 
ATOM   538  C CA  . VAL A 1 66  ? -2.331  15.340  -1.640  1.00 52.66 ? 66   VAL A CA  1 
ATOM   539  C C   . VAL A 1 66  ? -2.764  16.145  -2.857  1.00 53.98 ? 66   VAL A C   1 
ATOM   540  O O   . VAL A 1 66  ? -3.962  16.313  -3.100  1.00 55.54 ? 66   VAL A O   1 
ATOM   541  C CB  . VAL A 1 66  ? -2.319  16.202  -0.412  1.00 52.45 ? 66   VAL A CB  1 
ATOM   542  C CG1 . VAL A 1 66  ? -3.571  17.048  -0.341  1.00 50.81 ? 66   VAL A CG1 1 
ATOM   543  C CG2 . VAL A 1 66  ? -2.227  15.272  0.825   1.00 55.12 ? 66   VAL A CG2 1 
ATOM   544  N N   . GLY A 1 67  ? -1.824  16.595  -3.657  1.00 54.60 ? 67   GLY A N   1 
ATOM   545  C CA  . GLY A 1 67  ? -2.195  17.148  -4.950  1.00 55.54 ? 67   GLY A CA  1 
ATOM   546  C C   . GLY A 1 67  ? -2.619  16.076  -5.949  1.00 56.34 ? 67   GLY A C   1 
ATOM   547  O O   . GLY A 1 67  ? -2.040  14.983  -6.019  1.00 56.96 ? 67   GLY A O   1 
ATOM   548  N N   . SER A 1 68  ? -3.675  16.415  -6.674  1.00 57.25 ? 68   SER A N   1 
ATOM   549  C CA  . SER A 1 68  ? -4.229  15.711  -7.860  1.00 57.63 ? 68   SER A CA  1 
ATOM   550  C C   . SER A 1 68  ? -3.564  14.517  -8.611  1.00 58.00 ? 68   SER A C   1 
ATOM   551  O O   . SER A 1 68  ? -4.294  13.815  -9.332  1.00 59.69 ? 68   SER A O   1 
ATOM   552  C CB  . SER A 1 68  ? -4.517  16.764  -8.963  1.00 58.09 ? 68   SER A CB  1 
ATOM   553  O OG  . SER A 1 68  ? -5.747  17.425  -8.760  1.00 59.43 ? 68   SER A OG  1 
ATOM   554  N N   . ASP A 1 69  ? -2.247  14.316  -8.579  1.00 56.77 ? 69   ASP A N   1 
ATOM   555  C CA  . ASP A 1 69  ? -1.668  13.319  -9.520  1.00 55.73 ? 69   ASP A CA  1 
ATOM   556  C C   . ASP A 1 69  ? -2.117  11.894  -9.164  1.00 53.71 ? 69   ASP A C   1 
ATOM   557  O O   . ASP A 1 69  ? -2.303  11.049  -10.027 1.00 52.94 ? 69   ASP A O   1 
ATOM   558  C CB  . ASP A 1 69  ? -0.139  13.423  -9.588  1.00 56.58 ? 69   ASP A CB  1 
ATOM   559  C CG  . ASP A 1 69  ? 0.336   14.877  -9.702  1.00 60.52 ? 69   ASP A CG  1 
ATOM   560  O OD1 . ASP A 1 69  ? -0.224  15.666  -10.542 1.00 64.32 ? 69   ASP A OD1 1 
ATOM   561  O OD2 . ASP A 1 69  ? 1.278   15.310  -8.981  1.00 64.67 ? 69   ASP A OD2 1 
ATOM   562  N N   . TYR A 1 70  ? -2.315  11.650  -7.877  1.00 52.46 ? 70   TYR A N   1 
ATOM   563  C CA  . TYR A 1 70  ? -2.557  10.304  -7.388  1.00 50.30 ? 70   TYR A CA  1 
ATOM   564  C C   . TYR A 1 70  ? -3.985  10.194  -6.914  1.00 47.52 ? 70   TYR A C   1 
ATOM   565  O O   . TYR A 1 70  ? -4.537  11.145  -6.300  1.00 45.71 ? 70   TYR A O   1 
ATOM   566  C CB  . TYR A 1 70  ? -1.596  10.003  -6.268  1.00 52.03 ? 70   TYR A CB  1 
ATOM   567  C CG  . TYR A 1 70  ? -0.120  10.127  -6.628  1.00 53.83 ? 70   TYR A CG  1 
ATOM   568  C CD1 . TYR A 1 70  ? 0.616   11.280  -6.270  1.00 55.79 ? 70   TYR A CD1 1 
ATOM   569  C CD2 . TYR A 1 70  ? 0.553   9.097   -7.303  1.00 54.26 ? 70   TYR A CD2 1 
ATOM   570  C CE1 . TYR A 1 70  ? 1.978   11.386  -6.551  1.00 54.52 ? 70   TYR A CE1 1 
ATOM   571  C CE2 . TYR A 1 70  ? 1.919   9.200   -7.596  1.00 54.46 ? 70   TYR A CE2 1 
ATOM   572  C CZ  . TYR A 1 70  ? 2.618   10.347  -7.212  1.00 55.26 ? 70   TYR A CZ  1 
ATOM   573  O OH  . TYR A 1 70  ? 3.951   10.475  -7.504  1.00 55.29 ? 70   TYR A OH  1 
ATOM   574  N N   . GLU A 1 71  ? -4.585  9.045   -7.229  1.00 44.89 ? 71   GLU A N   1 
ATOM   575  C CA  . GLU A 1 71  ? -5.952  8.773   -6.798  1.00 43.95 ? 71   GLU A CA  1 
ATOM   576  C C   . GLU A 1 71  ? -6.109  7.847   -5.612  1.00 42.05 ? 71   GLU A C   1 
ATOM   577  O O   . GLU A 1 71  ? -7.129  7.896   -4.955  1.00 41.36 ? 71   GLU A O   1 
ATOM   578  C CB  . GLU A 1 71  ? -6.757  8.287   -7.949  1.00 44.34 ? 71   GLU A CB  1 
ATOM   579  C CG  . GLU A 1 71  ? -7.159  9.515   -8.725  1.00 47.40 ? 71   GLU A CG  1 
ATOM   580  C CD  . GLU A 1 71  ? -7.799  9.184   -9.998  1.00 49.35 ? 71   GLU A CD  1 
ATOM   581  O OE1 . GLU A 1 71  ? -8.668  8.259   -9.959  1.00 50.63 ? 71   GLU A OE1 1 
ATOM   582  O OE2 . GLU A 1 71  ? -7.410  9.859   -11.005 1.00 54.50 ? 71   GLU A OE2 1 
ATOM   583  N N   . GLY A 1 72  ? -5.042  7.102   -5.334  1.00 39.86 ? 72   GLY A N   1 
ATOM   584  C CA  . GLY A 1 72  ? -4.919  6.170   -4.236  1.00 38.15 ? 72   GLY A CA  1 
ATOM   585  C C   . GLY A 1 72  ? -3.473  5.802   -3.942  1.00 35.94 ? 72   GLY A C   1 
ATOM   586  O O   . GLY A 1 72  ? -2.540  6.143   -4.680  1.00 32.22 ? 72   GLY A O   1 
ATOM   587  N N   . ILE A 1 73  ? -3.335  5.092   -2.824  1.00 35.82 ? 73   ILE A N   1 
ATOM   588  C CA  . ILE A 1 73  ? -2.053  4.622   -2.272  1.00 35.47 ? 73   ILE A CA  1 
ATOM   589  C C   . ILE A 1 73  ? -2.223  3.220   -1.703  1.00 33.95 ? 73   ILE A C   1 
ATOM   590  O O   . ILE A 1 73  ? -3.183  2.940   -0.991  1.00 33.17 ? 73   ILE A O   1 
ATOM   591  C CB  . ILE A 1 73  ? -1.571  5.514   -1.097  1.00 35.25 ? 73   ILE A CB  1 
ATOM   592  C CG1 . ILE A 1 73  ? -1.491  6.964   -1.508  1.00 35.70 ? 73   ILE A CG1 1 
ATOM   593  C CG2 . ILE A 1 73  ? -0.189  5.027   -0.577  1.00 36.09 ? 73   ILE A CG2 1 
ATOM   594  C CD1 . ILE A 1 73  ? -0.761  7.851   -0.471  1.00 35.64 ? 73   ILE A CD1 1 
ATOM   595  N N   . ILE A 1 74  ? -1.240  2.382   -2.019  1.00 33.72 ? 74   ILE A N   1 
ATOM   596  C CA  . ILE A 1 74  ? -1.072  1.049   -1.464  1.00 32.94 ? 74   ILE A CA  1 
ATOM   597  C C   . ILE A 1 74  ? 0.240   1.198   -0.784  1.00 31.58 ? 74   ILE A C   1 
ATOM   598  O O   . ILE A 1 74  ? 1.206   1.579   -1.393  1.00 31.66 ? 74   ILE A O   1 
ATOM   599  C CB  . ILE A 1 74  ? -0.871  0.056   -2.535  1.00 33.27 ? 74   ILE A CB  1 
ATOM   600  C CG1 . ILE A 1 74  ? -2.105  -0.062  -3.431  1.00 36.23 ? 74   ILE A CG1 1 
ATOM   601  C CG2 . ILE A 1 74  ? -0.452  -1.229  -1.942  1.00 32.91 ? 74   ILE A CG2 1 
ATOM   602  C CD1 . ILE A 1 74  ? -1.843  -0.914  -4.559  1.00 36.19 ? 74   ILE A CD1 1 
ATOM   603  N N   . ILE A 1 75  ? 0.229   0.979   0.507   1.00 31.90 ? 75   ILE A N   1 
ATOM   604  C CA  . ILE A 1 75  ? 1.374   1.129   1.393   1.00 32.00 ? 75   ILE A CA  1 
ATOM   605  C C   . ILE A 1 75  ? 1.647   -0.105  2.276   1.00 32.15 ? 75   ILE A C   1 
ATOM   606  O O   . ILE A 1 75  ? 0.715   -0.687  2.867   1.00 33.26 ? 75   ILE A O   1 
ATOM   607  C CB  . ILE A 1 75  ? 1.127   2.315   2.343   1.00 32.23 ? 75   ILE A CB  1 
ATOM   608  C CG1 . ILE A 1 75  ? 2.421   2.604   3.165   1.00 31.29 ? 75   ILE A CG1 1 
ATOM   609  C CG2 . ILE A 1 75  ? -0.026  2.074   3.196   1.00 30.59 ? 75   ILE A CG2 1 
ATOM   610  C CD1 . ILE A 1 75  ? 2.513   3.990   3.688   1.00 30.12 ? 75   ILE A CD1 1 
ATOM   611  N N   . ASN A 1 76  ? 2.918   -0.470  2.358   1.00 30.89 ? 76   ASN A N   1 
ATOM   612  C CA  . ASN A 1 76  ? 3.392   -1.402  3.346   1.00 30.82 ? 76   ASN A CA  1 
ATOM   613  C C   . ASN A 1 76  ? 4.333   -0.631  4.221   1.00 29.68 ? 76   ASN A C   1 
ATOM   614  O O   . ASN A 1 76  ? 5.531   -0.633  3.938   1.00 29.73 ? 76   ASN A O   1 
ATOM   615  C CB  . ASN A 1 76  ? 4.222   -2.540  2.667   1.00 31.20 ? 76   ASN A CB  1 
ATOM   616  C CG  . ASN A 1 76  ? 4.595   -3.688  3.661   1.00 32.07 ? 76   ASN A CG  1 
ATOM   617  O OD1 . ASN A 1 76  ? 4.649   -3.506  4.950   1.00 27.64 ? 76   ASN A OD1 1 
ATOM   618  N ND2 . ASN A 1 76  ? 4.834   -4.850  3.086   1.00 24.42 ? 76   ASN A ND2 1 
ATOM   619  N N   . PRO A 1 77  ? 3.872   -0.027  5.302   1.00 29.32 ? 77   PRO A N   1 
ATOM   620  C CA  . PRO A 1 77  ? 4.818   0.756   6.170   1.00 30.04 ? 77   PRO A CA  1 
ATOM   621  C C   . PRO A 1 77  ? 5.886   -0.109  6.924   1.00 30.73 ? 77   PRO A C   1 
ATOM   622  O O   . PRO A 1 77  ? 6.800   0.414   7.592   1.00 31.43 ? 77   PRO A O   1 
ATOM   623  C CB  . PRO A 1 77  ? 3.932   1.592   7.105   1.00 28.78 ? 77   PRO A CB  1 
ATOM   624  C CG  . PRO A 1 77  ? 2.415   1.218   6.728   1.00 31.11 ? 77   PRO A CG  1 
ATOM   625  C CD  . PRO A 1 77  ? 2.509   -0.084  5.848   1.00 31.09 ? 77   PRO A CD  1 
ATOM   626  N N   . GLY A 1 78  ? 5.807   -1.425  6.771   1.00 31.44 ? 78   GLY A N   1 
ATOM   627  C CA  . GLY A 1 78  ? 6.734   -2.311  7.389   1.00 30.64 ? 78   GLY A CA  1 
ATOM   628  C C   . GLY A 1 78  ? 6.659   -2.245  8.881   1.00 31.34 ? 78   GLY A C   1 
ATOM   629  O O   . GLY A 1 78  ? 5.599   -2.177  9.526   1.00 30.66 ? 78   GLY A O   1 
ATOM   630  N N   . ALA A 1 79  ? 7.860   -2.279  9.447   1.00 31.58 ? 79   ALA A N   1 
ATOM   631  C CA  . ALA A 1 79  ? 8.010   -2.234  10.895  1.00 30.10 ? 79   ALA A CA  1 
ATOM   632  C C   . ALA A 1 79  ? 7.522   -0.915  11.500  1.00 28.62 ? 79   ALA A C   1 
ATOM   633  O O   . ALA A 1 79  ? 7.087   -0.864  12.647  1.00 28.52 ? 79   ALA A O   1 
ATOM   634  C CB  . ALA A 1 79  ? 9.461   -2.469  11.205  1.00 31.06 ? 79   ALA A CB  1 
ATOM   635  N N   . PHE A 1 80  ? 7.530   0.159   10.719  1.00 28.70 ? 80   PHE A N   1 
ATOM   636  C CA  . PHE A 1 80  ? 6.946   1.411   11.213  1.00 28.43 ? 80   PHE A CA  1 
ATOM   637  C C   . PHE A 1 80  ? 5.470   1.289   11.470  1.00 28.83 ? 80   PHE A C   1 
ATOM   638  O O   . PHE A 1 80  ? 4.905   2.211   12.024  1.00 29.76 ? 80   PHE A O   1 
ATOM   639  C CB  . PHE A 1 80  ? 7.173   2.527   10.222  1.00 26.85 ? 80   PHE A CB  1 
ATOM   640  C CG  . PHE A 1 80  ? 8.617   2.853   9.937   1.00 24.12 ? 80   PHE A CG  1 
ATOM   641  C CD1 . PHE A 1 80  ? 9.608   2.721   10.887  1.00 26.52 ? 80   PHE A CD1 1 
ATOM   642  C CD2 . PHE A 1 80  ? 8.950   3.382   8.737   1.00 24.79 ? 80   PHE A CD2 1 
ATOM   643  C CE1 . PHE A 1 80  ? 10.949  3.070   10.661  1.00 25.75 ? 80   PHE A CE1 1 
ATOM   644  C CE2 . PHE A 1 80  ? 10.231  3.752   8.458   1.00 28.65 ? 80   PHE A CE2 1 
ATOM   645  C CZ  . PHE A 1 80  ? 11.264  3.647   9.453   1.00 30.89 ? 80   PHE A CZ  1 
ATOM   646  N N   . SER A 1 81  ? 4.786   0.246   10.970  1.00 29.41 ? 81   SER A N   1 
ATOM   647  C CA  . SER A 1 81  ? 3.309   0.161   11.106  1.00 29.08 ? 81   SER A CA  1 
ATOM   648  C C   . SER A 1 81  ? 2.946   0.163   12.568  1.00 29.76 ? 81   SER A C   1 
ATOM   649  O O   . SER A 1 81  ? 1.807   0.469   12.989  1.00 32.35 ? 81   SER A O   1 
ATOM   650  C CB  . SER A 1 81  ? 2.842   -1.202  10.525  1.00 28.04 ? 81   SER A CB  1 
ATOM   651  O OG  . SER A 1 81  ? 3.417   -1.438  9.227   1.00 34.29 ? 81   SER A OG  1 
ATOM   652  N N   . HIS A 1 82  ? 3.845   -0.397  13.357  1.00 29.72 ? 82   HIS A N   1 
ATOM   653  C CA  . HIS A 1 82  ? 3.519   -0.688  14.726  1.00 30.65 ? 82   HIS A CA  1 
ATOM   654  C C   . HIS A 1 82  ? 3.887   0.424   15.638  1.00 30.60 ? 82   HIS A C   1 
ATOM   655  O O   . HIS A 1 82  ? 3.438   0.408   16.716  1.00 33.74 ? 82   HIS A O   1 
ATOM   656  C CB  . HIS A 1 82  ? 4.261   -1.941  15.162  1.00 32.25 ? 82   HIS A CB  1 
ATOM   657  C CG  . HIS A 1 82  ? 4.209   -2.995  14.119  1.00 30.99 ? 82   HIS A CG  1 
ATOM   658  N ND1 . HIS A 1 82  ? 3.029   -3.627  13.784  1.00 27.44 ? 82   HIS A ND1 1 
ATOM   659  C CD2 . HIS A 1 82  ? 5.171   -3.454  13.280  1.00 27.50 ? 82   HIS A CD2 1 
ATOM   660  C CE1 . HIS A 1 82  ? 3.272   -4.418  12.754  1.00 29.40 ? 82   HIS A CE1 1 
ATOM   661  N NE2 . HIS A 1 82  ? 4.557   -4.330  12.432  1.00 29.97 ? 82   HIS A NE2 1 
ATOM   662  N N   . THR A 1 83  ? 4.655   1.424   15.205  1.00 31.79 ? 83   THR A N   1 
ATOM   663  C CA  . THR A 1 83  ? 5.059   2.527   16.043  1.00 31.58 ? 83   THR A CA  1 
ATOM   664  C C   . THR A 1 83  ? 4.713   3.926   15.593  1.00 31.84 ? 83   THR A C   1 
ATOM   665  O O   . THR A 1 83  ? 4.791   4.905   16.372  1.00 31.33 ? 83   THR A O   1 
ATOM   666  C CB  . THR A 1 83  ? 6.522   2.474   16.069  1.00 32.11 ? 83   THR A CB  1 
ATOM   667  O OG1 . THR A 1 83  ? 7.021   2.449   14.745  1.00 30.96 ? 83   THR A OG1 1 
ATOM   668  C CG2 . THR A 1 83  ? 6.977   1.146   16.657  1.00 35.20 ? 83   THR A CG2 1 
ATOM   669  N N   . SER A 1 84  ? 4.439   4.078   14.316  1.00 31.83 ? 84   SER A N   1 
ATOM   670  C CA  . SER A 1 84  ? 4.486   5.403   13.753  1.00 31.51 ? 84   SER A CA  1 
ATOM   671  C C   . SER A 1 84  ? 3.088   5.984   13.773  1.00 32.06 ? 84   SER A C   1 
ATOM   672  O O   . SER A 1 84  ? 2.332   5.849   12.782  1.00 33.94 ? 84   SER A O   1 
ATOM   673  C CB  . SER A 1 84  ? 5.007   5.366   12.338  1.00 31.51 ? 84   SER A CB  1 
ATOM   674  O OG  . SER A 1 84  ? 5.015   6.683   11.777  1.00 29.12 ? 84   SER A OG  1 
ATOM   675  N N   . ILE A 1 85  ? 2.767   6.681   14.860  1.00 30.57 ? 85   ILE A N   1 
ATOM   676  C CA  . ILE A 1 85  ? 1.565   7.552   14.905  1.00 29.73 ? 85   ILE A CA  1 
ATOM   677  C C   . ILE A 1 85  ? 1.616   8.624   13.799  1.00 29.95 ? 85   ILE A C   1 
ATOM   678  O O   . ILE A 1 85  ? 0.596   9.133   13.246  1.00 31.10 ? 85   ILE A O   1 
ATOM   679  C CB  . ILE A 1 85  ? 1.578   8.213   16.279  1.00 28.96 ? 85   ILE A CB  1 
ATOM   680  C CG1 . ILE A 1 85  ? 1.435   7.191   17.431  1.00 28.60 ? 85   ILE A CG1 1 
ATOM   681  C CG2 . ILE A 1 85  ? 0.505   9.198   16.374  1.00 31.34 ? 85   ILE A CG2 1 
ATOM   682  C CD1 . ILE A 1 85  ? 1.904   7.678   18.784  1.00 28.66 ? 85   ILE A CD1 1 
ATOM   683  N N   . ALA A 1 86  ? 2.821   9.033   13.486  1.00 29.63 ? 86   ALA A N   1 
ATOM   684  C CA  . ALA A 1 86  ? 2.955   10.075  12.488  1.00 29.68 ? 86   ALA A CA  1 
ATOM   685  C C   . ALA A 1 86  ? 2.551   9.670   11.153  1.00 28.57 ? 86   ALA A C   1 
ATOM   686  O O   . ALA A 1 86  ? 1.883   10.426  10.453  1.00 28.37 ? 86   ALA A O   1 
ATOM   687  C CB  . ALA A 1 86  ? 4.334   10.571  12.469  1.00 31.30 ? 86   ALA A CB  1 
ATOM   688  N N   . ILE A 1 87  ? 2.959   8.482   10.746  1.00 30.61 ? 87   ILE A N   1 
ATOM   689  C CA  . ILE A 1 87  ? 2.522   7.952   9.443   1.00 30.37 ? 87   ILE A CA  1 
ATOM   690  C C   . ILE A 1 87  ? 1.044   7.677   9.478   1.00 31.09 ? 87   ILE A C   1 
ATOM   691  O O   . ILE A 1 87  ? 0.295   8.022   8.525   1.00 30.81 ? 87   ILE A O   1 
ATOM   692  C CB  . ILE A 1 87  ? 3.278   6.744   9.092   1.00 31.68 ? 87   ILE A CB  1 
ATOM   693  C CG1 . ILE A 1 87  ? 4.803   7.015   8.890   1.00 29.31 ? 87   ILE A CG1 1 
ATOM   694  C CG2 . ILE A 1 87  ? 2.834   6.244   7.736   1.00 34.26 ? 87   ILE A CG2 1 
ATOM   695  C CD1 . ILE A 1 87  ? 5.650   5.749   8.461   1.00 29.58 ? 87   ILE A CD1 1 
ATOM   696  N N   . ALA A 1 88  ? 0.548   7.198   10.609  1.00 31.18 ? 88   ALA A N   1 
ATOM   697  C CA  . ALA A 1 88  ? -0.903  7.082   10.715  1.00 31.45 ? 88   ALA A CA  1 
ATOM   698  C C   . ALA A 1 88  ? -1.649  8.412   10.483  1.00 32.47 ? 88   ALA A C   1 
ATOM   699  O O   . ALA A 1 88  ? -2.728  8.447   9.804   1.00 31.64 ? 88   ALA A O   1 
ATOM   700  C CB  . ALA A 1 88  ? -1.277  6.471   12.023  1.00 31.34 ? 88   ALA A CB  1 
ATOM   701  N N   . ASP A 1 89  ? -1.092  9.505   11.047  1.00 31.52 ? 89   ASP A N   1 
ATOM   702  C CA  . ASP A 1 89  ? -1.751  10.797  11.013  1.00 29.96 ? 89   ASP A CA  1 
ATOM   703  C C   . ASP A 1 89  ? -1.724  11.289  9.592   1.00 31.85 ? 89   ASP A C   1 
ATOM   704  O O   . ASP A 1 89  ? -2.692  11.978  9.160   1.00 33.36 ? 89   ASP A O   1 
ATOM   705  C CB  . ASP A 1 89  ? -1.047  11.839  11.870  1.00 27.65 ? 89   ASP A CB  1 
ATOM   706  C CG  . ASP A 1 89  ? -1.359  11.729  13.319  1.00 27.06 ? 89   ASP A CG  1 
ATOM   707  O OD1 . ASP A 1 89  ? -2.351  11.094  13.682  1.00 22.34 ? 89   ASP A OD1 1 
ATOM   708  O OD2 . ASP A 1 89  ? -0.671  12.298  14.228  1.00 24.08 ? 89   ASP A OD2 1 
ATOM   709  N N   . ALA A 1 90  ? -0.594  11.046  8.896   1.00 32.83 ? 90   ALA A N   1 
ATOM   710  C CA  . ALA A 1 90  ? -0.436  11.342  7.420   1.00 31.95 ? 90   ALA A CA  1 
ATOM   711  C C   . ALA A 1 90  ? -1.459  10.615  6.662   1.00 32.40 ? 90   ALA A C   1 
ATOM   712  O O   . ALA A 1 90  ? -2.166  11.201  5.829   1.00 34.07 ? 90   ALA A O   1 
ATOM   713  C CB  . ALA A 1 90  ? 0.928   10.928  6.890   1.00 31.60 ? 90   ALA A CB  1 
ATOM   714  N N   . ILE A 1 91  ? -1.612  9.334   6.963   1.00 34.31 ? 91   ILE A N   1 
ATOM   715  C CA  . ILE A 1 91  ? -2.681  8.565   6.257   1.00 36.11 ? 91   ILE A CA  1 
ATOM   716  C C   . ILE A 1 91  ? -4.072  9.146   6.495   1.00 37.76 ? 91   ILE A C   1 
ATOM   717  O O   . ILE A 1 91  ? -4.877  9.293   5.574   1.00 37.50 ? 91   ILE A O   1 
ATOM   718  C CB  . ILE A 1 91  ? -2.655  7.070   6.590   1.00 35.42 ? 91   ILE A CB  1 
ATOM   719  C CG1 . ILE A 1 91  ? -1.393  6.445   6.031   1.00 31.07 ? 91   ILE A CG1 1 
ATOM   720  C CG2 . ILE A 1 91  ? -3.832  6.362   5.963   1.00 34.27 ? 91   ILE A CG2 1 
ATOM   721  C CD1 . ILE A 1 91  ? -1.121  5.155   6.700   1.00 35.55 ? 91   ILE A CD1 1 
ATOM   722  N N   . MET A 1 92  ? -4.363  9.508   7.730   1.00 40.26 ? 92   MET A N   1 
ATOM   723  C CA  . MET A 1 92  ? -5.633  10.192  8.000   1.00 41.26 ? 92   MET A CA  1 
ATOM   724  C C   . MET A 1 92  ? -5.819  11.502  7.183   1.00 41.46 ? 92   MET A C   1 
ATOM   725  O O   . MET A 1 92  ? -6.949  11.810  6.829   1.00 40.89 ? 92   MET A O   1 
ATOM   726  C CB  . MET A 1 92  ? -5.836  10.426  9.510   1.00 41.81 ? 92   MET A CB  1 
ATOM   727  C CG  . MET A 1 92  ? -6.328  9.147   10.286  1.00 42.56 ? 92   MET A CG  1 
ATOM   728  S SD  . MET A 1 92  ? -6.342  9.525   12.092  1.00 47.04 ? 92   MET A SD  1 
ATOM   729  C CE  . MET A 1 92  ? -7.823  10.551  12.137  1.00 50.78 ? 92   MET A CE  1 
ATOM   730  N N   . LEU A 1 93  ? -4.766  12.244  6.808   1.00 41.53 ? 93   LEU A N   1 
ATOM   731  C CA  . LEU A 1 93  ? -5.004  13.522  6.065   1.00 41.26 ? 93   LEU A CA  1 
ATOM   732  C C   . LEU A 1 93  ? -4.959  13.494  4.521   1.00 40.69 ? 93   LEU A C   1 
ATOM   733  O O   . LEU A 1 93  ? -5.081  14.511  3.866   1.00 41.07 ? 93   LEU A O   1 
ATOM   734  C CB  . LEU A 1 93  ? -4.112  14.678  6.600   1.00 42.13 ? 93   LEU A CB  1 
ATOM   735  C CG  . LEU A 1 93  ? -2.984  14.598  7.659   1.00 44.74 ? 93   LEU A CG  1 
ATOM   736  C CD1 . LEU A 1 93  ? -1.828  15.590  7.424   1.00 44.18 ? 93   LEU A CD1 1 
ATOM   737  C CD2 . LEU A 1 93  ? -3.539  14.596  9.227   1.00 47.41 ? 93   LEU A CD2 1 
ATOM   738  N N   . ALA A 1 94  ? -4.799  12.328  3.938   1.00 40.97 ? 94   ALA A N   1 
ATOM   739  C CA  . ALA A 1 94  ? -4.538  12.155  2.472   1.00 41.15 ? 94   ALA A CA  1 
ATOM   740  C C   . ALA A 1 94  ? -5.704  12.465  1.448   1.00 41.30 ? 94   ALA A C   1 
ATOM   741  O O   . ALA A 1 94  ? -5.462  12.821  0.254   1.00 41.57 ? 94   ALA A O   1 
ATOM   742  C CB  . ALA A 1 94  ? -4.020  10.677  2.248   1.00 40.26 ? 94   ALA A CB  1 
ATOM   743  N N   . GLY A 1 95  ? -6.947  12.295  1.918   1.00 41.07 ? 95   GLY A N   1 
ATOM   744  C CA  . GLY A 1 95  ? -8.155  12.510  1.131   1.00 40.67 ? 95   GLY A CA  1 
ATOM   745  C C   . GLY A 1 95  ? -8.217  11.573  -0.017  1.00 40.75 ? 95   GLY A C   1 
ATOM   746  O O   . GLY A 1 95  ? -8.631  11.946  -1.130  1.00 42.01 ? 95   GLY A O   1 
ATOM   747  N N   . LYS A 1 96  ? -7.761  10.359  0.201   1.00 40.51 ? 96   LYS A N   1 
ATOM   748  C CA  . LYS A 1 96  ? -7.814  9.342   -0.875  1.00 41.19 ? 96   LYS A CA  1 
ATOM   749  C C   . LYS A 1 96  ? -7.574  8.000   -0.289  1.00 39.59 ? 96   LYS A C   1 
ATOM   750  O O   . LYS A 1 96  ? -7.099  7.909   0.790   1.00 39.31 ? 96   LYS A O   1 
ATOM   751  C CB  . LYS A 1 96  ? -6.885  9.616   -2.091  1.00 42.07 ? 96   LYS A CB  1 
ATOM   752  C CG  . LYS A 1 96  ? -5.368  9.531   -1.843  1.00 44.53 ? 96   LYS A CG  1 
ATOM   753  C CD  . LYS A 1 96  ? -4.617  10.530  -2.772  1.00 44.28 ? 96   LYS A CD  1 
ATOM   754  C CE  . LYS A 1 96  ? -5.436  11.833  -3.066  1.00 47.21 ? 96   LYS A CE  1 
ATOM   755  N NZ  . LYS A 1 96  ? -4.640  13.099  -3.476  1.00 50.11 ? 96   LYS A NZ  1 
ATOM   756  N N   . PRO A 1 97  ? -8.078  6.970   -0.931  1.00 39.32 ? 97   PRO A N   1 
ATOM   757  C CA  . PRO A 1 97  ? -7.967  5.609   -0.411  1.00 38.46 ? 97   PRO A CA  1 
ATOM   758  C C   . PRO A 1 97  ? -6.539  5.171   -0.135  1.00 37.21 ? 97   PRO A C   1 
ATOM   759  O O   . PRO A 1 97  ? -5.665  5.314   -0.965  1.00 37.12 ? 97   PRO A O   1 
ATOM   760  C CB  . PRO A 1 97  ? -8.594  4.747   -1.560  1.00 39.16 ? 97   PRO A CB  1 
ATOM   761  C CG  . PRO A 1 97  ? -9.544  5.683   -2.259  1.00 37.64 ? 97   PRO A CG  1 
ATOM   762  C CD  . PRO A 1 97  ? -8.873  7.029   -2.186  1.00 38.43 ? 97   PRO A CD  1 
ATOM   763  N N   . VAL A 1 98  ? -6.317  4.610   1.034   1.00 37.11 ? 98   VAL A N   1 
ATOM   764  C CA  . VAL A 1 98  ? -5.034  4.040   1.339   1.00 36.22 ? 98   VAL A CA  1 
ATOM   765  C C   . VAL A 1 98  ? -5.298  2.621   1.773   1.00 35.84 ? 98   VAL A C   1 
ATOM   766  O O   . VAL A 1 98  ? -6.155  2.372   2.602   1.00 35.35 ? 98   VAL A O   1 
ATOM   767  C CB  . VAL A 1 98  ? -4.361  4.812   2.452   1.00 35.93 ? 98   VAL A CB  1 
ATOM   768  C CG1 . VAL A 1 98  ? -2.982  4.297   2.658   1.00 37.94 ? 98   VAL A CG1 1 
ATOM   769  C CG2 . VAL A 1 98  ? -4.245  6.269   2.103   1.00 37.22 ? 98   VAL A CG2 1 
ATOM   770  N N   . ILE A 1 99  ? -4.607  1.666   1.178   1.00 36.30 ? 99   ILE A N   1 
ATOM   771  C CA  . ILE A 1 99  ? -4.842  0.270   1.557   1.00 35.64 ? 99   ILE A CA  1 
ATOM   772  C C   . ILE A 1 99  ? -3.520  -0.250  2.101   1.00 35.37 ? 99   ILE A C   1 
ATOM   773  O O   . ILE A 1 99  ? -2.533  -0.134  1.344   1.00 34.07 ? 99   ILE A O   1 
ATOM   774  C CB  . ILE A 1 99  ? -5.201  -0.598  0.307   1.00 36.77 ? 99   ILE A CB  1 
ATOM   775  C CG1 . ILE A 1 99  ? -6.510  -0.156  -0.345  1.00 34.67 ? 99   ILE A CG1 1 
ATOM   776  C CG2 . ILE A 1 99  ? -5.248  -2.088  0.737   1.00 36.93 ? 99   ILE A CG2 1 
ATOM   777  C CD1 . ILE A 1 99  ? -6.673  -0.570  -1.666  1.00 33.91 ? 99   ILE A CD1 1 
ATOM   778  N N   . GLU A 1 100 ? -3.510  -0.870  3.320   1.00 33.55 ? 100  GLU A N   1 
ATOM   779  C CA  . GLU A 1 100 ? -2.262  -1.397  3.952   1.00 32.03 ? 100  GLU A CA  1 
ATOM   780  C C   . GLU A 1 100 ? -1.965  -2.842  3.584   1.00 30.96 ? 100  GLU A C   1 
ATOM   781  O O   . GLU A 1 100 ? -2.819  -3.673  3.720   1.00 33.04 ? 100  GLU A O   1 
ATOM   782  C CB  . GLU A 1 100 ? -2.300  -1.232  5.497   1.00 32.75 ? 100  GLU A CB  1 
ATOM   783  C CG  . GLU A 1 100 ? -0.976  -1.560  6.141   1.00 30.86 ? 100  GLU A CG  1 
ATOM   784  C CD  . GLU A 1 100 ? -0.868  -1.118  7.569   1.00 31.03 ? 100  GLU A CD  1 
ATOM   785  O OE1 . GLU A 1 100 ? -0.543  0.044   7.794   1.00 27.71 ? 100  GLU A OE1 1 
ATOM   786  O OE2 . GLU A 1 100 ? -1.018  -1.982  8.480   1.00 27.91 ? 100  GLU A OE2 1 
ATOM   787  N N   . VAL A 1 101 ? -0.768  -3.159  3.081   1.00 30.95 ? 101  VAL A N   1 
ATOM   788  C CA  . VAL A 1 101 ? -0.405  -4.535  2.807   1.00 30.71 ? 101  VAL A CA  1 
ATOM   789  C C   . VAL A 1 101 ? 0.777   -4.980  3.666   1.00 31.90 ? 101  VAL A C   1 
ATOM   790  O O   . VAL A 1 101 ? 1.799   -4.241  3.785   1.00 34.79 ? 101  VAL A O   1 
ATOM   791  C CB  . VAL A 1 101 ? 0.088   -4.667  1.348   1.00 30.85 ? 101  VAL A CB  1 
ATOM   792  C CG1 . VAL A 1 101 ? 0.532   -6.019  1.015   1.00 29.89 ? 101  VAL A CG1 1 
ATOM   793  C CG2 . VAL A 1 101 ? -0.994  -4.326  0.326   1.00 31.38 ? 101  VAL A CG2 1 
ATOM   794  N N   . HIS A 1 102 ? 0.732   -6.237  4.085   1.00 30.55 ? 102  HIS A N   1 
ATOM   795  C CA  . HIS A 1 102 ? 1.845   -6.903  4.659   1.00 31.23 ? 102  HIS A CA  1 
ATOM   796  C C   . HIS A 1 102 ? 2.030   -8.225  3.985   1.00 31.05 ? 102  HIS A C   1 
ATOM   797  O O   . HIS A 1 102 ? 1.130   -9.017  3.864   1.00 31.69 ? 102  HIS A O   1 
ATOM   798  C CB  . HIS A 1 102 ? 1.573   -7.182  6.173   1.00 31.71 ? 102  HIS A CB  1 
ATOM   799  C CG  . HIS A 1 102 ? 1.264   -5.951  6.940   1.00 32.66 ? 102  HIS A CG  1 
ATOM   800  N ND1 . HIS A 1 102 ? 2.256   -5.130  7.443   1.00 36.97 ? 102  HIS A ND1 1 
ATOM   801  C CD2 . HIS A 1 102 ? 0.075   -5.362  7.261   1.00 33.32 ? 102  HIS A CD2 1 
ATOM   802  C CE1 . HIS A 1 102 ? 1.680   -4.078  8.040   1.00 37.88 ? 102  HIS A CE1 1 
ATOM   803  N NE2 . HIS A 1 102 ? 0.360   -4.199  7.951   1.00 30.44 ? 102  HIS A NE2 1 
ATOM   804  N N   . LEU A 1 103 ? 3.257   -8.539  3.648   1.00 31.41 ? 103  LEU A N   1 
ATOM   805  C CA  . LEU A 1 103 ? 3.540   -9.853  3.112   1.00 29.85 ? 103  LEU A CA  1 
ATOM   806  C C   . LEU A 1 103 ? 3.218   -10.937 4.076   1.00 29.51 ? 103  LEU A C   1 
ATOM   807  O O   . LEU A 1 103 ? 2.673   -11.970 3.663   1.00 29.37 ? 103  LEU A O   1 
ATOM   808  C CB  . LEU A 1 103 ? 4.986   -9.962  2.836   1.00 30.20 ? 103  LEU A CB  1 
ATOM   809  C CG  . LEU A 1 103 ? 5.476   -9.104  1.676   1.00 31.77 ? 103  LEU A CG  1 
ATOM   810  C CD1 . LEU A 1 103 ? 6.999   -8.888  1.815   1.00 36.19 ? 103  LEU A CD1 1 
ATOM   811  C CD2 . LEU A 1 103 ? 5.213   -9.756  0.346   1.00 28.99 ? 103  LEU A CD2 1 
ATOM   812  N N   . THR A 1 104 ? 3.585   -10.741 5.356   1.00 29.52 ? 104  THR A N   1 
ATOM   813  C CA  . THR A 1 104 ? 3.422   -11.785 6.389   1.00 28.31 ? 104  THR A CA  1 
ATOM   814  C C   . THR A 1 104 ? 2.166   -11.538 7.214   1.00 28.10 ? 104  THR A C   1 
ATOM   815  O O   . THR A 1 104 ? 1.605   -10.447 7.226   1.00 26.41 ? 104  THR A O   1 
ATOM   816  C CB  . THR A 1 104 ? 4.584   -11.857 7.369   1.00 28.24 ? 104  THR A CB  1 
ATOM   817  O OG1 . THR A 1 104 ? 4.672   -10.656 8.166   1.00 28.10 ? 104  THR A OG1 1 
ATOM   818  C CG2 . THR A 1 104 ? 5.888   -11.943 6.685   1.00 28.67 ? 104  THR A CG2 1 
ATOM   819  N N   . ASN A 1 105 ? 1.726   -12.570 7.921   1.00 29.26 ? 105  ASN A N   1 
ATOM   820  C CA  . ASN A 1 105 ? 0.610   -12.417 8.811   1.00 29.95 ? 105  ASN A CA  1 
ATOM   821  C C   . ASN A 1 105 ? 1.147   -11.808 10.124  1.00 30.59 ? 105  ASN A C   1 
ATOM   822  O O   . ASN A 1 105 ? 1.802   -12.511 10.896  1.00 31.90 ? 105  ASN A O   1 
ATOM   823  C CB  . ASN A 1 105 ? -0.086  -13.766 8.985   1.00 29.36 ? 105  ASN A CB  1 
ATOM   824  C CG  . ASN A 1 105 ? -1.391  -13.675 9.800   1.00 30.82 ? 105  ASN A CG  1 
ATOM   825  O OD1 . ASN A 1 105 ? -1.576  -12.781 10.606  1.00 36.27 ? 105  ASN A OD1 1 
ATOM   826  N ND2 . ASN A 1 105 ? -2.259  -14.630 9.608   1.00 31.32 ? 105  ASN A ND2 1 
ATOM   827  N N   . ILE A 1 106 ? 0.867   -10.533 10.367  1.00 30.99 ? 106  ILE A N   1 
ATOM   828  C CA  . ILE A 1 106 ? 1.309   -9.839  11.569  1.00 31.43 ? 106  ILE A CA  1 
ATOM   829  C C   . ILE A 1 106 ? 0.574   -10.157 12.842  1.00 33.70 ? 106  ILE A C   1 
ATOM   830  O O   . ILE A 1 106 ? 1.057   -9.828  13.965  1.00 34.29 ? 106  ILE A O   1 
ATOM   831  C CB  . ILE A 1 106 ? 1.370   -8.380  11.366  1.00 30.37 ? 106  ILE A CB  1 
ATOM   832  C CG1 . ILE A 1 106 ? 0.109   -7.757  10.882  1.00 32.25 ? 106  ILE A CG1 1 
ATOM   833  C CG2 . ILE A 1 106 ? 2.350   -8.123  10.273  1.00 30.27 ? 106  ILE A CG2 1 
ATOM   834  C CD1 . ILE A 1 106 ? -0.074  -6.330  11.525  1.00 33.04 ? 106  ILE A CD1 1 
ATOM   835  N N   . GLN A 1 107 ? -0.425  -11.037 12.686  1.00 36.60 ? 107  GLN A N   1 
ATOM   836  C CA  . GLN A 1 107 ? -1.064  -11.762 13.813  1.00 36.44 ? 107  GLN A CA  1 
ATOM   837  C C   . GLN A 1 107 ? -0.262  -12.976 14.346  1.00 36.55 ? 107  GLN A C   1 
ATOM   838  O O   . GLN A 1 107 ? -0.589  -13.539 15.403  1.00 36.52 ? 107  GLN A O   1 
ATOM   839  C CB  . GLN A 1 107 ? -2.524  -12.193 13.365  1.00 37.77 ? 107  GLN A CB  1 
ATOM   840  C CG  . GLN A 1 107 ? -3.591  -11.004 13.303  1.00 36.74 ? 107  GLN A CG  1 
ATOM   841  C CD  . GLN A 1 107 ? -3.798  -10.355 14.759  1.00 41.12 ? 107  GLN A CD  1 
ATOM   842  O OE1 . GLN A 1 107 ? -4.283  -11.007 15.665  1.00 35.78 ? 107  GLN A OE1 1 
ATOM   843  N NE2 . GLN A 1 107 ? -3.339  -9.107  14.951  1.00 44.31 ? 107  GLN A NE2 1 
ATOM   844  N N   . ALA A 1 108 ? 0.832   -13.356 13.692  1.00 35.70 ? 108  ALA A N   1 
ATOM   845  C CA  . ALA A 1 108 ? 1.484   -14.685 13.936  1.00 33.48 ? 108  ALA A CA  1 
ATOM   846  C C   . ALA A 1 108 ? 3.025   -14.570 14.046  1.00 34.89 ? 108  ALA A C   1 
ATOM   847  O O   . ALA A 1 108 ? 3.787   -15.572 13.914  1.00 36.59 ? 108  ALA A O   1 
ATOM   848  C CB  . ALA A 1 108 ? 1.063   -15.661 12.833  1.00 31.43 ? 108  ALA A CB  1 
ATOM   849  N N   . ARG A 1 109 ? 3.513   -13.351 14.311  1.00 35.66 ? 109  ARG A N   1 
ATOM   850  C CA  . ARG A 1 109 ? 4.935   -13.080 14.573  1.00 34.12 ? 109  ARG A CA  1 
ATOM   851  C C   . ARG A 1 109 ? 5.089   -12.548 15.996  1.00 35.15 ? 109  ARG A C   1 
ATOM   852  O O   . ARG A 1 109 ? 4.216   -12.757 16.779  1.00 37.31 ? 109  ARG A O   1 
ATOM   853  C CB  . ARG A 1 109 ? 5.369   -12.073 13.531  1.00 32.07 ? 109  ARG A CB  1 
ATOM   854  C CG  . ARG A 1 109 ? 5.240   -12.719 12.225  1.00 31.92 ? 109  ARG A CG  1 
ATOM   855  C CD  . ARG A 1 109 ? 5.766   -11.938 11.048  1.00 33.04 ? 109  ARG A CD  1 
ATOM   856  N NE  . ARG A 1 109 ? 7.206   -11.684 11.151  1.00 31.57 ? 109  ARG A NE  1 
ATOM   857  C CZ  . ARG A 1 109 ? 7.816   -10.827 10.406  1.00 28.83 ? 109  ARG A CZ  1 
ATOM   858  N NH1 . ARG A 1 109 ? 7.088   -10.156 9.493   1.00 30.04 ? 109  ARG A NH1 1 
ATOM   859  N NH2 . ARG A 1 109 ? 9.127   -10.597 10.561  1.00 28.71 ? 109  ARG A NH2 1 
ATOM   860  N N   . GLU A 1 110 ? 6.162   -11.829 16.318  1.00 35.20 ? 110  GLU A N   1 
ATOM   861  C CA  . GLU A 1 110 ? 6.317   -11.248 17.630  1.00 34.88 ? 110  GLU A CA  1 
ATOM   862  C C   . GLU A 1 110 ? 5.105   -10.314 18.020  1.00 35.54 ? 110  GLU A C   1 
ATOM   863  O O   . GLU A 1 110 ? 4.355   -9.764  17.184  1.00 33.57 ? 110  GLU A O   1 
ATOM   864  C CB  . GLU A 1 110 ? 7.636   -10.506 17.706  1.00 35.70 ? 110  GLU A CB  1 
ATOM   865  C CG  . GLU A 1 110 ? 8.834   -11.151 16.960  1.00 36.13 ? 110  GLU A CG  1 
ATOM   866  C CD  . GLU A 1 110 ? 8.970   -10.685 15.482  1.00 39.13 ? 110  GLU A CD  1 
ATOM   867  O OE1 . GLU A 1 110 ? 7.939   -10.508 14.821  1.00 38.36 ? 110  GLU A OE1 1 
ATOM   868  O OE2 . GLU A 1 110 ? 10.097  -10.477 14.957  1.00 43.48 ? 110  GLU A OE2 1 
ATOM   869  N N   . GLU A 1 111 ? 4.864   -10.270 19.317  1.00 36.23 ? 111  GLU A N   1 
ATOM   870  C CA  . GLU A 1 111 ? 3.784   -9.522  19.965  1.00 35.13 ? 111  GLU A CA  1 
ATOM   871  C C   . GLU A 1 111 ? 3.902   -8.090  19.566  1.00 33.35 ? 111  GLU A C   1 
ATOM   872  O O   . GLU A 1 111 ? 2.916   -7.445  19.367  1.00 33.04 ? 111  GLU A O   1 
ATOM   873  C CB  . GLU A 1 111 ? 3.939   -9.649  21.512  1.00 36.93 ? 111  GLU A CB  1 
ATOM   874  C CG  . GLU A 1 111 ? 2.684   -9.237  22.352  1.00 42.66 ? 111  GLU A CG  1 
ATOM   875  C CD  . GLU A 1 111 ? 1.464   -10.185 22.106  1.00 53.00 ? 111  GLU A CD  1 
ATOM   876  O OE1 . GLU A 1 111 ? 0.304   -9.702  22.341  1.00 60.74 ? 111  GLU A OE1 1 
ATOM   877  O OE2 . GLU A 1 111 ? 1.665   -11.403 21.699  1.00 51.39 ? 111  GLU A OE2 1 
ATOM   878  N N   . PHE A 1 112 ? 5.127   -7.587  19.425  1.00 32.64 ? 112  PHE A N   1 
ATOM   879  C CA  . PHE A 1 112 ? 5.309   -6.211  18.985  1.00 34.43 ? 112  PHE A CA  1 
ATOM   880  C C   . PHE A 1 112 ? 4.786   -5.838  17.578  1.00 33.87 ? 112  PHE A C   1 
ATOM   881  O O   . PHE A 1 112 ? 4.615   -4.631  17.280  1.00 34.88 ? 112  PHE A O   1 
ATOM   882  C CB  . PHE A 1 112 ? 6.739   -5.626  19.274  1.00 35.44 ? 112  PHE A CB  1 
ATOM   883  C CG  . PHE A 1 112 ? 7.835   -6.366  18.655  1.00 36.66 ? 112  PHE A CG  1 
ATOM   884  C CD1 . PHE A 1 112 ? 8.001   -6.348  17.302  1.00 34.87 ? 112  PHE A CD1 1 
ATOM   885  C CD2 . PHE A 1 112 ? 8.728   -7.069  19.451  1.00 38.39 ? 112  PHE A CD2 1 
ATOM   886  C CE1 . PHE A 1 112 ? 9.014   -7.042  16.763  1.00 37.75 ? 112  PHE A CE1 1 
ATOM   887  C CE2 . PHE A 1 112 ? 9.729   -7.825  18.890  1.00 35.50 ? 112  PHE A CE2 1 
ATOM   888  C CZ  . PHE A 1 112 ? 9.885   -7.803  17.586  1.00 37.29 ? 112  PHE A CZ  1 
ATOM   889  N N   . ARG A 1 113 ? 4.459   -6.826  16.743  1.00 33.99 ? 113  ARG A N   1 
ATOM   890  C CA  . ARG A 1 113 ? 4.011   -6.565  15.385  1.00 34.18 ? 113  ARG A CA  1 
ATOM   891  C C   . ARG A 1 113 ? 2.497   -6.678  15.310  1.00 34.68 ? 113  ARG A C   1 
ATOM   892  O O   . ARG A 1 113 ? 1.968   -6.628  14.223  1.00 34.22 ? 113  ARG A O   1 
ATOM   893  C CB  . ARG A 1 113 ? 4.566   -7.663  14.445  1.00 35.05 ? 113  ARG A CB  1 
ATOM   894  C CG  . ARG A 1 113 ? 6.018   -7.426  14.010  1.00 35.99 ? 113  ARG A CG  1 
ATOM   895  C CD  . ARG A 1 113 ? 6.502   -8.269  12.807  1.00 35.62 ? 113  ARG A CD  1 
ATOM   896  N NE  . ARG A 1 113 ? 7.957   -8.488  12.995  1.00 36.90 ? 113  ARG A NE  1 
ATOM   897  C CZ  . ARG A 1 113 ? 8.903   -7.699  12.520  1.00 32.57 ? 113  ARG A CZ  1 
ATOM   898  N NH1 . ARG A 1 113 ? 8.595   -6.665  11.775  1.00 34.56 ? 113  ARG A NH1 1 
ATOM   899  N NH2 . ARG A 1 113 ? 10.167  -7.968  12.756  1.00 34.67 ? 113  ARG A NH2 1 
ATOM   900  N N   . LYS A 1 114 ? 1.768   -6.910  16.406  1.00 34.76 ? 114  LYS A N   1 
ATOM   901  C CA  . LYS A 1 114 ? 0.357   -7.274  16.203  1.00 36.35 ? 114  LYS A CA  1 
ATOM   902  C C   . LYS A 1 114 ? -0.554  -6.178  15.811  1.00 36.60 ? 114  LYS A C   1 
ATOM   903  O O   . LYS A 1 114 ? -1.521  -6.403  15.104  1.00 38.55 ? 114  LYS A O   1 
ATOM   904  C CB  . LYS A 1 114 ? -0.213  -7.911  17.439  1.00 37.78 ? 114  LYS A CB  1 
ATOM   905  C CG  . LYS A 1 114 ? 0.214   -9.347  17.517  1.00 39.53 ? 114  LYS A CG  1 
ATOM   906  C CD  . LYS A 1 114 ? -0.814  -10.297 18.217  1.00 39.98 ? 114  LYS A CD  1 
ATOM   907  C CE  . LYS A 1 114 ? 0.018   -11.526 18.640  1.00 41.43 ? 114  LYS A CE  1 
ATOM   908  N NZ  . LYS A 1 114 ? -0.691  -12.385 19.558  1.00 43.34 ? 114  LYS A NZ  1 
ATOM   909  N N   . ASN A 1 115 ? -0.223  -5.006  16.309  1.00 36.99 ? 115  ASN A N   1 
ATOM   910  C CA  . ASN A 1 115 ? -0.988  -3.778  16.250  1.00 35.70 ? 115  ASN A CA  1 
ATOM   911  C C   . ASN A 1 115 ? -0.389  -2.972  15.196  1.00 32.84 ? 115  ASN A C   1 
ATOM   912  O O   . ASN A 1 115 ? 0.842   -2.945  15.070  1.00 31.90 ? 115  ASN A O   1 
ATOM   913  C CB  . ASN A 1 115 ? -0.728  -3.078  17.558  1.00 39.68 ? 115  ASN A CB  1 
ATOM   914  C CG  . ASN A 1 115 ? -0.535  -1.499  17.448  1.00 44.73 ? 115  ASN A CG  1 
ATOM   915  O OD1 . ASN A 1 115 ? -1.534  -0.735  17.551  1.00 45.72 ? 115  ASN A OD1 1 
ATOM   916  N ND2 . ASN A 1 115 ? 0.773   -1.034  17.417  1.00 44.73 ? 115  ASN A ND2 1 
ATOM   917  N N   . SER A 1 116 ? -1.242  -2.419  14.335  1.00 32.40 ? 116  SER A N   1 
ATOM   918  C CA  . SER A 1 116 ? -0.817  -1.542  13.205  1.00 31.95 ? 116  SER A CA  1 
ATOM   919  C C   . SER A 1 116 ? -1.513  -0.178  13.409  1.00 31.27 ? 116  SER A C   1 
ATOM   920  O O   . SER A 1 116 ? -2.738  -0.045  13.193  1.00 29.52 ? 116  SER A O   1 
ATOM   921  C CB  . SER A 1 116 ? -1.165  -2.139  11.880  1.00 30.82 ? 116  SER A CB  1 
ATOM   922  O OG  . SER A 1 116 ? -0.890  -1.189  10.836  1.00 35.87 ? 116  SER A OG  1 
ATOM   923  N N   . TYR A 1 117 ? -0.758  0.819   13.891  1.00 30.32 ? 117  TYR A N   1 
ATOM   924  C CA  . TYR A 1 117 ? -1.333  2.159   14.007  1.00 30.57 ? 117  TYR A CA  1 
ATOM   925  C C   . TYR A 1 117 ? -1.781  2.617   12.604  1.00 31.78 ? 117  TYR A C   1 
ATOM   926  O O   . TYR A 1 117 ? -2.850  3.215   12.416  1.00 31.25 ? 117  TYR A O   1 
ATOM   927  C CB  . TYR A 1 117 ? -0.271  3.097   14.471  1.00 30.61 ? 117  TYR A CB  1 
ATOM   928  C CG  . TYR A 1 117 ? 0.011   3.126   15.951  1.00 25.84 ? 117  TYR A CG  1 
ATOM   929  C CD1 . TYR A 1 117 ? -0.964  3.062   16.828  1.00 33.05 ? 117  TYR A CD1 1 
ATOM   930  C CD2 . TYR A 1 117 ? 1.281   3.164   16.423  1.00 30.89 ? 117  TYR A CD2 1 
ATOM   931  C CE1 . TYR A 1 117 ? -0.725  3.110   18.273  1.00 35.52 ? 117  TYR A CE1 1 
ATOM   932  C CE2 . TYR A 1 117 ? 1.562   3.215   17.774  1.00 30.68 ? 117  TYR A CE2 1 
ATOM   933  C CZ  . TYR A 1 117 ? 0.553   3.188   18.676  1.00 29.86 ? 117  TYR A CZ  1 
ATOM   934  O OH  . TYR A 1 117 ? 0.743   3.254   19.971  1.00 31.11 ? 117  TYR A OH  1 
ATOM   935  N N   . THR A 1 118 ? -0.935  2.312   11.618  1.00 31.28 ? 118  THR A N   1 
ATOM   936  C CA  . THR A 1 118 ? -1.140  2.795   10.293  1.00 31.16 ? 118  THR A CA  1 
ATOM   937  C C   . THR A 1 118 ? -2.310  2.102   9.643   1.00 32.36 ? 118  THR A C   1 
ATOM   938  O O   . THR A 1 118 ? -3.040  2.714   8.823   1.00 33.24 ? 118  THR A O   1 
ATOM   939  C CB  . THR A 1 118 ? 0.151   2.558   9.433   1.00 30.43 ? 118  THR A CB  1 
ATOM   940  O OG1 . THR A 1 118 ? 0.602   1.225   9.564   1.00 27.63 ? 118  THR A OG1 1 
ATOM   941  C CG2 . THR A 1 118 ? 1.318   3.392   9.968   1.00 32.55 ? 118  THR A CG2 1 
ATOM   942  N N   . GLY A 1 119 ? -2.417  0.790   9.878   1.00 31.71 ? 119  GLY A N   1 
ATOM   943  C CA  . GLY A 1 119 ? -3.497  0.012   9.237   1.00 31.24 ? 119  GLY A CA  1 
ATOM   944  C C   . GLY A 1 119 ? -4.880  0.426   9.723   1.00 30.45 ? 119  GLY A C   1 
ATOM   945  O O   . GLY A 1 119 ? -5.841  0.310   8.973   1.00 30.85 ? 119  GLY A O   1 
ATOM   946  N N   . ALA A 1 120 ? -4.945  0.907   10.954  1.00 28.60 ? 120  ALA A N   1 
ATOM   947  C CA  . ALA A 1 120 ? -6.158  1.441   11.588  1.00 29.83 ? 120  ALA A CA  1 
ATOM   948  C C   . ALA A 1 120 ? -6.567  2.703   10.992  1.00 31.66 ? 120  ALA A C   1 
ATOM   949  O O   . ALA A 1 120 ? -7.692  3.088   11.181  1.00 34.95 ? 120  ALA A O   1 
ATOM   950  C CB  . ALA A 1 120 ? -5.900  1.768   13.033  1.00 26.69 ? 120  ALA A CB  1 
ATOM   951  N N   . ALA A 1 121 ? -5.641  3.401   10.360  1.00 33.14 ? 121  ALA A N   1 
ATOM   952  C CA  . ALA A 1 121 ? -5.912  4.672   9.697   1.00 35.42 ? 121  ALA A CA  1 
ATOM   953  C C   . ALA A 1 121 ? -6.386  4.475   8.231   1.00 36.58 ? 121  ALA A C   1 
ATOM   954  O O   . ALA A 1 121 ? -7.274  5.131   7.801   1.00 38.63 ? 121  ALA A O   1 
ATOM   955  C CB  . ALA A 1 121 ? -4.638  5.524   9.743   1.00 34.51 ? 121  ALA A CB  1 
ATOM   956  N N   . CYS A 1 122 ? -5.792  3.541   7.496   1.00 38.57 ? 122  CYS A N   1 
ATOM   957  C CA  . CYS A 1 122 ? -6.275  3.041   6.157   1.00 38.70 ? 122  CYS A CA  1 
ATOM   958  C C   . CYS A 1 122 ? -7.691  2.499   6.157   1.00 39.99 ? 122  CYS A C   1 
ATOM   959  O O   . CYS A 1 122 ? -8.263  2.011   7.183   1.00 39.27 ? 122  CYS A O   1 
ATOM   960  C CB  . CYS A 1 122 ? -5.393  1.845   5.676   1.00 37.72 ? 122  CYS A CB  1 
ATOM   961  S SG  . CYS A 1 122 ? -3.667  2.319   5.717   1.00 34.80 ? 122  CYS A SG  1 
ATOM   962  N N   . GLY A 1 123 ? -8.188  2.424   4.942   1.00 40.72 ? 123  GLY A N   1 
ATOM   963  C CA  . GLY A 1 123 ? -9.522  1.817   4.750   1.00 42.73 ? 123  GLY A CA  1 
ATOM   964  C C   . GLY A 1 123 ? -9.501  0.299   5.107   1.00 42.86 ? 123  GLY A C   1 
ATOM   965  O O   . GLY A 1 123 ? -10.475 -0.236  5.753   1.00 45.96 ? 123  GLY A O   1 
ATOM   966  N N   . GLY A 1 124 ? -8.413  -0.366  4.708   1.00 39.08 ? 124  GLY A N   1 
ATOM   967  C CA  . GLY A 1 124 ? -8.381  -1.760  4.821   1.00 37.55 ? 124  GLY A CA  1 
ATOM   968  C C   . GLY A 1 124 ? -6.991  -2.287  4.844   1.00 35.07 ? 124  GLY A C   1 
ATOM   969  O O   . GLY A 1 124 ? -6.037  -1.619  4.352   1.00 33.24 ? 124  GLY A O   1 
ATOM   970  N N   . VAL A 1 125 ? -6.921  -3.520  5.366   1.00 32.27 ? 125  VAL A N   1 
ATOM   971  C CA  . VAL A 1 125 ? -5.661  -4.174  5.601   1.00 30.18 ? 125  VAL A CA  1 
ATOM   972  C C   . VAL A 1 125 ? -5.690  -5.575  5.038   1.00 28.90 ? 125  VAL A C   1 
ATOM   973  O O   . VAL A 1 125 ? -6.612  -6.365  5.263   1.00 28.11 ? 125  VAL A O   1 
ATOM   974  C CB  . VAL A 1 125 ? -5.310  -4.195  7.109   1.00 29.72 ? 125  VAL A CB  1 
ATOM   975  C CG1 . VAL A 1 125 ? -3.886  -4.753  7.422   1.00 29.68 ? 125  VAL A CG1 1 
ATOM   976  C CG2 . VAL A 1 125 ? -5.413  -2.771  7.733   1.00 32.78 ? 125  VAL A CG2 1 
ATOM   977  N N   . ILE A 1 126 ? -4.587  -5.892  4.367   1.00 28.04 ? 126  ILE A N   1 
ATOM   978  C CA  . ILE A 1 126 ? -4.312  -7.235  3.877   1.00 27.30 ? 126  ILE A CA  1 
ATOM   979  C C   . ILE A 1 126 ? -2.985  -7.712  4.400   1.00 26.40 ? 126  ILE A C   1 
ATOM   980  O O   . ILE A 1 126 ? -2.041  -6.960  4.371   1.00 23.23 ? 126  ILE A O   1 
ATOM   981  C CB  . ILE A 1 126 ? -4.181  -7.174  2.285   1.00 26.20 ? 126  ILE A CB  1 
ATOM   982  C CG1 . ILE A 1 126 ? -5.461  -6.582  1.653   1.00 27.00 ? 126  ILE A CG1 1 
ATOM   983  C CG2 . ILE A 1 126 ? -3.819  -8.509  1.732   1.00 25.67 ? 126  ILE A CG2 1 
ATOM   984  C CD1 . ILE A 1 126 ? -5.175  -5.884  0.404   1.00 27.52 ? 126  ILE A CD1 1 
ATOM   985  N N   . MET A 1 127 ? -2.907  -9.011  4.722   1.00 26.72 ? 127  MET A N   1 
ATOM   986  C CA  . MET A 1 127 ? -1.724  -9.545  5.412   1.00 27.53 ? 127  MET A CA  1 
ATOM   987  C C   . MET A 1 127 ? -1.651  -11.032 5.265   1.00 27.59 ? 127  MET A C   1 
ATOM   988  O O   . MET A 1 127 ? -2.680  -11.730 5.307   1.00 27.42 ? 127  MET A O   1 
ATOM   989  C CB  . MET A 1 127 ? -1.748  -9.209  6.928   1.00 26.49 ? 127  MET A CB  1 
ATOM   990  C CG  . MET A 1 127 ? -2.740  -9.942  7.710   1.00 24.12 ? 127  MET A CG  1 
ATOM   991  S SD  . MET A 1 127 ? -2.718  -9.496  9.498   1.00 25.68 ? 127  MET A SD  1 
ATOM   992  C CE  . MET A 1 127 ? -3.096  -7.768  9.359   1.00 27.86 ? 127  MET A CE  1 
ATOM   993  N N   . GLY A 1 128 ? -0.421  -11.489 5.017   1.00 29.71 ? 128  GLY A N   1 
ATOM   994  C CA  . GLY A 1 128 ? -0.083  -12.913 4.963   1.00 29.84 ? 128  GLY A CA  1 
ATOM   995  C C   . GLY A 1 128 ? -0.207  -13.521 3.584   1.00 30.89 ? 128  GLY A C   1 
ATOM   996  O O   . GLY A 1 128 ? -0.099  -14.753 3.446   1.00 30.23 ? 128  GLY A O   1 
ATOM   997  N N   . PHE A 1 129 ? -0.409  -12.738 2.535   1.00 31.24 ? 129  PHE A N   1 
ATOM   998  C CA  . PHE A 1 129 ? -0.537  -13.462 1.223   1.00 31.13 ? 129  PHE A CA  1 
ATOM   999  C C   . PHE A 1 129 ? 0.748   -13.481 0.403   1.00 31.63 ? 129  PHE A C   1 
ATOM   1000 O O   . PHE A 1 129 ? 0.794   -13.913 -0.790  1.00 30.51 ? 129  PHE A O   1 
ATOM   1001 C CB  . PHE A 1 129 ? -1.738  -12.959 0.398   1.00 29.55 ? 129  PHE A CB  1 
ATOM   1002 C CG  . PHE A 1 129 ? -3.057  -13.095 1.146   1.00 28.63 ? 129  PHE A CG  1 
ATOM   1003 C CD1 . PHE A 1 129 ? -3.506  -12.089 1.973   1.00 23.80 ? 129  PHE A CD1 1 
ATOM   1004 C CD2 . PHE A 1 129 ? -3.829  -14.242 1.046   1.00 28.14 ? 129  PHE A CD2 1 
ATOM   1005 C CE1 . PHE A 1 129 ? -4.728  -12.206 2.627   1.00 25.47 ? 129  PHE A CE1 1 
ATOM   1006 C CE2 . PHE A 1 129 ? -5.063  -14.365 1.740   1.00 26.13 ? 129  PHE A CE2 1 
ATOM   1007 C CZ  . PHE A 1 129 ? -5.494  -13.346 2.518   1.00 24.20 ? 129  PHE A CZ  1 
ATOM   1008 N N   . GLY A 1 130 ? 1.810   -13.034 1.035   1.00 32.20 ? 130  GLY A N   1 
ATOM   1009 C CA  . GLY A 1 130 ? 3.032   -12.775 0.278   1.00 32.39 ? 130  GLY A CA  1 
ATOM   1010 C C   . GLY A 1 130 ? 2.811   -11.758 -0.830  1.00 33.08 ? 130  GLY A C   1 
ATOM   1011 O O   . GLY A 1 130 ? 1.856   -10.921 -0.758  1.00 33.39 ? 130  GLY A O   1 
ATOM   1012 N N   . PRO A 1 131 ? 3.670   -11.822 -1.862  1.00 32.94 ? 131  PRO A N   1 
ATOM   1013 C CA  . PRO A 1 131 ? 3.571   -10.885 -2.997  1.00 33.15 ? 131  PRO A CA  1 
ATOM   1014 C C   . PRO A 1 131 ? 2.152   -10.713 -3.525  1.00 33.37 ? 131  PRO A C   1 
ATOM   1015 O O   . PRO A 1 131 ? 1.769   -9.610  -3.845  1.00 33.71 ? 131  PRO A O   1 
ATOM   1016 C CB  . PRO A 1 131 ? 4.499   -11.478 -4.051  1.00 33.45 ? 131  PRO A CB  1 
ATOM   1017 C CG  . PRO A 1 131 ? 5.455   -12.425 -3.296  1.00 32.92 ? 131  PRO A CG  1 
ATOM   1018 C CD  . PRO A 1 131 ? 4.823   -12.744 -1.970  1.00 32.14 ? 131  PRO A CD  1 
ATOM   1019 N N   . LEU A 1 132 ? 1.352   -11.767 -3.505  1.00 33.84 ? 132  LEU A N   1 
ATOM   1020 C CA  . LEU A 1 132 ? -0.045  -11.694 -3.965  1.00 33.26 ? 132  LEU A CA  1 
ATOM   1021 C C   . LEU A 1 132 ? -0.934  -10.609 -3.310  1.00 33.55 ? 132  LEU A C   1 
ATOM   1022 O O   . LEU A 1 132 ? -1.929  -10.126 -3.925  1.00 34.45 ? 132  LEU A O   1 
ATOM   1023 C CB  . LEU A 1 132 ? -0.683  -13.053 -3.770  1.00 32.61 ? 132  LEU A CB  1 
ATOM   1024 C CG  . LEU A 1 132 ? -2.204  -13.177 -3.949  1.00 34.81 ? 132  LEU A CG  1 
ATOM   1025 C CD1 . LEU A 1 132 ? -2.738  -12.737 -5.358  1.00 36.66 ? 132  LEU A CD1 1 
ATOM   1026 C CD2 . LEU A 1 132 ? -2.608  -14.650 -3.614  1.00 33.57 ? 132  LEU A CD2 1 
ATOM   1027 N N   . GLY A 1 133 ? -0.598  -10.198 -2.098  1.00 32.65 ? 133  GLY A N   1 
ATOM   1028 C CA  . GLY A 1 133 ? -1.434  -9.248  -1.433  1.00 33.04 ? 133  GLY A CA  1 
ATOM   1029 C C   . GLY A 1 133 ? -1.446  -7.913  -2.117  1.00 33.61 ? 133  GLY A C   1 
ATOM   1030 O O   . GLY A 1 133 ? -2.440  -7.143  -2.038  1.00 34.64 ? 133  GLY A O   1 
ATOM   1031 N N   . TYR A 1 134 ? -0.347  -7.604  -2.792  1.00 34.15 ? 134  TYR A N   1 
ATOM   1032 C CA  . TYR A 1 134 ? -0.277  -6.340  -3.550  1.00 33.98 ? 134  TYR A CA  1 
ATOM   1033 C C   . TYR A 1 134 ? -1.255  -6.313  -4.768  1.00 34.34 ? 134  TYR A C   1 
ATOM   1034 O O   . TYR A 1 134 ? -1.765  -5.251  -5.184  1.00 34.60 ? 134  TYR A O   1 
ATOM   1035 C CB  . TYR A 1 134 ? 1.145   -6.094  -4.029  1.00 32.79 ? 134  TYR A CB  1 
ATOM   1036 C CG  . TYR A 1 134 ? 2.081   -5.756  -2.931  1.00 30.43 ? 134  TYR A CG  1 
ATOM   1037 C CD1 . TYR A 1 134 ? 2.829   -6.736  -2.351  1.00 30.88 ? 134  TYR A CD1 1 
ATOM   1038 C CD2 . TYR A 1 134 ? 2.239   -4.423  -2.487  1.00 31.54 ? 134  TYR A CD2 1 
ATOM   1039 C CE1 . TYR A 1 134 ? 3.709   -6.415  -1.274  1.00 34.55 ? 134  TYR A CE1 1 
ATOM   1040 C CE2 . TYR A 1 134 ? 3.123   -4.061  -1.434  1.00 28.80 ? 134  TYR A CE2 1 
ATOM   1041 C CZ  . TYR A 1 134 ? 3.870   -5.054  -0.822  1.00 32.06 ? 134  TYR A CZ  1 
ATOM   1042 O OH  . TYR A 1 134 ? 4.762   -4.813  0.240   1.00 25.94 ? 134  TYR A OH  1 
ATOM   1043 N N   . ASN A 1 135 ? -1.556  -7.473  -5.333  1.00 34.71 ? 135  ASN A N   1 
ATOM   1044 C CA  . ASN A 1 135 ? -2.431  -7.470  -6.524  1.00 34.62 ? 135  ASN A CA  1 
ATOM   1045 C C   . ASN A 1 135 ? -3.853  -7.388  -6.055  1.00 34.07 ? 135  ASN A C   1 
ATOM   1046 O O   . ASN A 1 135 ? -4.651  -6.668  -6.648  1.00 32.53 ? 135  ASN A O   1 
ATOM   1047 C CB  . ASN A 1 135 ? -2.145  -8.673  -7.415  1.00 34.94 ? 135  ASN A CB  1 
ATOM   1048 C CG  . ASN A 1 135 ? -0.798  -8.531  -8.195  1.00 36.82 ? 135  ASN A CG  1 
ATOM   1049 O OD1 . ASN A 1 135 ? -0.240  -7.416  -8.321  1.00 41.22 ? 135  ASN A OD1 1 
ATOM   1050 N ND2 . ASN A 1 135 ? -0.295  -9.658  -8.737  1.00 35.92 ? 135  ASN A ND2 1 
ATOM   1051 N N   . MET A 1 136 ? -4.112  -8.031  -4.897  1.00 34.53 ? 136  MET A N   1 
ATOM   1052 C CA  . MET A 1 136 ? -5.417  -7.966  -4.216  1.00 33.50 ? 136  MET A CA  1 
ATOM   1053 C C   . MET A 1 136 ? -5.637  -6.536  -3.772  1.00 33.61 ? 136  MET A C   1 
ATOM   1054 O O   . MET A 1 136 ? -6.730  -5.974  -3.882  1.00 33.70 ? 136  MET A O   1 
ATOM   1055 C CB  . MET A 1 136 ? -5.371  -8.827  -3.014  1.00 33.60 ? 136  MET A CB  1 
ATOM   1056 C CG  . MET A 1 136 ? -5.162  -10.319 -3.184  1.00 34.09 ? 136  MET A CG  1 
ATOM   1057 S SD  . MET A 1 136 ? -4.699  -11.192 -1.629  1.00 33.47 ? 136  MET A SD  1 
ATOM   1058 C CE  . MET A 1 136 ? -6.167  -10.871 -0.613  1.00 31.47 ? 136  MET A CE  1 
ATOM   1059 N N   . ALA A 1 137 ? -4.570  -5.888  -3.326  1.00 33.98 ? 137  ALA A N   1 
ATOM   1060 C CA  . ALA A 1 137 ? -4.631  -4.406  -3.128  1.00 34.97 ? 137  ALA A CA  1 
ATOM   1061 C C   . ALA A 1 137 ? -5.021  -3.599  -4.362  1.00 34.83 ? 137  ALA A C   1 
ATOM   1062 O O   . ALA A 1 137 ? -5.910  -2.774  -4.316  1.00 33.98 ? 137  ALA A O   1 
ATOM   1063 C CB  . ALA A 1 137 ? -3.269  -3.863  -2.555  1.00 35.05 ? 137  ALA A CB  1 
ATOM   1064 N N   . LEU A 1 138 ? -4.321  -3.822  -5.465  1.00 36.68 ? 138  LEU A N   1 
ATOM   1065 C CA  . LEU A 1 138 ? -4.725  -3.270  -6.768  1.00 38.09 ? 138  LEU A CA  1 
ATOM   1066 C C   . LEU A 1 138 ? -6.187  -3.525  -7.151  1.00 38.77 ? 138  LEU A C   1 
ATOM   1067 O O   . LEU A 1 138 ? -6.931  -2.597  -7.466  1.00 38.43 ? 138  LEU A O   1 
ATOM   1068 C CB  . LEU A 1 138 ? -3.844  -3.858  -7.842  1.00 38.52 ? 138  LEU A CB  1 
ATOM   1069 C CG  . LEU A 1 138 ? -2.478  -3.175  -7.856  1.00 41.04 ? 138  LEU A CG  1 
ATOM   1070 C CD1 . LEU A 1 138 ? -1.438  -4.071  -8.619  1.00 43.45 ? 138  LEU A CD1 1 
ATOM   1071 C CD2 . LEU A 1 138 ? -2.610  -1.792  -8.509  1.00 41.63 ? 138  LEU A CD2 1 
ATOM   1072 N N   . MET A 1 139 ? -6.588  -4.789  -7.123  1.00 40.45 ? 139  MET A N   1 
ATOM   1073 C CA  . MET A 1 139 ? -8.015  -5.177  -7.286  1.00 41.28 ? 139  MET A CA  1 
ATOM   1074 C C   . MET A 1 139 ? -8.909  -4.255  -6.446  1.00 40.42 ? 139  MET A C   1 
ATOM   1075 O O   . MET A 1 139 ? -9.834  -3.625  -6.975  1.00 39.27 ? 139  MET A O   1 
ATOM   1076 C CB  . MET A 1 139 ? -8.239  -6.642  -6.835  1.00 42.36 ? 139  MET A CB  1 
ATOM   1077 C CG  . MET A 1 139 ? -9.430  -7.362  -7.445  1.00 42.87 ? 139  MET A CG  1 
ATOM   1078 S SD  . MET A 1 139 ? -10.330 -8.379  -6.253  1.00 50.77 ? 139  MET A SD  1 
ATOM   1079 C CE  . MET A 1 139 ? -11.939 -8.263  -7.020  1.00 48.51 ? 139  MET A CE  1 
ATOM   1080 N N   . ALA A 1 140 ? -8.623  -4.188  -5.143  1.00 39.19 ? 140  ALA A N   1 
ATOM   1081 C CA  . ALA A 1 140 ? -9.465  -3.435  -4.242  1.00 39.10 ? 140  ALA A CA  1 
ATOM   1082 C C   . ALA A 1 140 ? -9.542  -1.941  -4.648  1.00 38.95 ? 140  ALA A C   1 
ATOM   1083 O O   . ALA A 1 140 ? -10.630 -1.344  -4.684  1.00 38.92 ? 140  ALA A O   1 
ATOM   1084 C CB  . ALA A 1 140 ? -8.963  -3.576  -2.739  1.00 38.37 ? 140  ALA A CB  1 
ATOM   1085 N N   . MET A 1 141 ? -8.386  -1.334  -4.902  1.00 38.36 ? 141  MET A N   1 
ATOM   1086 C CA  . MET A 1 141 ? -8.274  0.110   -5.107  1.00 38.04 ? 141  MET A CA  1 
ATOM   1087 C C   . MET A 1 141 ? -9.054  0.499   -6.353  1.00 38.11 ? 141  MET A C   1 
ATOM   1088 O O   . MET A 1 141 ? -9.779  1.523   -6.443  1.00 38.03 ? 141  MET A O   1 
ATOM   1089 C CB  . MET A 1 141 ? -6.789  0.391   -5.292  1.00 38.21 ? 141  MET A CB  1 
ATOM   1090 C CG  . MET A 1 141 ? -6.427  1.799   -5.624  1.00 38.35 ? 141  MET A CG  1 
ATOM   1091 S SD  . MET A 1 141 ? -6.833  2.849   -4.277  1.00 41.29 ? 141  MET A SD  1 
ATOM   1092 C CE  . MET A 1 141 ? -5.401  2.565   -3.262  1.00 42.11 ? 141  MET A CE  1 
ATOM   1093 N N   . VAL A 1 142 ? -8.925  -0.372  -7.333  1.00 38.10 ? 142  VAL A N   1 
ATOM   1094 C CA  . VAL A 1 142 ? -9.569  -0.149  -8.633  1.00 38.77 ? 142  VAL A CA  1 
ATOM   1095 C C   . VAL A 1 142 ? -11.097 -0.156  -8.477  1.00 37.98 ? 142  VAL A C   1 
ATOM   1096 O O   . VAL A 1 142 ? -11.816 0.718   -8.967  1.00 38.05 ? 142  VAL A O   1 
ATOM   1097 C CB  . VAL A 1 142 ? -8.947  -1.167  -9.659  1.00 38.96 ? 142  VAL A CB  1 
ATOM   1098 C CG1 . VAL A 1 142 ? -9.958  -1.949  -10.433 1.00 39.42 ? 142  VAL A CG1 1 
ATOM   1099 C CG2 . VAL A 1 142 ? -7.914  -0.454  -10.540 1.00 39.45 ? 142  VAL A CG2 1 
ATOM   1100 N N   . ASN A 1 143 ? -11.542 -1.142  -7.729  1.00 38.41 ? 143  ASN A N   1 
ATOM   1101 C CA  . ASN A 1 143 ? -12.924 -1.307  -7.307  1.00 39.40 ? 143  ASN A CA  1 
ATOM   1102 C C   . ASN A 1 143 ? -13.513 -0.147  -6.527  1.00 39.83 ? 143  ASN A C   1 
ATOM   1103 O O   . ASN A 1 143 ? -14.624 0.296   -6.786  1.00 41.93 ? 143  ASN A O   1 
ATOM   1104 C CB  . ASN A 1 143 ? -13.061 -2.554  -6.454  1.00 38.71 ? 143  ASN A CB  1 
ATOM   1105 C CG  . ASN A 1 143 ? -14.285 -3.251  -6.767  1.00 42.64 ? 143  ASN A CG  1 
ATOM   1106 O OD1 . ASN A 1 143 ? -15.371 -2.833  -6.348  1.00 45.68 ? 143  ASN A OD1 1 
ATOM   1107 N ND2 . ASN A 1 143 ? -14.178 -4.266  -7.637  1.00 47.11 ? 143  ASN A ND2 1 
ATOM   1108 N N   . ILE A 1 144 ? -12.734 0.344   -5.594  1.00 39.54 ? 144  ILE A N   1 
ATOM   1109 C CA  . ILE A 1 144 ? -13.119 1.413   -4.686  1.00 39.75 ? 144  ILE A CA  1 
ATOM   1110 C C   . ILE A 1 144 ? -13.214 2.744   -5.378  1.00 39.99 ? 144  ILE A C   1 
ATOM   1111 O O   . ILE A 1 144 ? -14.120 3.554   -5.103  1.00 41.07 ? 144  ILE A O   1 
ATOM   1112 C CB  . ILE A 1 144 ? -12.030 1.478   -3.455  1.00 39.91 ? 144  ILE A CB  1 
ATOM   1113 C CG1 . ILE A 1 144 ? -12.295 0.350   -2.443  1.00 39.02 ? 144  ILE A CG1 1 
ATOM   1114 C CG2 . ILE A 1 144 ? -11.999 2.851   -2.741  1.00 39.64 ? 144  ILE A CG2 1 
ATOM   1115 C CD1 . ILE A 1 144 ? -11.209 0.137   -1.469  1.00 39.11 ? 144  ILE A CD1 1 
ATOM   1116 N N   . LEU A 1 145 ? -12.233 3.004   -6.226  1.00 40.38 ? 145  LEU A N   1 
ATOM   1117 C CA  . LEU A 1 145 ? -12.243 4.217   -6.989  1.00 40.72 ? 145  LEU A CA  1 
ATOM   1118 C C   . LEU A 1 145 ? -13.477 4.244   -7.836  1.00 42.18 ? 145  LEU A C   1 
ATOM   1119 O O   . LEU A 1 145 ? -14.119 5.305   -7.961  1.00 41.89 ? 145  LEU A O   1 
ATOM   1120 C CB  . LEU A 1 145 ? -10.985 4.336   -7.841  1.00 39.52 ? 145  LEU A CB  1 
ATOM   1121 C CG  . LEU A 1 145 ? -9.751  4.566   -7.003  1.00 39.15 ? 145  LEU A CG  1 
ATOM   1122 C CD1 . LEU A 1 145 ? -8.533  4.528   -7.806  1.00 35.12 ? 145  LEU A CD1 1 
ATOM   1123 C CD2 . LEU A 1 145 ? -9.891  5.907   -6.292  1.00 40.97 ? 145  LEU A CD2 1 
ATOM   1124 N N   . ALA A 1 146 ? -13.809 3.077   -8.406  1.00 44.17 ? 146  ALA A N   1 
ATOM   1125 C CA  . ALA A 1 146 ? -14.833 3.008   -9.422  1.00 45.46 ? 146  ALA A CA  1 
ATOM   1126 C C   . ALA A 1 146 ? -16.095 3.219   -8.685  1.00 47.10 ? 146  ALA A C   1 
ATOM   1127 O O   . ALA A 1 146 ? -16.973 3.882   -9.151  1.00 47.80 ? 146  ALA A O   1 
ATOM   1128 C CB  . ALA A 1 146 ? -14.837 1.684   -10.104 1.00 45.79 ? 146  ALA A CB  1 
ATOM   1129 N N   . GLU A 1 147 ? -16.179 2.720   -7.479  1.00 49.20 ? 147  GLU A N   1 
ATOM   1130 C CA  . GLU A 1 147 ? -17.345 3.030   -6.680  1.00 51.26 ? 147  GLU A CA  1 
ATOM   1131 C C   . GLU A 1 147 ? -17.513 4.492   -6.271  1.00 51.50 ? 147  GLU A C   1 
ATOM   1132 O O   . GLU A 1 147 ? -18.614 5.035   -6.376  1.00 50.75 ? 147  GLU A O   1 
ATOM   1133 C CB  . GLU A 1 147 ? -17.285 2.238   -5.434  1.00 51.76 ? 147  GLU A CB  1 
ATOM   1134 C CG  . GLU A 1 147 ? -18.606 1.619   -5.095  1.00 55.32 ? 147  GLU A CG  1 
ATOM   1135 C CD  . GLU A 1 147 ? -18.382 0.158   -4.822  1.00 59.95 ? 147  GLU A CD  1 
ATOM   1136 O OE1 . GLU A 1 147 ? -18.641 -0.615  -5.798  1.00 59.87 ? 147  GLU A OE1 1 
ATOM   1137 O OE2 . GLU A 1 147 ? -17.861 -0.155  -3.675  1.00 60.79 ? 147  GLU A OE2 1 
ATOM   1138 N N   . MET A 1 148 ? -16.431 5.106   -5.792  1.00 52.50 ? 148  MET A N   1 
ATOM   1139 C CA  . MET A 1 148 ? -16.456 6.504   -5.295  1.00 53.96 ? 148  MET A CA  1 
ATOM   1140 C C   . MET A 1 148 ? -16.835 7.573   -6.327  1.00 55.54 ? 148  MET A C   1 
ATOM   1141 O O   . MET A 1 148 ? -17.473 8.579   -6.022  1.00 55.58 ? 148  MET A O   1 
ATOM   1142 C CB  . MET A 1 148 ? -15.091 6.882   -4.720  1.00 53.83 ? 148  MET A CB  1 
ATOM   1143 C CG  . MET A 1 148 ? -14.856 6.320   -3.284  1.00 53.79 ? 148  MET A CG  1 
ATOM   1144 S SD  . MET A 1 148 ? -13.245 6.743   -2.710  1.00 51.71 ? 148  MET A SD  1 
ATOM   1145 C CE  . MET A 1 148 ? -12.849 8.228   -3.763  1.00 55.09 ? 148  MET A CE  1 
ATOM   1146 N N   . LYS A 1 149 ? -16.407 7.329   -7.548  1.00 57.50 ? 149  LYS A N   1 
ATOM   1147 C CA  . LYS A 1 149 ? -16.497 8.270   -8.647  1.00 59.02 ? 149  LYS A CA  1 
ATOM   1148 C C   . LYS A 1 149 ? -17.778 8.011   -9.445  1.00 59.79 ? 149  LYS A C   1 
ATOM   1149 O O   . LYS A 1 149 ? -18.350 8.926   -9.995  1.00 59.15 ? 149  LYS A O   1 
ATOM   1150 C CB  . LYS A 1 149 ? -15.253 8.096   -9.529  1.00 59.22 ? 149  LYS A CB  1 
ATOM   1151 C CG  . LYS A 1 149 ? -14.836 9.312   -10.325 1.00 59.95 ? 149  LYS A CG  1 
ATOM   1152 C CD  . LYS A 1 149 ? -14.150 8.880   -11.651 1.00 60.17 ? 149  LYS A CD  1 
ATOM   1153 C CE  . LYS A 1 149 ? -15.144 8.347   -12.736 1.00 59.82 ? 149  LYS A CE  1 
ATOM   1154 N NZ  . LYS A 1 149 ? -14.453 7.510   -13.763 1.00 59.14 ? 149  LYS A NZ  1 
ATOM   1155 N N   . ALA A 1 150 ? -18.202 6.754   -9.487  1.00 61.32 ? 150  ALA A N   1 
ATOM   1156 C CA  . ALA A 1 150 ? -19.571 6.406   -9.832  1.00 63.15 ? 150  ALA A CA  1 
ATOM   1157 C C   . ALA A 1 150 ? -20.572 7.029   -8.864  1.00 64.78 ? 150  ALA A C   1 
ATOM   1158 O O   . ALA A 1 150 ? -21.765 7.073   -9.136  1.00 66.02 ? 150  ALA A O   1 
ATOM   1159 C CB  . ALA A 1 150 ? -19.750 4.909   -9.827  1.00 63.05 ? 150  ALA A CB  1 
ATOM   1160 N N   . PHE A 1 151 ? -20.090 7.528   -7.743  1.00 66.40 ? 151  PHE A N   1 
ATOM   1161 C CA  . PHE A 1 151 ? -20.944 8.018   -6.704  1.00 67.55 ? 151  PHE A CA  1 
ATOM   1162 C C   . PHE A 1 151 ? -20.960 9.542   -6.693  1.00 69.04 ? 151  PHE A C   1 
ATOM   1163 O O   . PHE A 1 151 ? -21.953 10.148  -6.303  1.00 69.27 ? 151  PHE A O   1 
ATOM   1164 C CB  . PHE A 1 151 ? -20.373 7.455   -5.430  1.00 67.64 ? 151  PHE A CB  1 
ATOM   1165 C CG  . PHE A 1 151 ? -21.039 7.917   -4.206  1.00 67.85 ? 151  PHE A CG  1 
ATOM   1166 C CD1 . PHE A 1 151 ? -20.691 9.147   -3.634  1.00 67.12 ? 151  PHE A CD1 1 
ATOM   1167 C CD2 . PHE A 1 151 ? -21.990 7.107   -3.585  1.00 67.92 ? 151  PHE A CD2 1 
ATOM   1168 C CE1 . PHE A 1 151 ? -21.299 9.583   -2.474  1.00 67.16 ? 151  PHE A CE1 1 
ATOM   1169 C CE2 . PHE A 1 151 ? -22.603 7.522   -2.414  1.00 68.64 ? 151  PHE A CE2 1 
ATOM   1170 C CZ  . PHE A 1 151 ? -22.256 8.765   -1.845  1.00 68.00 ? 151  PHE A CZ  1 
ATOM   1171 N N   . GLN A 1 152 ? -19.849 10.155  -7.104  1.00 70.89 ? 152  GLN A N   1 
ATOM   1172 C CA  . GLN A 1 152 ? -19.749 11.606  -7.229  1.00 72.60 ? 152  GLN A CA  1 
ATOM   1173 C C   . GLN A 1 152 ? -20.629 12.143  -8.378  1.00 73.72 ? 152  GLN A C   1 
ATOM   1174 O O   . GLN A 1 152 ? -21.341 13.140  -8.209  1.00 73.46 ? 152  GLN A O   1 
ATOM   1175 C CB  . GLN A 1 152 ? -18.289 12.034  -7.430  1.00 72.53 ? 152  GLN A CB  1 
ATOM   1176 C CG  . GLN A 1 152 ? -17.416 11.939  -6.150  1.00 74.10 ? 152  GLN A CG  1 
ATOM   1177 C CD  . GLN A 1 152 ? -15.871 11.939  -6.423  1.00 74.73 ? 152  GLN A CD  1 
ATOM   1178 O OE1 . GLN A 1 152 ? -15.396 12.685  -7.323  1.00 76.53 ? 152  GLN A OE1 1 
ATOM   1179 N NE2 . GLN A 1 152 ? -15.098 11.116  -5.645  1.00 72.56 ? 152  GLN A NE2 1 
ATOM   1180 N N   . GLU A 1 153 ? -20.585 11.489  -9.537  1.00 75.19 ? 153  GLU A N   1 
ATOM   1181 C CA  . GLU A 1 153 ? -21.446 11.893  -10.634 1.00 76.24 ? 153  GLU A CA  1 
ATOM   1182 C C   . GLU A 1 153 ? -22.925 11.700  -10.251 1.00 77.55 ? 153  GLU A C   1 
ATOM   1183 O O   . GLU A 1 153 ? -23.813 12.442  -10.697 1.00 77.59 ? 153  GLU A O   1 
ATOM   1184 C CB  . GLU A 1 153 ? -21.100 11.132  -11.914 1.00 76.16 ? 153  GLU A CB  1 
ATOM   1185 C CG  . GLU A 1 153 ? -22.103 11.307  -13.079 1.00 76.28 ? 153  GLU A CG  1 
ATOM   1186 C CD  . GLU A 1 153 ? -22.268 12.743  -13.608 1.00 77.43 ? 153  GLU A CD  1 
ATOM   1187 O OE1 . GLU A 1 153 ? -22.731 12.923  -14.769 1.00 76.70 ? 153  GLU A OE1 1 
ATOM   1188 O OE2 . GLU A 1 153 ? -21.953 13.713  -12.882 1.00 78.47 ? 153  GLU A OE2 1 
ATOM   1189 N N   . ALA A 1 154 ? -23.184 10.717  -9.393  1.00 79.12 ? 154  ALA A N   1 
ATOM   1190 C CA  . ALA A 1 154 ? -24.540 10.467  -8.887  1.00 79.93 ? 154  ALA A CA  1 
ATOM   1191 C C   . ALA A 1 154 ? -24.942 11.372  -7.678  1.00 81.08 ? 154  ALA A C   1 
ATOM   1192 O O   . ALA A 1 154 ? -25.869 11.052  -6.921  1.00 81.37 ? 154  ALA A O   1 
ATOM   1193 C CB  . ALA A 1 154 ? -24.687 8.972   -8.537  1.00 79.95 ? 154  ALA A CB  1 
ATOM   1194 N N   . GLN A 1 155 ? -24.255 12.497  -7.490  1.00 81.95 ? 155  GLN A N   1 
ATOM   1195 C CA  . GLN A 1 155 ? -24.737 13.519  -6.552  1.00 82.45 ? 155  GLN A CA  1 
ATOM   1196 C C   . GLN A 1 155 ? -24.584 14.985  -7.037  1.00 83.07 ? 155  GLN A C   1 
ATOM   1197 O O   . GLN A 1 155 ? -25.281 15.884  -6.534  1.00 83.14 ? 155  GLN A O   1 
ATOM   1198 C CB  . GLN A 1 155 ? -24.073 13.318  -5.201  1.00 82.50 ? 155  GLN A CB  1 
ATOM   1199 C CG  . GLN A 1 155 ? -24.824 12.360  -4.292  1.00 82.82 ? 155  GLN A CG  1 
ATOM   1200 C CD  . GLN A 1 155 ? -24.194 12.283  -2.902  1.00 83.02 ? 155  GLN A CD  1 
ATOM   1201 O OE1 . GLN A 1 155 ? -23.276 13.045  -2.582  1.00 81.70 ? 155  GLN A OE1 1 
ATOM   1202 N NE2 . GLN A 1 155 ? -24.690 11.370  -2.074  1.00 85.31 ? 155  GLN A NE2 1 
ATOM   1203 N N   . LYS A 1 156 ? -23.674 15.212  -7.996  1.00 83.48 ? 156  LYS A N   1 
ATOM   1204 C CA  . LYS A 1 156 ? -23.572 16.485  -8.738  1.00 83.25 ? 156  LYS A CA  1 
ATOM   1205 C C   . LYS A 1 156 ? -24.607 16.495  -9.852  1.00 83.75 ? 156  LYS A C   1 
ATOM   1206 O O   . LYS A 1 156 ? -24.764 17.512  -10.545 1.00 84.02 ? 156  LYS A O   1 
ATOM   1207 C CB  . LYS A 1 156 ? -22.151 16.707  -9.332  1.00 83.48 ? 156  LYS A CB  1 
ATOM   1208 C CG  . LYS A 1 156 ? -21.952 16.324  -10.834 1.00 82.58 ? 156  LYS A CG  1 
ATOM   1209 C CD  . LYS A 1 156 ? -20.468 16.289  -11.282 1.00 82.22 ? 156  LYS A CD  1 
ATOM   1210 C CE  . LYS A 1 156 ? -19.981 17.642  -11.784 1.00 81.18 ? 156  LYS A CE  1 
ATOM   1211 N NZ  . LYS A 1 156 ? -18.835 17.532  -12.726 1.00 80.55 ? 156  LYS A NZ  1 
ATOM   1212 N N   . ASN A 1 157 ? -25.281 15.360  -10.062 1.00 83.78 ? 157  ASN A N   1 
ATOM   1213 C CA  . ASN A 1 157 ? -26.430 15.339  -10.958 1.00 83.62 ? 157  ASN A CA  1 
ATOM   1214 C C   . ASN A 1 157 ? -27.771 15.303  -10.229 1.00 83.71 ? 157  ASN A C   1 
ATOM   1215 O O   . ASN A 1 157 ? -28.824 15.174  -10.874 1.00 83.77 ? 157  ASN A O   1 
ATOM   1216 C CB  . ASN A 1 157 ? -26.311 14.230  -12.005 1.00 83.50 ? 157  ASN A CB  1 
ATOM   1217 C CG  . ASN A 1 157 ? -25.967 14.775  -13.388 1.00 83.15 ? 157  ASN A CG  1 
ATOM   1218 O OD1 . ASN A 1 157 ? -26.776 15.456  -14.039 1.00 81.08 ? 157  ASN A OD1 1 
ATOM   1219 N ND2 . ASN A 1 157 ? -24.761 14.482  -13.840 1.00 83.07 ? 157  ASN A ND2 1 
ATOM   1220 N N   . ASN A 1 158 ? -27.739 15.464  -8.902  1.00 83.52 ? 158  ASN A N   1 
ATOM   1221 C CA  . ASN A 1 158 ? -28.962 15.750  -8.167  1.00 83.50 ? 158  ASN A CA  1 
ATOM   1222 C C   . ASN A 1 158 ? -28.912 17.043  -7.363  1.00 83.28 ? 158  ASN A C   1 
ATOM   1223 O O   . ASN A 1 158 ? -28.029 17.227  -6.544  1.00 83.02 ? 158  ASN A O   1 
ATOM   1224 C CB  . ASN A 1 158 ? -29.341 14.568  -7.291  1.00 83.19 ? 158  ASN A CB  1 
ATOM   1225 C CG  . ASN A 1 158 ? -30.817 14.231  -7.409  1.00 83.58 ? 158  ASN A CG  1 
ATOM   1226 O OD1 . ASN A 1 158 ? -31.482 14.019  -6.414  1.00 83.86 ? 158  ASN A OD1 1 
ATOM   1227 N ND2 . ASN A 1 158 ? -31.339 14.210  -8.638  1.00 82.61 ? 158  ASN A ND2 1 
HETATM 1228 C C1  . CIT B 2 .   ? 8.330   -6.739  7.167   1.00 45.02 ? 1159 CIT A C1  1 
HETATM 1229 O O1  . CIT B 2 .   ? 8.190   -7.952  7.377   1.00 46.57 ? 1159 CIT A O1  1 
HETATM 1230 O O2  . CIT B 2 .   ? 9.517   -6.217  7.198   1.00 45.01 ? 1159 CIT A O2  1 
HETATM 1231 C C2  . CIT B 2 .   ? 7.111   -5.885  6.937   1.00 40.11 ? 1159 CIT A C2  1 
HETATM 1232 C C3  . CIT B 2 .   ? 5.715   -6.432  7.164   1.00 38.16 ? 1159 CIT A C3  1 
HETATM 1233 O O7  . CIT B 2 .   ? 4.851   -5.278  6.810   1.00 39.00 ? 1159 CIT A O7  1 
HETATM 1234 C C4  . CIT B 2 .   ? 5.423   -6.949  8.609   1.00 37.08 ? 1159 CIT A C4  1 
HETATM 1235 C C5  . CIT B 2 .   ? 5.552   -5.913  9.717   1.00 36.01 ? 1159 CIT A C5  1 
HETATM 1236 O O3  . CIT B 2 .   ? 6.678   -5.567  10.171  1.00 35.79 ? 1159 CIT A O3  1 
HETATM 1237 O O4  . CIT B 2 .   ? 4.516   -5.321  10.106  1.00 29.47 ? 1159 CIT A O4  1 
HETATM 1238 C C6  . CIT B 2 .   ? 5.395   -7.542  6.152   1.00 41.05 ? 1159 CIT A C6  1 
HETATM 1239 O O5  . CIT B 2 .   ? 5.070   -8.723  6.543   1.00 37.94 ? 1159 CIT A O5  1 
HETATM 1240 O O6  . CIT B 2 .   ? 5.414   -7.236  4.930   1.00 38.61 ? 1159 CIT A O6  1 
HETATM 1241 O O   . HOH C 3 .   ? 9.861   -3.420  7.690   1.00 34.62 ? 2001 HOH A O   1 
HETATM 1242 O O   . HOH C 3 .   ? 11.910  -3.662  8.897   1.00 43.83 ? 2002 HOH A O   1 
HETATM 1243 O O   . HOH C 3 .   ? 14.560  -7.093  -2.547  1.00 58.04 ? 2003 HOH A O   1 
HETATM 1244 O O   . HOH C 3 .   ? 17.267  -8.938  -2.345  1.00 66.11 ? 2004 HOH A O   1 
HETATM 1245 O O   . HOH C 3 .   ? 18.974  -13.678 6.936   1.00 59.40 ? 2005 HOH A O   1 
HETATM 1246 O O   . HOH C 3 .   ? 15.935  -11.411 7.992   1.00 55.76 ? 2006 HOH A O   1 
HETATM 1247 O O   . HOH C 3 .   ? 15.360  -8.794  -8.274  1.00 55.19 ? 2007 HOH A O   1 
HETATM 1248 O O   . HOH C 3 .   ? 8.515   -11.096 -10.916 1.00 70.99 ? 2008 HOH A O   1 
HETATM 1249 O O   . HOH C 3 .   ? 7.878   3.704   19.683  0.33 31.96 ? 2009 HOH A O   1 
HETATM 1250 O O   . HOH C 3 .   ? 9.089   4.809   17.787  0.33 23.21 ? 2010 HOH A O   1 
HETATM 1251 O O   . HOH C 3 .   ? 13.941  -8.141  -10.912 1.00 62.10 ? 2011 HOH A O   1 
HETATM 1252 O O   . HOH C 3 .   ? 3.976   -4.074  21.695  1.00 54.05 ? 2012 HOH A O   1 
HETATM 1253 O O   . HOH C 3 .   ? 11.287  2.018   -5.399  1.00 69.74 ? 2013 HOH A O   1 
HETATM 1254 O O   . HOH C 3 .   ? 14.983  1.635   -2.953  1.00 56.29 ? 2014 HOH A O   1 
HETATM 1255 O O   . HOH C 3 .   ? 12.830  6.826   10.356  1.00 44.86 ? 2015 HOH A O   1 
HETATM 1256 O O   . HOH C 3 .   ? 8.888   8.211   15.720  1.00 51.16 ? 2016 HOH A O   1 
HETATM 1257 O O   . HOH C 3 .   ? 12.412  8.139   12.488  0.33 33.77 ? 2017 HOH A O   1 
HETATM 1258 O O   . HOH C 3 .   ? 12.761  10.020  9.344   1.00 50.04 ? 2018 HOH A O   1 
HETATM 1259 O O   . HOH C 3 .   ? 9.714   11.318  -0.078  1.00 56.46 ? 2019 HOH A O   1 
HETATM 1260 O O   . HOH C 3 .   ? 5.496   17.393  1.807   1.00 52.92 ? 2020 HOH A O   1 
HETATM 1261 O O   . HOH C 3 .   ? -9.383  9.520   -5.116  1.00 43.46 ? 2021 HOH A O   1 
HETATM 1262 O O   . HOH C 3 .   ? 7.455   5.526   16.047  1.00 56.35 ? 2022 HOH A O   1 
HETATM 1263 O O   . HOH C 3 .   ? 5.072   3.958   19.225  1.00 36.23 ? 2023 HOH A O   1 
HETATM 1264 O O   . HOH C 3 .   ? 5.246   8.780   15.020  1.00 42.50 ? 2024 HOH A O   1 
HETATM 1265 O O   . HOH C 3 .   ? -3.024  8.764   14.439  1.00 45.78 ? 2025 HOH A O   1 
HETATM 1266 O O   . HOH C 3 .   ? 0.182   -10.122 1.419   1.00 39.65 ? 2026 HOH A O   1 
HETATM 1267 O O   . HOH C 3 .   ? 3.635   -14.842 9.503   1.00 66.51 ? 2027 HOH A O   1 
HETATM 1268 O O   . HOH C 3 .   ? 2.437   -10.753 15.558  1.00 59.25 ? 2028 HOH A O   1 
HETATM 1269 O O   . HOH C 3 .   ? 1.019   -14.307 17.051  1.00 60.74 ? 2029 HOH A O   1 
HETATM 1270 O O   . HOH C 3 .   ? 9.950   -12.430 12.671  1.00 44.65 ? 2030 HOH A O   1 
HETATM 1271 O O   . HOH C 3 .   ? 6.945   -9.403  21.069  1.00 53.45 ? 2031 HOH A O   1 
HETATM 1272 O O   . HOH C 3 .   ? 1.896   -5.043  19.529  1.00 58.37 ? 2032 HOH A O   1 
HETATM 1273 O O   . HOH C 3 .   ? 5.139   -2.607  19.016  1.00 36.99 ? 2033 HOH A O   1 
HETATM 1274 O O   . HOH C 3 .   ? 4.971   -6.082  22.672  1.00 56.85 ? 2034 HOH A O   1 
HETATM 1275 O O   . HOH C 3 .   ? -2.935  -4.762  18.468  1.00 31.45 ? 2035 HOH A O   1 
HETATM 1276 O O   . HOH C 3 .   ? 2.809   4.346   20.584  1.00 40.69 ? 2036 HOH A O   1 
HETATM 1277 O O   . HOH C 3 .   ? -4.112  4.428   14.387  1.00 43.99 ? 2037 HOH A O   1 
HETATM 1278 O O   . HOH C 3 .   ? -1.031  2.264   21.630  1.00 51.02 ? 2038 HOH A O   1 
HETATM 1279 O O   . HOH C 3 .   ? -8.516  7.306   8.526   1.00 57.97 ? 2039 HOH A O   1 
HETATM 1280 O O   . HOH C 3 .   ? -8.465  5.181   3.486   1.00 44.98 ? 2040 HOH A O   1 
# 
